data_2EW7
# 
_entry.id   2EW7 
# 
_audit_conform.dict_name       mmcif_pdbx.dic 
_audit_conform.dict_version    5.380 
_audit_conform.dict_location   http://mmcif.pdb.org/dictionaries/ascii/mmcif_pdbx.dic 
# 
loop_
_database_2.database_id 
_database_2.database_code 
_database_2.pdbx_database_accession 
_database_2.pdbx_DOI 
PDB   2EW7         pdb_00002ew7 10.2210/pdb2ew7/pdb 
RCSB  RCSB035167   ?            ?                   
WWPDB D_1000035167 ?            ?                   
# 
loop_
_pdbx_database_related.db_name 
_pdbx_database_related.db_id 
_pdbx_database_related.details 
_pdbx_database_related.content_type 
PDB 2EW5 'Helicobacter Pylori peptide deformylase in complex with inhibitor' unspecified 
PDB 2EW6 'Helicobacter Pylori peptide deformylase in complex with inhibitor' unspecified 
# 
_pdbx_database_status.status_code                     REL 
_pdbx_database_status.entry_id                        2EW7 
_pdbx_database_status.recvd_initial_deposition_date   2005-11-02 
_pdbx_database_status.deposit_site                    RCSB 
_pdbx_database_status.process_site                    PDBJ 
_pdbx_database_status.status_code_sf                  REL 
_pdbx_database_status.status_code_mr                  ? 
_pdbx_database_status.SG_entry                        ? 
_pdbx_database_status.pdb_format_compatible           Y 
_pdbx_database_status.status_code_cs                  ? 
_pdbx_database_status.methods_development_category    ? 
_pdbx_database_status.status_code_nmr_data            ? 
# 
_audit_author.name           'Cai, J.' 
_audit_author.pdbx_ordinal   1 
# 
_citation.id                        primary 
_citation.title                     
;Peptide deformylase is a potential target for anti-Helicobacter pylori drugs: reverse docking, enzymatic assay, and X-ray crystallography validation
;
_citation.journal_abbrev            'Protein Sci.' 
_citation.journal_volume            15 
_citation.page_first                2071 
_citation.page_last                 2081 
_citation.year                      2006 
_citation.journal_id_ASTM           PRCIEI 
_citation.country                   US 
_citation.journal_id_ISSN           0961-8368 
_citation.journal_id_CSD            0795 
_citation.book_publisher            ? 
_citation.pdbx_database_id_PubMed   16882991 
_citation.pdbx_database_id_DOI      10.1110/ps.062238406 
# 
loop_
_citation_author.citation_id 
_citation_author.name 
_citation_author.ordinal 
_citation_author.identifier_ORCID 
primary 'Cai, J.'   1  ? 
primary 'Han, C.'   2  ? 
primary 'Hu, T.'    3  ? 
primary 'Zhang, J.' 4  ? 
primary 'Wu, D.'    5  ? 
primary 'Wang, F.'  6  ? 
primary 'Liu, Y.'   7  ? 
primary 'Ding, J.'  8  ? 
primary 'Chen, K.'  9  ? 
primary 'Yue, J.'   10 ? 
primary 'Shen, X.'  11 ? 
primary 'Jiang, H.' 12 ? 
# 
_cell.entry_id           2EW7 
_cell.length_a           42.254 
_cell.length_b           53.046 
_cell.length_c           91.156 
_cell.angle_alpha        90.00 
_cell.angle_beta         90.00 
_cell.angle_gamma        90.00 
_cell.Z_PDB              4 
_cell.pdbx_unique_axis   ? 
_cell.length_a_esd       ? 
_cell.length_b_esd       ? 
_cell.length_c_esd       ? 
_cell.angle_alpha_esd    ? 
_cell.angle_beta_esd     ? 
_cell.angle_gamma_esd    ? 
# 
_symmetry.entry_id                         2EW7 
_symmetry.space_group_name_H-M             'P 21 21 21' 
_symmetry.pdbx_full_space_group_name_H-M   ? 
_symmetry.cell_setting                     ? 
_symmetry.Int_Tables_number                19 
_symmetry.space_group_name_Hall            ? 
# 
loop_
_entity.id 
_entity.type 
_entity.src_method 
_entity.pdbx_description 
_entity.formula_weight 
_entity.pdbx_number_of_molecules 
_entity.pdbx_ec 
_entity.pdbx_mutation 
_entity.pdbx_fragment 
_entity.details 
1 polymer     man 'peptide deformylase' 21008.465 1   3.5.1.88 ? ? ? 
2 non-polymer syn 'COBALT (II) ION'     58.933    1   ?        ? ? ? 
3 water       nat water                 18.015    129 ?        ? ? ? 
# 
_entity_poly.entity_id                      1 
_entity_poly.type                           'polypeptide(L)' 
_entity_poly.nstd_linkage                   no 
_entity_poly.nstd_monomer                   no 
_entity_poly.pdbx_seq_one_letter_code       
;ALLEIIHYPSKILRTISKEVVSFDAKLHQQLDDMYETMIASEGIGLAAIQVGLPLRMLIINLPQEDGVQHKEDCLEIINP
KFIETGGSMMYKEGCLSVPGFYEEVERFEKVKIEYQNRFAEVKVLEASELLAVAIQHEIDHLNGVLFVDKLSILKRKKFE
KELKELQKKQKHKLEHHHHHH
;
_entity_poly.pdbx_seq_one_letter_code_can   
;ALLEIIHYPSKILRTISKEVVSFDAKLHQQLDDMYETMIASEGIGLAAIQVGLPLRMLIINLPQEDGVQHKEDCLEIINP
KFIETGGSMMYKEGCLSVPGFYEEVERFEKVKIEYQNRFAEVKVLEASELLAVAIQHEIDHLNGVLFVDKLSILKRKKFE
KELKELQKKQKHKLEHHHHHH
;
_entity_poly.pdbx_strand_id                 A 
_entity_poly.pdbx_target_identifier         ? 
# 
loop_
_entity_poly_seq.entity_id 
_entity_poly_seq.num 
_entity_poly_seq.mon_id 
_entity_poly_seq.hetero 
1 1   ALA n 
1 2   LEU n 
1 3   LEU n 
1 4   GLU n 
1 5   ILE n 
1 6   ILE n 
1 7   HIS n 
1 8   TYR n 
1 9   PRO n 
1 10  SER n 
1 11  LYS n 
1 12  ILE n 
1 13  LEU n 
1 14  ARG n 
1 15  THR n 
1 16  ILE n 
1 17  SER n 
1 18  LYS n 
1 19  GLU n 
1 20  VAL n 
1 21  VAL n 
1 22  SER n 
1 23  PHE n 
1 24  ASP n 
1 25  ALA n 
1 26  LYS n 
1 27  LEU n 
1 28  HIS n 
1 29  GLN n 
1 30  GLN n 
1 31  LEU n 
1 32  ASP n 
1 33  ASP n 
1 34  MET n 
1 35  TYR n 
1 36  GLU n 
1 37  THR n 
1 38  MET n 
1 39  ILE n 
1 40  ALA n 
1 41  SER n 
1 42  GLU n 
1 43  GLY n 
1 44  ILE n 
1 45  GLY n 
1 46  LEU n 
1 47  ALA n 
1 48  ALA n 
1 49  ILE n 
1 50  GLN n 
1 51  VAL n 
1 52  GLY n 
1 53  LEU n 
1 54  PRO n 
1 55  LEU n 
1 56  ARG n 
1 57  MET n 
1 58  LEU n 
1 59  ILE n 
1 60  ILE n 
1 61  ASN n 
1 62  LEU n 
1 63  PRO n 
1 64  GLN n 
1 65  GLU n 
1 66  ASP n 
1 67  GLY n 
1 68  VAL n 
1 69  GLN n 
1 70  HIS n 
1 71  LYS n 
1 72  GLU n 
1 73  ASP n 
1 74  CYS n 
1 75  LEU n 
1 76  GLU n 
1 77  ILE n 
1 78  ILE n 
1 79  ASN n 
1 80  PRO n 
1 81  LYS n 
1 82  PHE n 
1 83  ILE n 
1 84  GLU n 
1 85  THR n 
1 86  GLY n 
1 87  GLY n 
1 88  SER n 
1 89  MET n 
1 90  MET n 
1 91  TYR n 
1 92  LYS n 
1 93  GLU n 
1 94  GLY n 
1 95  CYS n 
1 96  LEU n 
1 97  SER n 
1 98  VAL n 
1 99  PRO n 
1 100 GLY n 
1 101 PHE n 
1 102 TYR n 
1 103 GLU n 
1 104 GLU n 
1 105 VAL n 
1 106 GLU n 
1 107 ARG n 
1 108 PHE n 
1 109 GLU n 
1 110 LYS n 
1 111 VAL n 
1 112 LYS n 
1 113 ILE n 
1 114 GLU n 
1 115 TYR n 
1 116 GLN n 
1 117 ASN n 
1 118 ARG n 
1 119 PHE n 
1 120 ALA n 
1 121 GLU n 
1 122 VAL n 
1 123 LYS n 
1 124 VAL n 
1 125 LEU n 
1 126 GLU n 
1 127 ALA n 
1 128 SER n 
1 129 GLU n 
1 130 LEU n 
1 131 LEU n 
1 132 ALA n 
1 133 VAL n 
1 134 ALA n 
1 135 ILE n 
1 136 GLN n 
1 137 HIS n 
1 138 GLU n 
1 139 ILE n 
1 140 ASP n 
1 141 HIS n 
1 142 LEU n 
1 143 ASN n 
1 144 GLY n 
1 145 VAL n 
1 146 LEU n 
1 147 PHE n 
1 148 VAL n 
1 149 ASP n 
1 150 LYS n 
1 151 LEU n 
1 152 SER n 
1 153 ILE n 
1 154 LEU n 
1 155 LYS n 
1 156 ARG n 
1 157 LYS n 
1 158 LYS n 
1 159 PHE n 
1 160 GLU n 
1 161 LYS n 
1 162 GLU n 
1 163 LEU n 
1 164 LYS n 
1 165 GLU n 
1 166 LEU n 
1 167 GLN n 
1 168 LYS n 
1 169 LYS n 
1 170 GLN n 
1 171 LYS n 
1 172 HIS n 
1 173 LYS n 
1 174 LEU n 
1 175 GLU n 
1 176 HIS n 
1 177 HIS n 
1 178 HIS n 
1 179 HIS n 
1 180 HIS n 
1 181 HIS n 
# 
_entity_src_gen.entity_id                          1 
_entity_src_gen.pdbx_src_id                        1 
_entity_src_gen.pdbx_alt_source_flag               sample 
_entity_src_gen.pdbx_seq_type                      ? 
_entity_src_gen.pdbx_beg_seq_num                   ? 
_entity_src_gen.pdbx_end_seq_num                   ? 
_entity_src_gen.gene_src_common_name               ? 
_entity_src_gen.gene_src_genus                     Helicobacter 
_entity_src_gen.pdbx_gene_src_gene                 ? 
_entity_src_gen.gene_src_species                   ? 
_entity_src_gen.gene_src_strain                    ? 
_entity_src_gen.gene_src_tissue                    ? 
_entity_src_gen.gene_src_tissue_fraction           ? 
_entity_src_gen.gene_src_details                   ? 
_entity_src_gen.pdbx_gene_src_fragment             ? 
_entity_src_gen.pdbx_gene_src_scientific_name      'Helicobacter pylori' 
_entity_src_gen.pdbx_gene_src_ncbi_taxonomy_id     210 
_entity_src_gen.pdbx_gene_src_variant              ? 
_entity_src_gen.pdbx_gene_src_cell_line            ? 
_entity_src_gen.pdbx_gene_src_atcc                 ? 
_entity_src_gen.pdbx_gene_src_organ                ? 
_entity_src_gen.pdbx_gene_src_organelle            ? 
_entity_src_gen.pdbx_gene_src_cell                 ? 
_entity_src_gen.pdbx_gene_src_cellular_location    ? 
_entity_src_gen.host_org_common_name               ? 
_entity_src_gen.pdbx_host_org_scientific_name      'Escherichia coli BL21(DE3)' 
_entity_src_gen.pdbx_host_org_ncbi_taxonomy_id     469008 
_entity_src_gen.host_org_genus                     Escherichia 
_entity_src_gen.pdbx_host_org_gene                 ? 
_entity_src_gen.pdbx_host_org_organ                ? 
_entity_src_gen.host_org_species                   'Escherichia coli' 
_entity_src_gen.pdbx_host_org_tissue               ? 
_entity_src_gen.pdbx_host_org_tissue_fraction      ? 
_entity_src_gen.pdbx_host_org_strain               'BL21(DE3)' 
_entity_src_gen.pdbx_host_org_variant              ? 
_entity_src_gen.pdbx_host_org_cell_line            ? 
_entity_src_gen.pdbx_host_org_atcc                 ? 
_entity_src_gen.pdbx_host_org_culture_collection   ? 
_entity_src_gen.pdbx_host_org_cell                 ? 
_entity_src_gen.pdbx_host_org_organelle            ? 
_entity_src_gen.pdbx_host_org_cellular_location    ? 
_entity_src_gen.pdbx_host_org_vector_type          PLASMID 
_entity_src_gen.pdbx_host_org_vector               ? 
_entity_src_gen.host_org_details                   ? 
_entity_src_gen.expression_system_id               ? 
_entity_src_gen.plasmid_name                       'PET22B(+)' 
_entity_src_gen.plasmid_details                    ? 
_entity_src_gen.pdbx_description                   ? 
# 
_struct_ref.id                         1 
_struct_ref.db_name                    UNP 
_struct_ref.db_code                    Q2L8P7_HELPY 
_struct_ref.pdbx_db_accession          Q2L8P7 
_struct_ref.entity_id                  1 
_struct_ref.pdbx_align_begin           2 
_struct_ref.pdbx_db_isoform            ? 
_struct_ref.pdbx_seq_one_letter_code   ? 
# 
_struct_ref_seq.align_id                      1 
_struct_ref_seq.ref_id                        1 
_struct_ref_seq.pdbx_PDB_id_code              2EW7 
_struct_ref_seq.pdbx_strand_id                A 
_struct_ref_seq.seq_align_beg                 1 
_struct_ref_seq.pdbx_seq_align_beg_ins_code   ? 
_struct_ref_seq.seq_align_end                 173 
_struct_ref_seq.pdbx_seq_align_end_ins_code   ? 
_struct_ref_seq.pdbx_db_accession             Q2L8P7 
_struct_ref_seq.db_align_beg                  2 
_struct_ref_seq.pdbx_db_align_beg_ins_code    ? 
_struct_ref_seq.db_align_end                  173 
_struct_ref_seq.pdbx_db_align_end_ins_code    ? 
_struct_ref_seq.pdbx_auth_seq_align_beg       2 
_struct_ref_seq.pdbx_auth_seq_align_end       174 
# 
loop_
_struct_ref_seq_dif.align_id 
_struct_ref_seq_dif.pdbx_pdb_id_code 
_struct_ref_seq_dif.mon_id 
_struct_ref_seq_dif.pdbx_pdb_strand_id 
_struct_ref_seq_dif.seq_num 
_struct_ref_seq_dif.pdbx_pdb_ins_code 
_struct_ref_seq_dif.pdbx_seq_db_name 
_struct_ref_seq_dif.pdbx_seq_db_accession_code 
_struct_ref_seq_dif.db_mon_id 
_struct_ref_seq_dif.pdbx_seq_db_seq_num 
_struct_ref_seq_dif.details 
_struct_ref_seq_dif.pdbx_auth_seq_num 
_struct_ref_seq_dif.pdbx_ordinal 
1 2EW7 LEU A 174 ? UNP Q2L8P7 ? ? 'expression tag' 175 1 
1 2EW7 GLU A 175 ? UNP Q2L8P7 ? ? 'expression tag' 176 2 
1 2EW7 HIS A 176 ? UNP Q2L8P7 ? ? 'expression tag' 177 3 
1 2EW7 HIS A 177 ? UNP Q2L8P7 ? ? 'expression tag' 178 4 
1 2EW7 HIS A 178 ? UNP Q2L8P7 ? ? 'expression tag' 179 5 
1 2EW7 HIS A 179 ? UNP Q2L8P7 ? ? 'expression tag' 180 6 
1 2EW7 HIS A 180 ? UNP Q2L8P7 ? ? 'expression tag' 181 7 
1 2EW7 HIS A 181 ? UNP Q2L8P7 ? ? 'expression tag' 182 8 
# 
loop_
_chem_comp.id 
_chem_comp.type 
_chem_comp.mon_nstd_flag 
_chem_comp.name 
_chem_comp.pdbx_synonyms 
_chem_comp.formula 
_chem_comp.formula_weight 
ALA 'L-peptide linking' y ALANINE           ? 'C3 H7 N O2'     89.093  
ARG 'L-peptide linking' y ARGININE          ? 'C6 H15 N4 O2 1' 175.209 
ASN 'L-peptide linking' y ASPARAGINE        ? 'C4 H8 N2 O3'    132.118 
ASP 'L-peptide linking' y 'ASPARTIC ACID'   ? 'C4 H7 N O4'     133.103 
CO  non-polymer         . 'COBALT (II) ION' ? 'Co 2'           58.933  
CYS 'L-peptide linking' y CYSTEINE          ? 'C3 H7 N O2 S'   121.158 
GLN 'L-peptide linking' y GLUTAMINE         ? 'C5 H10 N2 O3'   146.144 
GLU 'L-peptide linking' y 'GLUTAMIC ACID'   ? 'C5 H9 N O4'     147.129 
GLY 'peptide linking'   y GLYCINE           ? 'C2 H5 N O2'     75.067  
HIS 'L-peptide linking' y HISTIDINE         ? 'C6 H10 N3 O2 1' 156.162 
HOH non-polymer         . WATER             ? 'H2 O'           18.015  
ILE 'L-peptide linking' y ISOLEUCINE        ? 'C6 H13 N O2'    131.173 
LEU 'L-peptide linking' y LEUCINE           ? 'C6 H13 N O2'    131.173 
LYS 'L-peptide linking' y LYSINE            ? 'C6 H15 N2 O2 1' 147.195 
MET 'L-peptide linking' y METHIONINE        ? 'C5 H11 N O2 S'  149.211 
PHE 'L-peptide linking' y PHENYLALANINE     ? 'C9 H11 N O2'    165.189 
PRO 'L-peptide linking' y PROLINE           ? 'C5 H9 N O2'     115.130 
SER 'L-peptide linking' y SERINE            ? 'C3 H7 N O3'     105.093 
THR 'L-peptide linking' y THREONINE         ? 'C4 H9 N O3'     119.119 
TYR 'L-peptide linking' y TYROSINE          ? 'C9 H11 N O3'    181.189 
VAL 'L-peptide linking' y VALINE            ? 'C5 H11 N O2'    117.146 
# 
_exptl.entry_id          2EW7 
_exptl.method            'X-RAY DIFFRACTION' 
_exptl.crystals_number   1 
# 
_exptl_crystal.id                    1 
_exptl_crystal.density_meas          ? 
_exptl_crystal.density_Matthews      2.43 
_exptl_crystal.density_percent_sol   49.40 
_exptl_crystal.description           ? 
_exptl_crystal.F_000                 ? 
_exptl_crystal.preparation           ? 
# 
_exptl_crystal_grow.crystal_id      1 
_exptl_crystal_grow.method          'VAPOR DIFFUSION, HANGING DROP' 
_exptl_crystal_grow.temp            277 
_exptl_crystal_grow.temp_details    ? 
_exptl_crystal_grow.pH              7.8 
_exptl_crystal_grow.pdbx_details    '60-70% MPD in 0.1M pH7.8 Hepes, VAPOR DIFFUSION, HANGING DROP, temperature 277K' 
_exptl_crystal_grow.pdbx_pH_range   . 
# 
_diffrn.id                     1 
_diffrn.ambient_temp           100 
_diffrn.ambient_temp_details   ? 
_diffrn.crystal_id             1 
# 
_diffrn_detector.diffrn_id              1 
_diffrn_detector.detector               'IMAGE PLATE' 
_diffrn_detector.type                   'RIGAKU RAXIS IV' 
_diffrn_detector.pdbx_collection_date   2004-04-01 
_diffrn_detector.details                'OSMIC MIRRORS' 
# 
_diffrn_radiation.diffrn_id                        1 
_diffrn_radiation.wavelength_id                    1 
_diffrn_radiation.pdbx_monochromatic_or_laue_m_l   M 
_diffrn_radiation.monochromator                    OSCILLATION 
_diffrn_radiation.pdbx_diffrn_protocol             'SINGLE WAVELENGTH' 
_diffrn_radiation.pdbx_scattering_type             x-ray 
# 
_diffrn_radiation_wavelength.id           1 
_diffrn_radiation_wavelength.wavelength   1.5418 
_diffrn_radiation_wavelength.wt           1.0 
# 
_diffrn_source.diffrn_id                   1 
_diffrn_source.source                      'ROTATING ANODE' 
_diffrn_source.type                        RIGAKU 
_diffrn_source.pdbx_synchrotron_site       ? 
_diffrn_source.pdbx_synchrotron_beamline   ? 
_diffrn_source.pdbx_wavelength             ? 
_diffrn_source.pdbx_wavelength_list        1.5418 
# 
_reflns.entry_id                     2EW7 
_reflns.observed_criterion_sigma_I   1.0 
_reflns.observed_criterion_sigma_F   1.0 
_reflns.d_resolution_low             12 
_reflns.d_resolution_high            2.2 
_reflns.number_obs                   10685 
_reflns.number_all                   10685 
_reflns.percent_possible_obs         98.7 
_reflns.pdbx_Rmerge_I_obs            0.098 
_reflns.pdbx_Rsym_value              ? 
_reflns.pdbx_netI_over_sigmaI        6.6 
_reflns.B_iso_Wilson_estimate        20.5 
_reflns.pdbx_redundancy              3.8 
_reflns.R_free_details               ? 
_reflns.limit_h_max                  ? 
_reflns.limit_h_min                  ? 
_reflns.limit_k_max                  ? 
_reflns.limit_k_min                  ? 
_reflns.limit_l_max                  ? 
_reflns.limit_l_min                  ? 
_reflns.observed_criterion_F_max     ? 
_reflns.observed_criterion_F_min     ? 
_reflns.pdbx_chi_squared             ? 
_reflns.pdbx_scaling_rejects         ? 
_reflns.pdbx_diffrn_id               1 
_reflns.pdbx_ordinal                 1 
# 
_reflns_shell.d_res_high             2.20 
_reflns_shell.d_res_low              2.28 
_reflns_shell.percent_possible_all   96 
_reflns_shell.Rmerge_I_obs           0.287 
_reflns_shell.pdbx_Rsym_value        ? 
_reflns_shell.meanI_over_sigI_obs    2.2 
_reflns_shell.pdbx_redundancy        3.7 
_reflns_shell.percent_possible_obs   ? 
_reflns_shell.number_unique_all      1007 
_reflns_shell.number_measured_all    ? 
_reflns_shell.number_measured_obs    ? 
_reflns_shell.number_unique_obs      ? 
_reflns_shell.pdbx_chi_squared       ? 
_reflns_shell.pdbx_diffrn_id         ? 
_reflns_shell.pdbx_ordinal           1 
# 
_refine.entry_id                                 2EW7 
_refine.ls_number_reflns_obs                     10658 
_refine.ls_number_reflns_all                     10658 
_refine.pdbx_ls_sigma_I                          ? 
_refine.pdbx_ls_sigma_F                          0.0 
_refine.pdbx_data_cutoff_high_absF               1014648.12 
_refine.pdbx_data_cutoff_low_absF                0.000000 
_refine.pdbx_data_cutoff_high_rms_absF           ? 
_refine.ls_d_res_low                             11.69 
_refine.ls_d_res_high                            2.20 
_refine.ls_percent_reflns_obs                    98.3 
_refine.ls_R_factor_obs                          0.209 
_refine.ls_R_factor_all                          0.217 
_refine.ls_R_factor_R_work                       0.209 
_refine.ls_R_factor_R_free                       0.242 
_refine.ls_R_factor_R_free_error                 0.010 
_refine.ls_R_factor_R_free_error_details         ? 
_refine.ls_percent_reflns_R_free                 5.0 
_refine.ls_number_reflns_R_free                  538 
_refine.ls_number_parameters                     ? 
_refine.ls_number_restraints                     ? 
_refine.occupancy_min                            ? 
_refine.occupancy_max                            ? 
_refine.correlation_coeff_Fo_to_Fc               ? 
_refine.correlation_coeff_Fo_to_Fc_free          ? 
_refine.B_iso_mean                               26.9 
_refine.aniso_B[1][1]                            -5.86 
_refine.aniso_B[2][2]                            2.38 
_refine.aniso_B[3][3]                            3.49 
_refine.aniso_B[1][2]                            0.00 
_refine.aniso_B[1][3]                            0.00 
_refine.aniso_B[2][3]                            0.00 
_refine.solvent_model_details                    'FLAT MODEL' 
_refine.solvent_model_param_ksol                 0.446722 
_refine.solvent_model_param_bsol                 61.3612 
_refine.pdbx_solvent_vdw_probe_radii             ? 
_refine.pdbx_solvent_ion_probe_radii             ? 
_refine.pdbx_solvent_shrinkage_radii             ? 
_refine.pdbx_ls_cross_valid_method               THROUGHOUT 
_refine.details                                  ? 
_refine.pdbx_starting_model                      1IX1 
_refine.pdbx_method_to_determine_struct          'MOLECULAR REPLACEMENT' 
_refine.pdbx_isotropic_thermal_model             RESTRAINED 
_refine.pdbx_stereochemistry_target_values       'Engh & Huber' 
_refine.pdbx_stereochem_target_val_spec_case     ? 
_refine.pdbx_R_Free_selection_details            RANDOM 
_refine.pdbx_overall_ESU_R                       ? 
_refine.pdbx_overall_ESU_R_Free                  ? 
_refine.overall_SU_ML                            ? 
_refine.overall_SU_B                             ? 
_refine.ls_redundancy_reflns_obs                 ? 
_refine.B_iso_min                                ? 
_refine.B_iso_max                                ? 
_refine.overall_SU_R_Cruickshank_DPI             ? 
_refine.overall_SU_R_free                        ? 
_refine.ls_wR_factor_R_free                      ? 
_refine.ls_wR_factor_R_work                      ? 
_refine.overall_FOM_free_R_set                   ? 
_refine.overall_FOM_work_R_set                   ? 
_refine.pdbx_refine_id                           'X-RAY DIFFRACTION' 
_refine.pdbx_diffrn_id                           1 
_refine.pdbx_TLS_residual_ADP_flag               ? 
_refine.pdbx_overall_phase_error                 ? 
_refine.pdbx_overall_SU_R_free_Cruickshank_DPI   ? 
_refine.pdbx_overall_SU_R_Blow_DPI               ? 
_refine.pdbx_overall_SU_R_free_Blow_DPI          ? 
# 
_refine_analyze.entry_id                        2EW7 
_refine_analyze.Luzzati_coordinate_error_obs    0.24 
_refine_analyze.Luzzati_sigma_a_obs             0.20 
_refine_analyze.Luzzati_d_res_low_obs           5.00 
_refine_analyze.Luzzati_coordinate_error_free   0.31 
_refine_analyze.Luzzati_sigma_a_free            0.27 
_refine_analyze.Luzzati_d_res_low_free          ? 
_refine_analyze.number_disordered_residues      ? 
_refine_analyze.occupancy_sum_hydrogen          ? 
_refine_analyze.occupancy_sum_non_hydrogen      ? 
_refine_analyze.pdbx_Luzzati_d_res_high_obs     ? 
_refine_analyze.pdbx_refine_id                  'X-RAY DIFFRACTION' 
# 
_refine_hist.pdbx_refine_id                   'X-RAY DIFFRACTION' 
_refine_hist.cycle_id                         LAST 
_refine_hist.pdbx_number_atoms_protein        1308 
_refine_hist.pdbx_number_atoms_nucleic_acid   0 
_refine_hist.pdbx_number_atoms_ligand         1 
_refine_hist.number_atoms_solvent             129 
_refine_hist.number_atoms_total               1438 
_refine_hist.d_res_high                       2.20 
_refine_hist.d_res_low                        11.69 
# 
loop_
_refine_ls_restr.type 
_refine_ls_restr.dev_ideal 
_refine_ls_restr.dev_ideal_target 
_refine_ls_restr.weight 
_refine_ls_restr.number 
_refine_ls_restr.pdbx_refine_id 
_refine_ls_restr.pdbx_restraint_function 
c_bond_d           0.005 ?    ? ? 'X-RAY DIFFRACTION' ? 
c_angle_deg        1.2   ?    ? ? 'X-RAY DIFFRACTION' ? 
c_dihedral_angle_d 22.9  ?    ? ? 'X-RAY DIFFRACTION' ? 
c_improper_angle_d 0.77  ?    ? ? 'X-RAY DIFFRACTION' ? 
c_mcbond_it        1.40  1.50 ? ? 'X-RAY DIFFRACTION' ? 
c_mcangle_it       2.22  2.00 ? ? 'X-RAY DIFFRACTION' ? 
c_scbond_it        2.20  2.00 ? ? 'X-RAY DIFFRACTION' ? 
c_scangle_it       3.20  2.50 ? ? 'X-RAY DIFFRACTION' ? 
# 
_refine_ls_shell.pdbx_total_number_of_bins_used   6 
_refine_ls_shell.d_res_high                       2.20 
_refine_ls_shell.d_res_low                        2.34 
_refine_ls_shell.number_reflns_R_work             1644 
_refine_ls_shell.R_factor_R_work                  0.242 
_refine_ls_shell.percent_reflns_obs               97.1 
_refine_ls_shell.R_factor_R_free                  0.311 
_refine_ls_shell.R_factor_R_free_error            0.035 
_refine_ls_shell.percent_reflns_R_free            4.5 
_refine_ls_shell.number_reflns_R_free             77 
_refine_ls_shell.number_reflns_all                ? 
_refine_ls_shell.R_factor_all                     ? 
_refine_ls_shell.number_reflns_obs                ? 
_refine_ls_shell.redundancy_reflns_obs            ? 
_refine_ls_shell.pdbx_refine_id                   'X-RAY DIFFRACTION' 
# 
loop_
_pdbx_xplor_file.serial_no 
_pdbx_xplor_file.param_file 
_pdbx_xplor_file.topol_file 
_pdbx_xplor_file.pdbx_refine_id 
1 protein_rep.param protein.top 'X-RAY DIFFRACTION' 
2 water_rep.param   ?           'X-RAY DIFFRACTION' 
3 ion.param         ?           'X-RAY DIFFRACTION' 
# 
_struct.entry_id                  2EW7 
_struct.title                     'Crystal Structure of Helicobacter Pylori peptide deformylase' 
_struct.pdbx_model_details        ? 
_struct.pdbx_CASP_flag            ? 
_struct.pdbx_model_type_details   ? 
# 
_struct_keywords.entry_id        2EW7 
_struct_keywords.pdbx_keywords   HYDROLASE 
_struct_keywords.text            'Cobalt Hicobacter pylori peptide deformylase, HYDROLASE' 
# 
loop_
_struct_asym.id 
_struct_asym.pdbx_blank_PDB_chainid_flag 
_struct_asym.pdbx_modified 
_struct_asym.entity_id 
_struct_asym.details 
A N N 1 ? 
B N N 2 ? 
C N N 3 ? 
# 
_struct_biol.id                    1 
_struct_biol.details               ? 
_struct_biol.pdbx_parent_biol_id   ? 
# 
loop_
_struct_conf.conf_type_id 
_struct_conf.id 
_struct_conf.pdbx_PDB_helix_id 
_struct_conf.beg_label_comp_id 
_struct_conf.beg_label_asym_id 
_struct_conf.beg_label_seq_id 
_struct_conf.pdbx_beg_PDB_ins_code 
_struct_conf.end_label_comp_id 
_struct_conf.end_label_asym_id 
_struct_conf.end_label_seq_id 
_struct_conf.pdbx_end_PDB_ins_code 
_struct_conf.beg_auth_comp_id 
_struct_conf.beg_auth_asym_id 
_struct_conf.beg_auth_seq_id 
_struct_conf.end_auth_comp_id 
_struct_conf.end_auth_asym_id 
_struct_conf.end_auth_seq_id 
_struct_conf.pdbx_PDB_helix_class 
_struct_conf.details 
_struct_conf.pdbx_PDB_helix_length 
HELX_P HELX_P1 1 SER A 10  ? THR A 15  ? SER A 11  THR A 16  5 ? 6  
HELX_P HELX_P2 2 ASP A 24  ? SER A 41  ? ASP A 25  SER A 42  1 ? 18 
HELX_P HELX_P3 3 ILE A 49  ? GLY A 52  ? ILE A 50  GLY A 53  5 ? 4  
HELX_P HELX_P4 4 HIS A 70  ? CYS A 74  ? HIS A 71  CYS A 75  5 ? 5  
HELX_P HELX_P5 5 GLU A 129 ? ASN A 143 ? GLU A 130 ASN A 144 1 ? 15 
HELX_P HELX_P6 6 LEU A 146 ? LEU A 151 ? LEU A 147 LEU A 152 5 ? 6  
HELX_P HELX_P7 7 SER A 152 ? GLU A 162 ? SER A 153 GLU A 163 1 ? 11 
# 
_struct_conf_type.id          HELX_P 
_struct_conf_type.criteria    ? 
_struct_conf_type.reference   ? 
# 
loop_
_struct_conn.id 
_struct_conn.conn_type_id 
_struct_conn.pdbx_leaving_atom_flag 
_struct_conn.pdbx_PDB_id 
_struct_conn.ptnr1_label_asym_id 
_struct_conn.ptnr1_label_comp_id 
_struct_conn.ptnr1_label_seq_id 
_struct_conn.ptnr1_label_atom_id 
_struct_conn.pdbx_ptnr1_label_alt_id 
_struct_conn.pdbx_ptnr1_PDB_ins_code 
_struct_conn.pdbx_ptnr1_standard_comp_id 
_struct_conn.ptnr1_symmetry 
_struct_conn.ptnr2_label_asym_id 
_struct_conn.ptnr2_label_comp_id 
_struct_conn.ptnr2_label_seq_id 
_struct_conn.ptnr2_label_atom_id 
_struct_conn.pdbx_ptnr2_label_alt_id 
_struct_conn.pdbx_ptnr2_PDB_ins_code 
_struct_conn.ptnr1_auth_asym_id 
_struct_conn.ptnr1_auth_comp_id 
_struct_conn.ptnr1_auth_seq_id 
_struct_conn.ptnr2_auth_asym_id 
_struct_conn.ptnr2_auth_comp_id 
_struct_conn.ptnr2_auth_seq_id 
_struct_conn.ptnr2_symmetry 
_struct_conn.pdbx_ptnr3_label_atom_id 
_struct_conn.pdbx_ptnr3_label_seq_id 
_struct_conn.pdbx_ptnr3_label_comp_id 
_struct_conn.pdbx_ptnr3_label_asym_id 
_struct_conn.pdbx_ptnr3_label_alt_id 
_struct_conn.pdbx_ptnr3_PDB_ins_code 
_struct_conn.details 
_struct_conn.pdbx_dist_value 
_struct_conn.pdbx_value_order 
_struct_conn.pdbx_role 
metalc1 metalc ? ? A CYS 95  SG  ? ? ? 1_555 B CO  . CO ? ? A CYS 96  A CO  300 1_555 ? ? ? ? ? ? ? 2.370 ? ? 
metalc2 metalc ? ? A HIS 137 NE2 ? ? ? 1_555 B CO  . CO ? ? A HIS 138 A CO  300 1_555 ? ? ? ? ? ? ? 2.151 ? ? 
metalc3 metalc ? ? A HIS 141 NE2 ? ? ? 1_555 B CO  . CO ? ? A HIS 142 A CO  300 1_555 ? ? ? ? ? ? ? 2.148 ? ? 
metalc4 metalc ? ? B CO  .   CO  ? ? ? 1_555 C HOH . O  ? ? A CO  300 A HOH 368 1_555 ? ? ? ? ? ? ? 2.189 ? ? 
# 
_struct_conn_type.id          metalc 
_struct_conn_type.criteria    ? 
_struct_conn_type.reference   ? 
# 
_struct_mon_prot_cis.pdbx_id                1 
_struct_mon_prot_cis.label_comp_id          TYR 
_struct_mon_prot_cis.label_seq_id           8 
_struct_mon_prot_cis.label_asym_id          A 
_struct_mon_prot_cis.label_alt_id           . 
_struct_mon_prot_cis.pdbx_PDB_ins_code      ? 
_struct_mon_prot_cis.auth_comp_id           TYR 
_struct_mon_prot_cis.auth_seq_id            9 
_struct_mon_prot_cis.auth_asym_id           A 
_struct_mon_prot_cis.pdbx_label_comp_id_2   PRO 
_struct_mon_prot_cis.pdbx_label_seq_id_2    9 
_struct_mon_prot_cis.pdbx_label_asym_id_2   A 
_struct_mon_prot_cis.pdbx_PDB_ins_code_2    ? 
_struct_mon_prot_cis.pdbx_auth_comp_id_2    PRO 
_struct_mon_prot_cis.pdbx_auth_seq_id_2     10 
_struct_mon_prot_cis.pdbx_auth_asym_id_2    A 
_struct_mon_prot_cis.pdbx_PDB_model_num     1 
_struct_mon_prot_cis.pdbx_omega_angle       0.25 
# 
loop_
_struct_sheet.id 
_struct_sheet.type 
_struct_sheet.number_strands 
_struct_sheet.details 
A ? 5 ? 
B ? 2 ? 
# 
loop_
_struct_sheet_order.sheet_id 
_struct_sheet_order.range_id_1 
_struct_sheet_order.range_id_2 
_struct_sheet_order.offset 
_struct_sheet_order.sense 
A 1 2 ? anti-parallel 
A 2 3 ? anti-parallel 
A 3 4 ? anti-parallel 
A 4 5 ? anti-parallel 
B 1 2 ? anti-parallel 
# 
loop_
_struct_sheet_range.sheet_id 
_struct_sheet_range.id 
_struct_sheet_range.beg_label_comp_id 
_struct_sheet_range.beg_label_asym_id 
_struct_sheet_range.beg_label_seq_id 
_struct_sheet_range.pdbx_beg_PDB_ins_code 
_struct_sheet_range.end_label_comp_id 
_struct_sheet_range.end_label_asym_id 
_struct_sheet_range.end_label_seq_id 
_struct_sheet_range.pdbx_end_PDB_ins_code 
_struct_sheet_range.beg_auth_comp_id 
_struct_sheet_range.beg_auth_asym_id 
_struct_sheet_range.beg_auth_seq_id 
_struct_sheet_range.end_auth_comp_id 
_struct_sheet_range.end_auth_asym_id 
_struct_sheet_range.end_auth_seq_id 
A 1 GLY A 45  ? ALA A 47  ? GLY A 46  ALA A 48  
A 2 MET A 57  ? ILE A 60  ? MET A 58  ILE A 61  
A 3 LEU A 75  ? GLY A 86  ? LEU A 76  GLY A 87  
A 4 LYS A 110 ? GLN A 116 ? LYS A 111 GLN A 117 
A 5 VAL A 122 ? SER A 128 ? VAL A 123 SER A 129 
B 1 MET A 89  ? GLU A 93  ? MET A 90  GLU A 94  
B 2 GLU A 103 ? ARG A 107 ? GLU A 104 ARG A 108 
# 
loop_
_pdbx_struct_sheet_hbond.sheet_id 
_pdbx_struct_sheet_hbond.range_id_1 
_pdbx_struct_sheet_hbond.range_id_2 
_pdbx_struct_sheet_hbond.range_1_label_atom_id 
_pdbx_struct_sheet_hbond.range_1_label_comp_id 
_pdbx_struct_sheet_hbond.range_1_label_asym_id 
_pdbx_struct_sheet_hbond.range_1_label_seq_id 
_pdbx_struct_sheet_hbond.range_1_PDB_ins_code 
_pdbx_struct_sheet_hbond.range_1_auth_atom_id 
_pdbx_struct_sheet_hbond.range_1_auth_comp_id 
_pdbx_struct_sheet_hbond.range_1_auth_asym_id 
_pdbx_struct_sheet_hbond.range_1_auth_seq_id 
_pdbx_struct_sheet_hbond.range_2_label_atom_id 
_pdbx_struct_sheet_hbond.range_2_label_comp_id 
_pdbx_struct_sheet_hbond.range_2_label_asym_id 
_pdbx_struct_sheet_hbond.range_2_label_seq_id 
_pdbx_struct_sheet_hbond.range_2_PDB_ins_code 
_pdbx_struct_sheet_hbond.range_2_auth_atom_id 
_pdbx_struct_sheet_hbond.range_2_auth_comp_id 
_pdbx_struct_sheet_hbond.range_2_auth_asym_id 
_pdbx_struct_sheet_hbond.range_2_auth_seq_id 
A 1 2 N LEU A 46  ? N LEU A 47  O ILE A 59  ? O ILE A 60  
A 2 3 N ILE A 60  ? N ILE A 61  O LEU A 75  ? O LEU A 76  
A 3 4 N ILE A 83  ? N ILE A 84  O LYS A 112 ? O LYS A 113 
A 4 5 N TYR A 115 ? N TYR A 116 O LYS A 123 ? O LYS A 124 
B 1 2 N MET A 89  ? N MET A 90  O ARG A 107 ? O ARG A 108 
# 
_struct_site.id                   AC1 
_struct_site.pdbx_evidence_code   Software 
_struct_site.pdbx_auth_asym_id    A 
_struct_site.pdbx_auth_comp_id    CO 
_struct_site.pdbx_auth_seq_id     300 
_struct_site.pdbx_auth_ins_code   ? 
_struct_site.pdbx_num_residues    5 
_struct_site.details              'BINDING SITE FOR RESIDUE CO A 300' 
# 
loop_
_struct_site_gen.id 
_struct_site_gen.site_id 
_struct_site_gen.pdbx_num_res 
_struct_site_gen.label_comp_id 
_struct_site_gen.label_asym_id 
_struct_site_gen.label_seq_id 
_struct_site_gen.pdbx_auth_ins_code 
_struct_site_gen.auth_comp_id 
_struct_site_gen.auth_asym_id 
_struct_site_gen.auth_seq_id 
_struct_site_gen.label_atom_id 
_struct_site_gen.label_alt_id 
_struct_site_gen.symmetry 
_struct_site_gen.details 
1 AC1 5 GLN A 50  ? GLN A 51  . ? 1_555 ? 
2 AC1 5 CYS A 95  ? CYS A 96  . ? 1_555 ? 
3 AC1 5 HIS A 137 ? HIS A 138 . ? 1_555 ? 
4 AC1 5 HIS A 141 ? HIS A 142 . ? 1_555 ? 
5 AC1 5 HOH C .   ? HOH A 368 . ? 1_555 ? 
# 
_atom_sites.entry_id                    2EW7 
_atom_sites.fract_transf_matrix[1][1]   -0.01136359 
_atom_sites.fract_transf_matrix[1][2]   -0.02054894 
_atom_sites.fract_transf_matrix[1][3]   -0.00294779 
_atom_sites.fract_transf_matrix[2][1]   -0.01528839 
_atom_sites.fract_transf_matrix[2][2]   0.00726413 
_atom_sites.fract_transf_matrix[2][3]   0.00829805 
_atom_sites.fract_transf_matrix[3][1]   -0.00366635 
_atom_sites.fract_transf_matrix[3][2]   0.00342684 
_atom_sites.fract_transf_matrix[3][3]   -0.00975477 
_atom_sites.fract_transf_vector[1]      1.943606 
_atom_sites.fract_transf_vector[2]      1.699028 
_atom_sites.fract_transf_vector[3]      0.651747 
# 
loop_
_atom_type.symbol 
C  
CO 
N  
O  
S  
# 
loop_
_atom_site.group_PDB 
_atom_site.id 
_atom_site.type_symbol 
_atom_site.label_atom_id 
_atom_site.label_alt_id 
_atom_site.label_comp_id 
_atom_site.label_asym_id 
_atom_site.label_entity_id 
_atom_site.label_seq_id 
_atom_site.pdbx_PDB_ins_code 
_atom_site.Cartn_x 
_atom_site.Cartn_y 
_atom_site.Cartn_z 
_atom_site.occupancy 
_atom_site.B_iso_or_equiv 
_atom_site.pdbx_formal_charge 
_atom_site.auth_seq_id 
_atom_site.auth_comp_id 
_atom_site.auth_asym_id 
_atom_site.auth_atom_id 
_atom_site.pdbx_PDB_model_num 
ATOM   1    N  N   . ALA A 1 1   ? -8.759  -15.790 7.227   1.00 20.10 ? 2   ALA A N   1 
ATOM   2    C  CA  . ALA A 1 1   ? -7.544  -16.460 7.771   1.00 19.88 ? 2   ALA A CA  1 
ATOM   3    C  C   . ALA A 1 1   ? -6.360  -15.510 7.705   1.00 22.62 ? 2   ALA A C   1 
ATOM   4    O  O   . ALA A 1 1   ? -6.344  -14.587 6.885   1.00 22.72 ? 2   ALA A O   1 
ATOM   5    C  CB  . ALA A 1 1   ? -7.242  -17.714 6.970   1.00 20.31 ? 2   ALA A CB  1 
ATOM   6    N  N   . LEU A 1 2   ? -5.378  -15.729 8.575   1.00 22.75 ? 3   LEU A N   1 
ATOM   7    C  CA  . LEU A 1 2   ? -4.186  -14.898 8.589   1.00 24.09 ? 3   LEU A CA  1 
ATOM   8    C  C   . LEU A 1 2   ? -3.240  -15.356 7.494   1.00 24.58 ? 3   LEU A C   1 
ATOM   9    O  O   . LEU A 1 2   ? -3.128  -16.553 7.223   1.00 27.65 ? 3   LEU A O   1 
ATOM   10   C  CB  . LEU A 1 2   ? -3.460  -15.000 9.932   1.00 25.90 ? 3   LEU A CB  1 
ATOM   11   C  CG  . LEU A 1 2   ? -4.005  -14.258 11.152  1.00 28.63 ? 3   LEU A CG  1 
ATOM   12   C  CD1 . LEU A 1 2   ? -3.057  -14.490 12.330  1.00 27.59 ? 3   LEU A CD1 1 
ATOM   13   C  CD2 . LEU A 1 2   ? -4.125  -12.765 10.850  1.00 27.17 ? 3   LEU A CD2 1 
ATOM   14   N  N   . LEU A 1 3   ? -2.553  -14.402 6.872   1.00 22.50 ? 4   LEU A N   1 
ATOM   15   C  CA  . LEU A 1 3   ? -1.598  -14.706 5.815   1.00 20.15 ? 4   LEU A CA  1 
ATOM   16   C  C   . LEU A 1 3   ? -0.223  -14.263 6.276   1.00 20.50 ? 4   LEU A C   1 
ATOM   17   O  O   . LEU A 1 3   ? -0.101  -13.315 7.051   1.00 19.37 ? 4   LEU A O   1 
ATOM   18   C  CB  . LEU A 1 3   ? -1.965  -13.967 4.525   1.00 18.14 ? 4   LEU A CB  1 
ATOM   19   C  CG  . LEU A 1 3   ? -3.337  -14.278 3.913   1.00 17.87 ? 4   LEU A CG  1 
ATOM   20   C  CD1 . LEU A 1 3   ? -3.489  -13.535 2.584   1.00 16.58 ? 4   LEU A CD1 1 
ATOM   21   C  CD2 . LEU A 1 3   ? -3.473  -15.786 3.699   1.00 17.26 ? 4   LEU A CD2 1 
ATOM   22   N  N   . GLU A 1 4   ? 0.811   -14.953 5.812   1.00 21.35 ? 5   GLU A N   1 
ATOM   23   C  CA  . GLU A 1 4   ? 2.168   -14.590 6.186   1.00 23.38 ? 5   GLU A CA  1 
ATOM   24   C  C   . GLU A 1 4   ? 2.597   -13.346 5.411   1.00 23.08 ? 5   GLU A C   1 
ATOM   25   O  O   . GLU A 1 4   ? 2.419   -13.268 4.193   1.00 20.64 ? 5   GLU A O   1 
ATOM   26   C  CB  . GLU A 1 4   ? 3.134   -15.740 5.887   1.00 26.66 ? 5   GLU A CB  1 
ATOM   27   C  CG  . GLU A 1 4   ? 4.608   -15.364 6.006   1.00 31.81 ? 5   GLU A CG  1 
ATOM   28   C  CD  . GLU A 1 4   ? 5.013   -14.950 7.414   1.00 39.13 ? 5   GLU A CD  1 
ATOM   29   O  OE1 . GLU A 1 4   ? 4.941   -15.796 8.337   1.00 42.71 ? 5   GLU A OE1 1 
ATOM   30   O  OE2 . GLU A 1 4   ? 5.410   -13.777 7.600   1.00 40.13 ? 5   GLU A OE2 1 
ATOM   31   N  N   . ILE A 1 5   ? 3.151   -12.370 6.119   1.00 21.07 ? 6   ILE A N   1 
ATOM   32   C  CA  . ILE A 1 5   ? 3.615   -11.156 5.465   1.00 21.07 ? 6   ILE A CA  1 
ATOM   33   C  C   . ILE A 1 5   ? 5.064   -11.361 5.035   1.00 20.77 ? 6   ILE A C   1 
ATOM   34   O  O   . ILE A 1 5   ? 5.867   -11.911 5.786   1.00 20.88 ? 6   ILE A O   1 
ATOM   35   C  CB  . ILE A 1 5   ? 3.524   -9.945  6.410   1.00 20.67 ? 6   ILE A CB  1 
ATOM   36   C  CG1 . ILE A 1 5   ? 2.055   -9.656  6.731   1.00 19.05 ? 6   ILE A CG1 1 
ATOM   37   C  CG2 . ILE A 1 5   ? 4.191   -8.735  5.769   1.00 19.84 ? 6   ILE A CG2 1 
ATOM   38   C  CD1 . ILE A 1 5   ? 1.850   -8.554  7.748   1.00 21.14 ? 6   ILE A CD1 1 
ATOM   39   N  N   . ILE A 1 6   ? 5.386   -10.920 3.822   1.00 21.06 ? 7   ILE A N   1 
ATOM   40   C  CA  . ILE A 1 6   ? 6.731   -11.057 3.270   1.00 20.89 ? 7   ILE A CA  1 
ATOM   41   C  C   . ILE A 1 6   ? 7.593   -9.854  3.637   1.00 20.14 ? 7   ILE A C   1 
ATOM   42   O  O   . ILE A 1 6   ? 7.187   -8.711  3.440   1.00 17.36 ? 7   ILE A O   1 
ATOM   43   C  CB  . ILE A 1 6   ? 6.667   -11.206 1.735   1.00 22.83 ? 7   ILE A CB  1 
ATOM   44   C  CG1 . ILE A 1 6   ? 5.879   -12.472 1.381   1.00 21.88 ? 7   ILE A CG1 1 
ATOM   45   C  CG2 . ILE A 1 6   ? 8.073   -11.265 1.144   1.00 20.37 ? 7   ILE A CG2 1 
ATOM   46   C  CD1 . ILE A 1 6   ? 5.670   -12.661 -0.105  1.00 25.70 ? 7   ILE A CD1 1 
ATOM   47   N  N   . HIS A 1 7   ? 8.785   -10.122 4.162   1.00 20.15 ? 8   HIS A N   1 
ATOM   48   C  CA  . HIS A 1 7   ? 9.698   -9.062  4.586   1.00 22.07 ? 8   HIS A CA  1 
ATOM   49   C  C   . HIS A 1 7   ? 10.916  -8.834  3.684   1.00 21.72 ? 8   HIS A C   1 
ATOM   50   O  O   . HIS A 1 7   ? 11.393  -9.746  3.004   1.00 17.73 ? 8   HIS A O   1 
ATOM   51   C  CB  . HIS A 1 7   ? 10.204  -9.349  6.008   1.00 22.41 ? 8   HIS A CB  1 
ATOM   52   C  CG  . HIS A 1 7   ? 9.115   -9.554  7.013   1.00 25.88 ? 8   HIS A CG  1 
ATOM   53   N  ND1 . HIS A 1 7   ? 8.147   -8.607  7.268   1.00 29.27 ? 8   HIS A ND1 1 
ATOM   54   C  CD2 . HIS A 1 7   ? 8.847   -10.595 7.836   1.00 29.10 ? 8   HIS A CD2 1 
ATOM   55   C  CE1 . HIS A 1 7   ? 7.329   -9.055  8.206   1.00 27.14 ? 8   HIS A CE1 1 
ATOM   56   N  NE2 . HIS A 1 7   ? 7.732   -10.260 8.567   1.00 29.36 ? 8   HIS A NE2 1 
ATOM   57   N  N   . TYR A 1 8   ? 11.402  -7.596  3.691   1.00 22.50 ? 9   TYR A N   1 
ATOM   58   C  CA  . TYR A 1 8   ? 12.597  -7.206  2.946   1.00 23.08 ? 9   TYR A CA  1 
ATOM   59   C  C   . TYR A 1 8   ? 13.699  -8.082  3.551   1.00 24.76 ? 9   TYR A C   1 
ATOM   60   O  O   . TYR A 1 8   ? 13.671  -8.366  4.746   1.00 23.03 ? 9   TYR A O   1 
ATOM   61   C  CB  . TYR A 1 8   ? 12.901  -5.723  3.214   1.00 24.79 ? 9   TYR A CB  1 
ATOM   62   C  CG  . TYR A 1 8   ? 14.256  -5.239  2.729   1.00 27.22 ? 9   TYR A CG  1 
ATOM   63   C  CD1 . TYR A 1 8   ? 14.422  -4.726  1.441   1.00 27.97 ? 9   TYR A CD1 1 
ATOM   64   C  CD2 . TYR A 1 8   ? 15.377  -5.308  3.557   1.00 27.87 ? 9   TYR A CD2 1 
ATOM   65   C  CE1 . TYR A 1 8   ? 15.673  -4.293  0.991   1.00 27.56 ? 9   TYR A CE1 1 
ATOM   66   C  CE2 . TYR A 1 8   ? 16.628  -4.884  3.119   1.00 28.89 ? 9   TYR A CE2 1 
ATOM   67   C  CZ  . TYR A 1 8   ? 16.770  -4.377  1.837   1.00 30.01 ? 9   TYR A CZ  1 
ATOM   68   O  OH  . TYR A 1 8   ? 18.015  -3.975  1.403   1.00 31.58 ? 9   TYR A OH  1 
ATOM   69   N  N   . PRO A 1 9   ? 14.705  -8.481  2.755   1.00 24.76 ? 10  PRO A N   1 
ATOM   70   C  CA  . PRO A 1 9   ? 14.931  -8.194  1.335   1.00 24.45 ? 10  PRO A CA  1 
ATOM   71   C  C   . PRO A 1 9   ? 14.467  -9.268  0.347   1.00 24.13 ? 10  PRO A C   1 
ATOM   72   O  O   . PRO A 1 9   ? 15.149  -9.532  -0.641  1.00 24.56 ? 10  PRO A O   1 
ATOM   73   C  CB  . PRO A 1 9   ? 16.437  -8.004  1.285   1.00 24.87 ? 10  PRO A CB  1 
ATOM   74   C  CG  . PRO A 1 9   ? 16.897  -9.117  2.186   1.00 21.61 ? 10  PRO A CG  1 
ATOM   75   C  CD  . PRO A 1 9   ? 15.932  -9.028  3.368   1.00 24.05 ? 10  PRO A CD  1 
ATOM   76   N  N   . SER A 1 10  ? 13.318  -9.883  0.602   1.00 23.94 ? 11  SER A N   1 
ATOM   77   C  CA  . SER A 1 10  ? 12.797  -10.915 -0.299  1.00 23.94 ? 11  SER A CA  1 
ATOM   78   C  C   . SER A 1 10  ? 12.600  -10.396 -1.726  1.00 24.15 ? 11  SER A C   1 
ATOM   79   O  O   . SER A 1 10  ? 12.041  -9.317  -1.929  1.00 23.31 ? 11  SER A O   1 
ATOM   80   C  CB  . SER A 1 10  ? 11.459  -11.442 0.225   1.00 23.99 ? 11  SER A CB  1 
ATOM   81   O  OG  . SER A 1 10  ? 10.860  -12.324 -0.711  1.00 24.23 ? 11  SER A OG  1 
ATOM   82   N  N   . LYS A 1 11  ? 13.048  -11.165 -2.716  1.00 24.76 ? 12  LYS A N   1 
ATOM   83   C  CA  . LYS A 1 11  ? 12.885  -10.761 -4.109  1.00 24.34 ? 12  LYS A CA  1 
ATOM   84   C  C   . LYS A 1 11  ? 11.419  -10.777 -4.530  1.00 22.70 ? 12  LYS A C   1 
ATOM   85   O  O   . LYS A 1 11  ? 11.053  -10.191 -5.547  1.00 21.80 ? 12  LYS A O   1 
ATOM   86   C  CB  . LYS A 1 11  ? 13.690  -11.665 -5.051  1.00 27.30 ? 12  LYS A CB  1 
ATOM   87   C  CG  . LYS A 1 11  ? 15.142  -11.259 -5.221  1.00 30.53 ? 12  LYS A CG  1 
ATOM   88   C  CD  . LYS A 1 11  ? 15.786  -11.978 -6.399  1.00 34.26 ? 12  LYS A CD  1 
ATOM   89   C  CE  . LYS A 1 11  ? 17.269  -11.645 -6.513  1.00 36.85 ? 12  LYS A CE  1 
ATOM   90   N  NZ  . LYS A 1 11  ? 17.518  -10.171 -6.606  1.00 37.83 ? 12  LYS A NZ  1 
ATOM   91   N  N   . ILE A 1 12  ? 10.579  -11.453 -3.753  1.00 20.81 ? 13  ILE A N   1 
ATOM   92   C  CA  . ILE A 1 12  ? 9.156   -11.511 -4.063  1.00 19.32 ? 13  ILE A CA  1 
ATOM   93   C  C   . ILE A 1 12  ? 8.596   -10.093 -4.118  1.00 18.99 ? 13  ILE A C   1 
ATOM   94   O  O   . ILE A 1 12  ? 7.710   -9.794  -4.916  1.00 18.15 ? 13  ILE A O   1 
ATOM   95   C  CB  . ILE A 1 12  ? 8.366   -12.298 -2.998  1.00 18.58 ? 13  ILE A CB  1 
ATOM   96   C  CG1 . ILE A 1 12  ? 8.784   -13.771 -3.021  1.00 19.75 ? 13  ILE A CG1 1 
ATOM   97   C  CG2 . ILE A 1 12  ? 6.856   -12.165 -3.260  1.00 16.83 ? 13  ILE A CG2 1 
ATOM   98   C  CD1 . ILE A 1 12  ? 8.038   -14.631 -2.019  1.00 20.96 ? 13  ILE A CD1 1 
ATOM   99   N  N   . LEU A 1 13  ? 9.131   -9.229  -3.262  1.00 16.86 ? 14  LEU A N   1 
ATOM   100  C  CA  . LEU A 1 13  ? 8.696   -7.839  -3.191  1.00 14.94 ? 14  LEU A CA  1 
ATOM   101  C  C   . LEU A 1 13  ? 9.091   -7.022  -4.429  1.00 15.40 ? 14  LEU A C   1 
ATOM   102  O  O   . LEU A 1 13  ? 8.643   -5.889  -4.593  1.00 15.10 ? 14  LEU A O   1 
ATOM   103  C  CB  . LEU A 1 13  ? 9.255   -7.192  -1.916  1.00 10.98 ? 14  LEU A CB  1 
ATOM   104  C  CG  . LEU A 1 13  ? 8.750   -7.810  -0.598  1.00 13.21 ? 14  LEU A CG  1 
ATOM   105  C  CD1 . LEU A 1 13  ? 9.469   -7.175  0.591   1.00 11.01 ? 14  LEU A CD1 1 
ATOM   106  C  CD2 . LEU A 1 13  ? 7.236   -7.614  -0.474  1.00 8.26  ? 14  LEU A CD2 1 
ATOM   107  N  N   . ARG A 1 14  ? 9.924   -7.595  -5.295  1.00 14.60 ? 15  ARG A N   1 
ATOM   108  C  CA  . ARG A 1 14  ? 10.339  -6.900  -6.514  1.00 17.39 ? 15  ARG A CA  1 
ATOM   109  C  C   . ARG A 1 14  ? 9.460   -7.312  -7.690  1.00 18.22 ? 15  ARG A C   1 
ATOM   110  O  O   . ARG A 1 14  ? 9.669   -6.876  -8.824  1.00 18.21 ? 15  ARG A O   1 
ATOM   111  C  CB  . ARG A 1 14  ? 11.799  -7.215  -6.852  1.00 19.15 ? 15  ARG A CB  1 
ATOM   112  C  CG  . ARG A 1 14  ? 12.790  -6.770  -5.806  1.00 22.05 ? 15  ARG A CG  1 
ATOM   113  C  CD  . ARG A 1 14  ? 12.511  -5.348  -5.388  1.00 22.97 ? 15  ARG A CD  1 
ATOM   114  N  NE  . ARG A 1 14  ? 13.453  -4.865  -4.384  1.00 25.02 ? 15  ARG A NE  1 
ATOM   115  C  CZ  . ARG A 1 14  ? 13.421  -3.633  -3.893  1.00 22.41 ? 15  ARG A CZ  1 
ATOM   116  N  NH1 . ARG A 1 14  ? 12.492  -2.793  -4.318  1.00 22.04 ? 15  ARG A NH1 1 
ATOM   117  N  NH2 . ARG A 1 14  ? 14.321  -3.235  -3.005  1.00 24.61 ? 15  ARG A NH2 1 
ATOM   118  N  N   . THR A 1 15  ? 8.476   -8.158  -7.412  1.00 17.78 ? 16  THR A N   1 
ATOM   119  C  CA  . THR A 1 15  ? 7.577   -8.630  -8.448  1.00 19.51 ? 16  THR A CA  1 
ATOM   120  C  C   . THR A 1 15  ? 6.690   -7.519  -8.967  1.00 19.53 ? 16  THR A C   1 
ATOM   121  O  O   . THR A 1 15  ? 6.348   -6.591  -8.241  1.00 21.51 ? 16  THR A O   1 
ATOM   122  C  CB  . THR A 1 15  ? 6.660   -9.754  -7.922  1.00 19.19 ? 16  THR A CB  1 
ATOM   123  O  OG1 . THR A 1 15  ? 7.463   -10.849 -7.472  1.00 16.73 ? 16  THR A OG1 1 
ATOM   124  C  CG2 . THR A 1 15  ? 5.721   -10.242 -9.020  1.00 18.85 ? 16  THR A CG2 1 
ATOM   125  N  N   . ILE A 1 16  ? 6.345   -7.616  -10.244 1.00 20.77 ? 17  ILE A N   1 
ATOM   126  C  CA  . ILE A 1 16  ? 5.442   -6.672  -10.879 1.00 19.91 ? 17  ILE A CA  1 
ATOM   127  C  C   . ILE A 1 16  ? 4.095   -7.390  -10.864 1.00 18.74 ? 17  ILE A C   1 
ATOM   128  O  O   . ILE A 1 16  ? 3.943   -8.430  -11.495 1.00 17.75 ? 17  ILE A O   1 
ATOM   129  C  CB  . ILE A 1 16  ? 5.855   -6.391  -12.340 1.00 21.66 ? 17  ILE A CB  1 
ATOM   130  C  CG1 . ILE A 1 16  ? 7.111   -5.512  -12.353 1.00 22.47 ? 17  ILE A CG1 1 
ATOM   131  C  CG2 . ILE A 1 16  ? 4.709   -5.718  -13.092 1.00 20.59 ? 17  ILE A CG2 1 
ATOM   132  C  CD1 . ILE A 1 16  ? 7.604   -5.156  -13.729 1.00 22.62 ? 17  ILE A CD1 1 
ATOM   133  N  N   . SER A 1 17  ? 3.127   -6.853  -10.128 1.00 18.57 ? 18  SER A N   1 
ATOM   134  C  CA  . SER A 1 17  ? 1.812   -7.484  -10.052 1.00 17.11 ? 18  SER A CA  1 
ATOM   135  C  C   . SER A 1 17  ? 0.998   -7.288  -11.322 1.00 17.11 ? 18  SER A C   1 
ATOM   136  O  O   . SER A 1 17  ? 1.226   -6.340  -12.075 1.00 15.94 ? 18  SER A O   1 
ATOM   137  C  CB  . SER A 1 17  ? 1.039   -6.958  -8.843  1.00 16.36 ? 18  SER A CB  1 
ATOM   138  O  OG  . SER A 1 17  ? 1.688   -7.355  -7.649  1.00 14.64 ? 18  SER A OG  1 
ATOM   139  N  N   . LYS A 1 18  ? 0.044   -8.192  -11.540 1.00 17.74 ? 19  LYS A N   1 
ATOM   140  C  CA  . LYS A 1 18  ? -0.802  -8.170  -12.727 1.00 18.81 ? 19  LYS A CA  1 
ATOM   141  C  C   . LYS A 1 18  ? -2.233  -7.695  -12.488 1.00 20.14 ? 19  LYS A C   1 
ATOM   142  O  O   . LYS A 1 18  ? -2.793  -7.863  -11.403 1.00 18.22 ? 19  LYS A O   1 
ATOM   143  C  CB  . LYS A 1 18  ? -0.850  -9.567  -13.352 1.00 19.70 ? 19  LYS A CB  1 
ATOM   144  C  CG  . LYS A 1 18  ? 0.511   -10.160 -13.660 1.00 23.08 ? 19  LYS A CG  1 
ATOM   145  C  CD  . LYS A 1 18  ? 1.274   -9.308  -14.661 1.00 26.49 ? 19  LYS A CD  1 
ATOM   146  C  CE  . LYS A 1 18  ? 2.600   -9.949  -15.016 1.00 28.68 ? 19  LYS A CE  1 
ATOM   147  N  NZ  . LYS A 1 18  ? 2.385   -11.368 -15.410 1.00 29.80 ? 19  LYS A NZ  1 
ATOM   148  N  N   . GLU A 1 19  ? -2.823  -7.120  -13.531 1.00 20.74 ? 20  GLU A N   1 
ATOM   149  C  CA  . GLU A 1 19  ? -4.191  -6.626  -13.469 1.00 22.83 ? 20  GLU A CA  1 
ATOM   150  C  C   . GLU A 1 19  ? -5.146  -7.744  -13.060 1.00 20.92 ? 20  GLU A C   1 
ATOM   151  O  O   . GLU A 1 19  ? -4.983  -8.898  -13.460 1.00 18.81 ? 20  GLU A O   1 
ATOM   152  C  CB  . GLU A 1 19  ? -4.616  -6.077  -14.839 1.00 24.73 ? 20  GLU A CB  1 
ATOM   153  C  CG  . GLU A 1 19  ? -3.779  -4.900  -15.336 1.00 33.42 ? 20  GLU A CG  1 
ATOM   154  C  CD  . GLU A 1 19  ? -4.434  -3.544  -15.086 1.00 36.92 ? 20  GLU A CD  1 
ATOM   155  O  OE1 . GLU A 1 19  ? -5.413  -3.218  -15.793 1.00 38.02 ? 20  GLU A OE1 1 
ATOM   156  O  OE2 . GLU A 1 19  ? -3.972  -2.807  -14.183 1.00 38.62 ? 20  GLU A OE2 1 
ATOM   157  N  N   . VAL A 1 20  ? -6.137  -7.388  -12.251 1.00 19.32 ? 21  VAL A N   1 
ATOM   158  C  CA  . VAL A 1 20  ? -7.150  -8.333  -11.808 1.00 19.05 ? 21  VAL A CA  1 
ATOM   159  C  C   . VAL A 1 20  ? -8.224  -8.369  -12.892 1.00 21.19 ? 21  VAL A C   1 
ATOM   160  O  O   . VAL A 1 20  ? -8.642  -7.316  -13.388 1.00 20.21 ? 21  VAL A O   1 
ATOM   161  C  CB  . VAL A 1 20  ? -7.793  -7.878  -10.475 1.00 18.41 ? 21  VAL A CB  1 
ATOM   162  C  CG1 . VAL A 1 20  ? -9.058  -8.680  -10.197 1.00 16.87 ? 21  VAL A CG1 1 
ATOM   163  C  CG2 . VAL A 1 20  ? -6.800  -8.050  -9.343  1.00 15.56 ? 21  VAL A CG2 1 
ATOM   164  N  N   . VAL A 1 21  ? -8.651  -9.572  -13.271 1.00 20.97 ? 22  VAL A N   1 
ATOM   165  C  CA  . VAL A 1 21  ? -9.683  -9.730  -14.291 1.00 24.04 ? 22  VAL A CA  1 
ATOM   166  C  C   . VAL A 1 21  ? -10.932 -10.422 -13.743 1.00 24.37 ? 22  VAL A C   1 
ATOM   167  O  O   . VAL A 1 21  ? -12.042 -10.166 -14.206 1.00 26.49 ? 22  VAL A O   1 
ATOM   168  C  CB  . VAL A 1 21  ? -9.159  -10.529 -15.514 1.00 25.65 ? 22  VAL A CB  1 
ATOM   169  C  CG1 . VAL A 1 21  ? -8.763  -11.934 -15.105 1.00 27.00 ? 22  VAL A CG1 1 
ATOM   170  C  CG2 . VAL A 1 21  ? -10.223 -10.578 -16.587 1.00 29.14 ? 22  VAL A CG2 1 
ATOM   171  N  N   . SER A 1 22  ? -10.757 -11.293 -12.755 1.00 23.87 ? 23  SER A N   1 
ATOM   172  C  CA  . SER A 1 22  ? -11.889 -12.001 -12.161 1.00 24.63 ? 23  SER A CA  1 
ATOM   173  C  C   . SER A 1 22  ? -12.274 -11.421 -10.804 1.00 24.10 ? 23  SER A C   1 
ATOM   174  O  O   . SER A 1 22  ? -11.556 -11.589 -9.816  1.00 23.20 ? 23  SER A O   1 
ATOM   175  C  CB  . SER A 1 22  ? -11.562 -13.487 -11.995 1.00 25.80 ? 23  SER A CB  1 
ATOM   176  O  OG  . SER A 1 22  ? -11.256 -14.082 -13.241 1.00 30.79 ? 23  SER A OG  1 
ATOM   177  N  N   . PHE A 1 23  ? -13.413 -10.740 -10.758 1.00 22.23 ? 24  PHE A N   1 
ATOM   178  C  CA  . PHE A 1 23  ? -13.900 -10.150 -9.521  1.00 22.33 ? 24  PHE A CA  1 
ATOM   179  C  C   . PHE A 1 23  ? -14.929 -11.124 -8.948  1.00 22.47 ? 24  PHE A C   1 
ATOM   180  O  O   . PHE A 1 23  ? -16.134 -10.897 -9.024  1.00 21.86 ? 24  PHE A O   1 
ATOM   181  C  CB  . PHE A 1 23  ? -14.530 -8.790  -9.815  1.00 20.74 ? 24  PHE A CB  1 
ATOM   182  C  CG  . PHE A 1 23  ? -13.538 -7.747  -10.254 1.00 19.98 ? 24  PHE A CG  1 
ATOM   183  C  CD1 . PHE A 1 23  ? -13.116 -6.757  -9.374  1.00 19.20 ? 24  PHE A CD1 1 
ATOM   184  C  CD2 . PHE A 1 23  ? -13.015 -7.760  -11.545 1.00 19.64 ? 24  PHE A CD2 1 
ATOM   185  C  CE1 . PHE A 1 23  ? -12.190 -5.794  -9.774  1.00 18.65 ? 24  PHE A CE1 1 
ATOM   186  C  CE2 . PHE A 1 23  ? -12.087 -6.802  -11.949 1.00 16.88 ? 24  PHE A CE2 1 
ATOM   187  C  CZ  . PHE A 1 23  ? -11.677 -5.817  -11.059 1.00 16.70 ? 24  PHE A CZ  1 
ATOM   188  N  N   . ASP A 1 24  ? -14.430 -12.210 -8.370  1.00 21.81 ? 25  ASP A N   1 
ATOM   189  C  CA  . ASP A 1 24  ? -15.278 -13.259 -7.821  1.00 21.33 ? 25  ASP A CA  1 
ATOM   190  C  C   . ASP A 1 24  ? -15.082 -13.492 -6.322  1.00 22.26 ? 25  ASP A C   1 
ATOM   191  O  O   . ASP A 1 24  ? -14.393 -12.726 -5.646  1.00 22.20 ? 25  ASP A O   1 
ATOM   192  C  CB  . ASP A 1 24  ? -15.004 -14.556 -8.582  1.00 22.25 ? 25  ASP A CB  1 
ATOM   193  C  CG  . ASP A 1 24  ? -13.513 -14.815 -8.768  1.00 24.16 ? 25  ASP A CG  1 
ATOM   194  O  OD1 . ASP A 1 24  ? -12.752 -14.619 -7.796  1.00 22.86 ? 25  ASP A OD1 1 
ATOM   195  O  OD2 . ASP A 1 24  ? -13.101 -15.218 -9.877  1.00 24.10 ? 25  ASP A OD2 1 
ATOM   196  N  N   . ALA A 1 25  ? -15.689 -14.564 -5.818  1.00 20.03 ? 26  ALA A N   1 
ATOM   197  C  CA  . ALA A 1 25  ? -15.607 -14.926 -4.407  1.00 20.62 ? 26  ALA A CA  1 
ATOM   198  C  C   . ALA A 1 25  ? -14.173 -15.208 -3.961  1.00 21.31 ? 26  ALA A C   1 
ATOM   199  O  O   . ALA A 1 25  ? -13.817 -14.950 -2.811  1.00 23.72 ? 26  ALA A O   1 
ATOM   200  C  CB  . ALA A 1 25  ? -16.490 -16.142 -4.129  1.00 17.58 ? 26  ALA A CB  1 
ATOM   201  N  N   . LYS A 1 26  ? -13.353 -15.744 -4.861  1.00 21.83 ? 27  LYS A N   1 
ATOM   202  C  CA  . LYS A 1 26  ? -11.966 -16.044 -4.522  1.00 20.65 ? 27  LYS A CA  1 
ATOM   203  C  C   . LYS A 1 26  ? -11.176 -14.759 -4.275  1.00 19.26 ? 27  LYS A C   1 
ATOM   204  O  O   . LYS A 1 26  ? -10.318 -14.706 -3.393  1.00 18.21 ? 27  LYS A O   1 
ATOM   205  C  CB  . LYS A 1 26  ? -11.301 -16.855 -5.638  1.00 21.77 ? 27  LYS A CB  1 
ATOM   206  C  CG  . LYS A 1 26  ? -9.860  -17.248 -5.330  1.00 23.96 ? 27  LYS A CG  1 
ATOM   207  C  CD  . LYS A 1 26  ? -9.226  -18.054 -6.458  1.00 26.02 ? 27  LYS A CD  1 
ATOM   208  C  CE  . LYS A 1 26  ? -9.206  -17.264 -7.752  1.00 30.70 ? 27  LYS A CE  1 
ATOM   209  N  NZ  . LYS A 1 26  ? -8.623  -18.054 -8.877  1.00 34.40 ? 27  LYS A NZ  1 
ATOM   210  N  N   . LEU A 1 27  ? -11.473 -13.726 -5.059  1.00 17.28 ? 28  LEU A N   1 
ATOM   211  C  CA  . LEU A 1 27  ? -10.805 -12.434 -4.934  1.00 17.88 ? 28  LEU A CA  1 
ATOM   212  C  C   . LEU A 1 27  ? -11.264 -11.776 -3.635  1.00 17.93 ? 28  LEU A C   1 
ATOM   213  O  O   . LEU A 1 27  ? -10.477 -11.139 -2.931  1.00 18.54 ? 28  LEU A O   1 
ATOM   214  C  CB  . LEU A 1 27  ? -11.165 -11.542 -6.129  1.00 18.24 ? 28  LEU A CB  1 
ATOM   215  C  CG  . LEU A 1 27  ? -10.314 -10.306 -6.453  1.00 22.40 ? 28  LEU A CG  1 
ATOM   216  C  CD1 . LEU A 1 27  ? -10.395 -9.298  -5.337  1.00 25.58 ? 28  LEU A CD1 1 
ATOM   217  C  CD2 . LEU A 1 27  ? -8.870  -10.724 -6.687  1.00 21.45 ? 28  LEU A CD2 1 
ATOM   218  N  N   . HIS A 1 28  ? -12.544 -11.941 -3.322  1.00 17.85 ? 29  HIS A N   1 
ATOM   219  C  CA  . HIS A 1 28  ? -13.111 -11.368 -2.108  1.00 20.01 ? 29  HIS A CA  1 
ATOM   220  C  C   . HIS A 1 28  ? -12.515 -12.013 -0.852  1.00 20.26 ? 29  HIS A C   1 
ATOM   221  O  O   . HIS A 1 28  ? -12.285 -11.333 0.150   1.00 20.59 ? 29  HIS A O   1 
ATOM   222  C  CB  . HIS A 1 28  ? -14.638 -11.518 -2.129  1.00 19.16 ? 29  HIS A CB  1 
ATOM   223  C  CG  . HIS A 1 28  ? -15.298 -10.785 -3.257  1.00 19.97 ? 29  HIS A CG  1 
ATOM   224  N  ND1 . HIS A 1 28  ? -16.615 -10.990 -3.612  1.00 20.15 ? 29  HIS A ND1 1 
ATOM   225  C  CD2 . HIS A 1 28  ? -14.820 -9.850  -4.116  1.00 18.83 ? 29  HIS A CD2 1 
ATOM   226  C  CE1 . HIS A 1 28  ? -16.919 -10.219 -4.642  1.00 16.94 ? 29  HIS A CE1 1 
ATOM   227  N  NE2 . HIS A 1 28  ? -15.847 -9.518  -4.968  1.00 18.40 ? 29  HIS A NE2 1 
ATOM   228  N  N   . GLN A 1 29  ? -12.261 -13.320 -0.900  1.00 20.45 ? 30  GLN A N   1 
ATOM   229  C  CA  . GLN A 1 29  ? -11.675 -14.002 0.251   1.00 22.36 ? 30  GLN A CA  1 
ATOM   230  C  C   . GLN A 1 29  ? -10.237 -13.516 0.445   1.00 21.74 ? 30  GLN A C   1 
ATOM   231  O  O   . GLN A 1 29  ? -9.772  -13.371 1.576   1.00 21.63 ? 30  GLN A O   1 
ATOM   232  C  CB  . GLN A 1 29  ? -11.693 -15.523 0.053   1.00 24.62 ? 30  GLN A CB  1 
ATOM   233  C  CG  . GLN A 1 29  ? -11.170 -16.323 1.257   1.00 30.24 ? 30  GLN A CG  1 
ATOM   234  C  CD  . GLN A 1 29  ? -12.012 -16.130 2.525   1.00 33.80 ? 30  GLN A CD  1 
ATOM   235  O  OE1 . GLN A 1 29  ? -13.224 -16.357 2.522   1.00 38.69 ? 30  GLN A OE1 1 
ATOM   236  N  NE2 . GLN A 1 29  ? -11.366 -15.720 3.614   1.00 33.06 ? 30  GLN A NE2 1 
ATOM   237  N  N   . GLN A 1 30  ? -9.535  -13.263 -0.658  1.00 20.08 ? 31  GLN A N   1 
ATOM   238  C  CA  . GLN A 1 30  ? -8.159  -12.776 -0.590  1.00 18.82 ? 31  GLN A CA  1 
ATOM   239  C  C   . GLN A 1 30  ? -8.132  -11.397 0.071   1.00 18.50 ? 31  GLN A C   1 
ATOM   240  O  O   . GLN A 1 30  ? -7.275  -11.118 0.918   1.00 16.83 ? 31  GLN A O   1 
ATOM   241  C  CB  . GLN A 1 30  ? -7.551  -12.706 -1.992  1.00 19.22 ? 31  GLN A CB  1 
ATOM   242  C  CG  . GLN A 1 30  ? -7.476  -14.061 -2.683  1.00 19.96 ? 31  GLN A CG  1 
ATOM   243  C  CD  . GLN A 1 30  ? -6.929  -13.979 -4.092  1.00 20.44 ? 31  GLN A CD  1 
ATOM   244  O  OE1 . GLN A 1 30  ? -7.385  -13.173 -4.899  1.00 19.75 ? 31  GLN A OE1 1 
ATOM   245  N  NE2 . GLN A 1 30  ? -5.951  -14.825 -4.401  1.00 23.18 ? 31  GLN A NE2 1 
ATOM   246  N  N   . LEU A 1 31  ? -9.079  -10.543 -0.317  1.00 16.65 ? 32  LEU A N   1 
ATOM   247  C  CA  . LEU A 1 31  ? -9.190  -9.201  0.246   1.00 17.16 ? 32  LEU A CA  1 
ATOM   248  C  C   . LEU A 1 31  ? -9.534  -9.271  1.733   1.00 18.11 ? 32  LEU A C   1 
ATOM   249  O  O   . LEU A 1 31  ? -9.037  -8.463  2.523   1.00 15.97 ? 32  LEU A O   1 
ATOM   250  C  CB  . LEU A 1 31  ? -10.264 -8.396  -0.498  1.00 15.53 ? 32  LEU A CB  1 
ATOM   251  C  CG  . LEU A 1 31  ? -9.904  -7.945  -1.923  1.00 17.70 ? 32  LEU A CG  1 
ATOM   252  C  CD1 . LEU A 1 31  ? -11.135 -7.415  -2.634  1.00 17.38 ? 32  LEU A CD1 1 
ATOM   253  C  CD2 . LEU A 1 31  ? -8.815  -6.884  -1.869  1.00 15.02 ? 32  LEU A CD2 1 
ATOM   254  N  N   . ASP A 1 32  ? -10.384 -10.230 2.113   1.00 17.44 ? 33  ASP A N   1 
ATOM   255  C  CA  . ASP A 1 32  ? -10.765 -10.387 3.519   1.00 17.74 ? 33  ASP A CA  1 
ATOM   256  C  C   . ASP A 1 32  ? -9.565  -10.830 4.338   1.00 17.01 ? 33  ASP A C   1 
ATOM   257  O  O   . ASP A 1 32  ? -9.338  -10.340 5.446   1.00 17.65 ? 33  ASP A O   1 
ATOM   258  C  CB  . ASP A 1 32  ? -11.887 -11.421 3.686   1.00 17.80 ? 33  ASP A CB  1 
ATOM   259  C  CG  . ASP A 1 32  ? -13.228 -10.901 3.230   1.00 16.43 ? 33  ASP A CG  1 
ATOM   260  O  OD1 . ASP A 1 32  ? -13.408 -9.669  3.200   1.00 18.79 ? 33  ASP A OD1 1 
ATOM   261  O  OD2 . ASP A 1 32  ? -14.112 -11.722 2.921   1.00 21.26 ? 33  ASP A OD2 1 
ATOM   262  N  N   . ASP A 1 33  ? -8.805  -11.770 3.789   1.00 15.77 ? 34  ASP A N   1 
ATOM   263  C  CA  . ASP A 1 33  ? -7.621  -12.268 4.466   1.00 15.66 ? 34  ASP A CA  1 
ATOM   264  C  C   . ASP A 1 33  ? -6.589  -11.158 4.563   1.00 14.16 ? 34  ASP A C   1 
ATOM   265  O  O   . ASP A 1 33  ? -5.892  -11.035 5.572   1.00 15.91 ? 34  ASP A O   1 
ATOM   266  C  CB  . ASP A 1 33  ? -7.039  -13.471 3.718   1.00 14.71 ? 34  ASP A CB  1 
ATOM   267  C  CG  . ASP A 1 33  ? -7.921  -14.703 3.827   1.00 14.48 ? 34  ASP A CG  1 
ATOM   268  O  OD1 . ASP A 1 33  ? -8.816  -14.731 4.696   1.00 16.22 ? 34  ASP A OD1 1 
ATOM   269  O  OD2 . ASP A 1 33  ? -7.711  -15.651 3.055   1.00 15.36 ? 34  ASP A OD2 1 
ATOM   270  N  N   . MET A 1 34  ? -6.493  -10.347 3.513   1.00 13.32 ? 35  MET A N   1 
ATOM   271  C  CA  . MET A 1 34  ? -5.555  -9.235  3.513   1.00 13.11 ? 35  MET A CA  1 
ATOM   272  C  C   . MET A 1 34  ? -5.931  -8.257  4.631   1.00 13.58 ? 35  MET A C   1 
ATOM   273  O  O   . MET A 1 34  ? -5.058  -7.724  5.309   1.00 14.29 ? 35  MET A O   1 
ATOM   274  C  CB  . MET A 1 34  ? -5.556  -8.520  2.149   1.00 12.56 ? 35  MET A CB  1 
ATOM   275  C  CG  . MET A 1 34  ? -4.610  -9.131  1.107   1.00 12.05 ? 35  MET A CG  1 
ATOM   276  S  SD  . MET A 1 34  ? -4.759  -8.387  -0.556  1.00 16.76 ? 35  MET A SD  1 
ATOM   277  C  CE  . MET A 1 34  ? -3.986  -6.757  -0.277  1.00 16.34 ? 35  MET A CE  1 
ATOM   278  N  N   . TYR A 1 35  ? -7.227  -8.034  4.833   1.00 14.14 ? 36  TYR A N   1 
ATOM   279  C  CA  . TYR A 1 35  ? -7.673  -7.111  5.878   1.00 15.77 ? 36  TYR A CA  1 
ATOM   280  C  C   . TYR A 1 35  ? -7.392  -7.697  7.260   1.00 16.94 ? 36  TYR A C   1 
ATOM   281  O  O   . TYR A 1 35  ? -6.896  -7.013  8.147   1.00 14.84 ? 36  TYR A O   1 
ATOM   282  C  CB  . TYR A 1 35  ? -9.175  -6.826  5.757   1.00 16.83 ? 36  TYR A CB  1 
ATOM   283  C  CG  . TYR A 1 35  ? -9.637  -5.694  6.655   1.00 17.03 ? 36  TYR A CG  1 
ATOM   284  C  CD1 . TYR A 1 35  ? -9.293  -4.377  6.367   1.00 18.40 ? 36  TYR A CD1 1 
ATOM   285  C  CD2 . TYR A 1 35  ? -10.365 -5.947  7.819   1.00 18.21 ? 36  TYR A CD2 1 
ATOM   286  C  CE1 . TYR A 1 35  ? -9.653  -3.333  7.209   1.00 19.49 ? 36  TYR A CE1 1 
ATOM   287  C  CE2 . TYR A 1 35  ? -10.731 -4.908  8.677   1.00 18.97 ? 36  TYR A CE2 1 
ATOM   288  C  CZ  . TYR A 1 35  ? -10.369 -3.601  8.364   1.00 22.04 ? 36  TYR A CZ  1 
ATOM   289  O  OH  . TYR A 1 35  ? -10.704 -2.558  9.201   1.00 23.95 ? 36  TYR A OH  1 
ATOM   290  N  N   . GLU A 1 36  ? -7.727  -8.972  7.430   1.00 17.77 ? 37  GLU A N   1 
ATOM   291  C  CA  . GLU A 1 36  ? -7.513  -9.663  8.691   1.00 18.45 ? 37  GLU A CA  1 
ATOM   292  C  C   . GLU A 1 36  ? -6.027  -9.636  9.039   1.00 17.78 ? 37  GLU A C   1 
ATOM   293  O  O   . GLU A 1 36  ? -5.649  -9.404  10.182  1.00 17.87 ? 37  GLU A O   1 
ATOM   294  C  CB  . GLU A 1 36  ? -8.008  -11.112 8.575   1.00 19.16 ? 37  GLU A CB  1 
ATOM   295  C  CG  . GLU A 1 36  ? -7.854  -11.938 9.842   1.00 22.86 ? 37  GLU A CG  1 
ATOM   296  C  CD  . GLU A 1 36  ? -8.484  -13.324 9.735   1.00 26.00 ? 37  GLU A CD  1 
ATOM   297  O  OE1 . GLU A 1 36  ? -8.194  -14.173 10.614  1.00 23.16 ? 37  GLU A OE1 1 
ATOM   298  O  OE2 . GLU A 1 36  ? -9.270  -13.565 8.782   1.00 23.56 ? 37  GLU A OE2 1 
ATOM   299  N  N   . THR A 1 37  ? -5.189  -9.866  8.036   1.00 17.65 ? 38  THR A N   1 
ATOM   300  C  CA  . THR A 1 37  ? -3.745  -9.880  8.226   1.00 16.62 ? 38  THR A CA  1 
ATOM   301  C  C   . THR A 1 37  ? -3.193  -8.482  8.531   1.00 16.65 ? 38  THR A C   1 
ATOM   302  O  O   . THR A 1 37  ? -2.314  -8.331  9.389   1.00 16.10 ? 38  THR A O   1 
ATOM   303  C  CB  . THR A 1 37  ? -3.026  -10.450 6.969   1.00 17.38 ? 38  THR A CB  1 
ATOM   304  O  OG1 . THR A 1 37  ? -3.478  -11.793 6.715   1.00 13.95 ? 38  THR A OG1 1 
ATOM   305  C  CG2 . THR A 1 37  ? -1.505  -10.441 7.171   1.00 15.99 ? 38  THR A CG2 1 
ATOM   306  N  N   . MET A 1 38  ? -3.705  -7.467  7.834   1.00 14.40 ? 39  MET A N   1 
ATOM   307  C  CA  . MET A 1 38  ? -3.245  -6.096  8.051   1.00 16.72 ? 39  MET A CA  1 
ATOM   308  C  C   . MET A 1 38  ? -3.533  -5.622  9.473   1.00 17.79 ? 39  MET A C   1 
ATOM   309  O  O   . MET A 1 38  ? -2.655  -5.071  10.144  1.00 17.32 ? 39  MET A O   1 
ATOM   310  C  CB  . MET A 1 38  ? -3.902  -5.126  7.061   1.00 14.90 ? 39  MET A CB  1 
ATOM   311  C  CG  . MET A 1 38  ? -3.410  -3.691  7.227   1.00 16.38 ? 39  MET A CG  1 
ATOM   312  S  SD  . MET A 1 38  ? -4.185  -2.501  6.119   1.00 19.06 ? 39  MET A SD  1 
ATOM   313  C  CE  . MET A 1 38  ? -5.762  -2.293  6.929   1.00 15.08 ? 39  MET A CE  1 
ATOM   314  N  N   . ILE A 1 39  ? -4.765  -5.831  9.928   1.00 19.70 ? 40  ILE A N   1 
ATOM   315  C  CA  . ILE A 1 39  ? -5.152  -5.423  11.275  1.00 21.30 ? 40  ILE A CA  1 
ATOM   316  C  C   . ILE A 1 39  ? -4.380  -6.195  12.345  1.00 22.61 ? 40  ILE A C   1 
ATOM   317  O  O   . ILE A 1 39  ? -3.974  -5.625  13.360  1.00 23.07 ? 40  ILE A O   1 
ATOM   318  C  CB  . ILE A 1 39  ? -6.671  -5.619  11.499  1.00 22.29 ? 40  ILE A CB  1 
ATOM   319  C  CG1 . ILE A 1 39  ? -7.454  -4.716  10.536  1.00 20.89 ? 40  ILE A CG1 1 
ATOM   320  C  CG2 . ILE A 1 39  ? -7.037  -5.334  12.953  1.00 22.30 ? 40  ILE A CG2 1 
ATOM   321  C  CD1 . ILE A 1 39  ? -7.044  -3.249  10.563  1.00 20.69 ? 40  ILE A CD1 1 
ATOM   322  N  N   . ALA A 1 40  ? -4.165  -7.488  12.114  1.00 22.08 ? 41  ALA A N   1 
ATOM   323  C  CA  . ALA A 1 40  ? -3.442  -8.312  13.082  1.00 22.41 ? 41  ALA A CA  1 
ATOM   324  C  C   . ALA A 1 40  ? -2.009  -7.818  13.285  1.00 23.17 ? 41  ALA A C   1 
ATOM   325  O  O   . ALA A 1 40  ? -1.437  -7.987  14.361  1.00 22.64 ? 41  ALA A O   1 
ATOM   326  C  CB  . ALA A 1 40  ? -3.435  -9.769  12.631  1.00 23.01 ? 41  ALA A CB  1 
ATOM   327  N  N   . SER A 1 41  ? -1.427  -7.222  12.247  1.00 22.82 ? 42  SER A N   1 
ATOM   328  C  CA  . SER A 1 41  ? -0.068  -6.694  12.344  1.00 23.03 ? 42  SER A CA  1 
ATOM   329  C  C   . SER A 1 41  ? -0.106  -5.181  12.540  1.00 21.99 ? 42  SER A C   1 
ATOM   330  O  O   . SER A 1 41  ? 0.914   -4.506  12.430  1.00 20.84 ? 42  SER A O   1 
ATOM   331  C  CB  . SER A 1 41  ? 0.740   -7.041  11.091  1.00 22.68 ? 42  SER A CB  1 
ATOM   332  O  OG  . SER A 1 41  ? 1.053   -8.425  11.056  1.00 26.90 ? 42  SER A OG  1 
ATOM   333  N  N   . GLU A 1 42  ? -1.299  -4.665  12.827  1.00 22.97 ? 43  GLU A N   1 
ATOM   334  C  CA  . GLU A 1 42  ? -1.519  -3.238  13.065  1.00 25.21 ? 43  GLU A CA  1 
ATOM   335  C  C   . GLU A 1 42  ? -1.035  -2.291  11.966  1.00 23.91 ? 43  GLU A C   1 
ATOM   336  O  O   . GLU A 1 42  ? -0.394  -1.280  12.248  1.00 22.96 ? 43  GLU A O   1 
ATOM   337  C  CB  . GLU A 1 42  ? -0.890  -2.841  14.404  1.00 27.87 ? 43  GLU A CB  1 
ATOM   338  C  CG  . GLU A 1 42  ? -1.717  -3.266  15.612  1.00 32.42 ? 43  GLU A CG  1 
ATOM   339  C  CD  . GLU A 1 42  ? -0.867  -3.667  16.797  1.00 34.47 ? 43  GLU A CD  1 
ATOM   340  O  OE1 . GLU A 1 42  ? 0.038   -2.892  17.175  1.00 36.28 ? 43  GLU A OE1 1 
ATOM   341  O  OE2 . GLU A 1 42  ? -1.109  -4.760  17.352  1.00 36.34 ? 43  GLU A OE2 1 
ATOM   342  N  N   . GLY A 1 43  ? -1.352  -2.616  10.717  1.00 21.49 ? 44  GLY A N   1 
ATOM   343  C  CA  . GLY A 1 43  ? -0.948  -1.762  9.616   1.00 21.28 ? 44  GLY A CA  1 
ATOM   344  C  C   . GLY A 1 43  ? -2.111  -0.908  9.142   1.00 21.33 ? 44  GLY A C   1 
ATOM   345  O  O   . GLY A 1 43  ? -3.258  -1.139  9.526   1.00 20.43 ? 44  GLY A O   1 
ATOM   346  N  N   . ILE A 1 44  ? -1.827  0.100   8.327   1.00 21.02 ? 45  ILE A N   1 
ATOM   347  C  CA  . ILE A 1 44  ? -2.890  0.945   7.812   1.00 22.37 ? 45  ILE A CA  1 
ATOM   348  C  C   . ILE A 1 44  ? -2.993  0.742   6.307   1.00 20.97 ? 45  ILE A C   1 
ATOM   349  O  O   . ILE A 1 44  ? -3.961  1.161   5.678   1.00 23.02 ? 45  ILE A O   1 
ATOM   350  C  CB  . ILE A 1 44  ? -2.650  2.436   8.144   1.00 24.74 ? 45  ILE A CB  1 
ATOM   351  C  CG1 . ILE A 1 44  ? -1.348  2.926   7.515   1.00 28.15 ? 45  ILE A CG1 1 
ATOM   352  C  CG2 . ILE A 1 44  ? -2.581  2.620   9.651   1.00 25.39 ? 45  ILE A CG2 1 
ATOM   353  C  CD1 . ILE A 1 44  ? -1.085  4.398   7.772   1.00 31.19 ? 45  ILE A CD1 1 
ATOM   354  N  N   . GLY A 1 45  ? -1.987  0.075   5.746   1.00 19.65 ? 46  GLY A N   1 
ATOM   355  C  CA  . GLY A 1 45  ? -1.971  -0.213  4.322   1.00 17.89 ? 46  GLY A CA  1 
ATOM   356  C  C   . GLY A 1 45  ? -1.343  -1.568  4.034   1.00 17.23 ? 46  GLY A C   1 
ATOM   357  O  O   . GLY A 1 45  ? -0.488  -2.034  4.786   1.00 15.29 ? 46  GLY A O   1 
ATOM   358  N  N   . LEU A 1 46  ? -1.771  -2.209  2.950   1.00 15.83 ? 47  LEU A N   1 
ATOM   359  C  CA  . LEU A 1 46  ? -1.224  -3.509  2.570   1.00 14.56 ? 47  LEU A CA  1 
ATOM   360  C  C   . LEU A 1 46  ? -1.502  -3.846  1.101   1.00 13.46 ? 47  LEU A C   1 
ATOM   361  O  O   . LEU A 1 46  ? -2.643  -3.805  0.653   1.00 11.41 ? 47  LEU A O   1 
ATOM   362  C  CB  . LEU A 1 46  ? -1.808  -4.614  3.454   1.00 15.33 ? 47  LEU A CB  1 
ATOM   363  C  CG  . LEU A 1 46  ? -1.244  -6.013  3.183   1.00 16.12 ? 47  LEU A CG  1 
ATOM   364  C  CD1 . LEU A 1 46  ? 0.178   -6.085  3.732   1.00 15.74 ? 47  LEU A CD1 1 
ATOM   365  C  CD2 . LEU A 1 46  ? -2.122  -7.086  3.837   1.00 14.63 ? 47  LEU A CD2 1 
ATOM   366  N  N   . ALA A 1 47  ? -0.447  -4.178  0.364   1.00 13.88 ? 48  ALA A N   1 
ATOM   367  C  CA  . ALA A 1 47  ? -0.563  -4.550  -1.042  1.00 13.24 ? 48  ALA A CA  1 
ATOM   368  C  C   . ALA A 1 47  ? -0.550  -6.069  -1.138  1.00 14.09 ? 48  ALA A C   1 
ATOM   369  O  O   . ALA A 1 47  ? 0.013   -6.751  -0.276  1.00 14.63 ? 48  ALA A O   1 
ATOM   370  C  CB  . ALA A 1 47  ? 0.593   -3.970  -1.835  1.00 11.62 ? 48  ALA A CB  1 
ATOM   371  N  N   . ALA A 1 48  ? -1.166  -6.598  -2.190  1.00 15.44 ? 49  ALA A N   1 
ATOM   372  C  CA  . ALA A 1 48  ? -1.237  -8.040  -2.389  1.00 14.94 ? 49  ALA A CA  1 
ATOM   373  C  C   . ALA A 1 48  ? 0.106   -8.788  -2.396  1.00 13.54 ? 49  ALA A C   1 
ATOM   374  O  O   . ALA A 1 48  ? 0.194   -9.860  -1.803  1.00 13.85 ? 49  ALA A O   1 
ATOM   375  C  CB  . ALA A 1 48  ? -2.026  -8.353  -3.667  1.00 14.20 ? 49  ALA A CB  1 
ATOM   376  N  N   . ILE A 1 49  ? 1.148   -8.256  -3.045  1.00 13.04 ? 50  ILE A N   1 
ATOM   377  C  CA  . ILE A 1 49  ? 2.432   -8.976  -3.047  1.00 14.97 ? 50  ILE A CA  1 
ATOM   378  C  C   . ILE A 1 49  ? 3.016   -9.115  -1.657  1.00 13.57 ? 50  ILE A C   1 
ATOM   379  O  O   . ILE A 1 49  ? 3.855   -9.981  -1.427  1.00 12.77 ? 50  ILE A O   1 
ATOM   380  C  CB  . ILE A 1 49  ? 3.537   -8.315  -3.922  1.00 16.44 ? 50  ILE A CB  1 
ATOM   381  C  CG1 . ILE A 1 49  ? 3.274   -6.826  -4.070  1.00 17.66 ? 50  ILE A CG1 1 
ATOM   382  C  CG2 . ILE A 1 49  ? 3.680   -9.068  -5.230  1.00 19.93 ? 50  ILE A CG2 1 
ATOM   383  C  CD1 . ILE A 1 49  ? 3.594   -6.040  -2.829  1.00 20.48 ? 50  ILE A CD1 1 
ATOM   384  N  N   . GLN A 1 50  ? 2.591   -8.254  -0.739  1.00 12.34 ? 51  GLN A N   1 
ATOM   385  C  CA  . GLN A 1 50  ? 3.091   -8.328  0.623   1.00 14.47 ? 51  GLN A CA  1 
ATOM   386  C  C   . GLN A 1 50  ? 2.648   -9.636  1.291   1.00 15.06 ? 51  GLN A C   1 
ATOM   387  O  O   . GLN A 1 50  ? 3.155   -10.004 2.342   1.00 14.17 ? 51  GLN A O   1 
ATOM   388  C  CB  . GLN A 1 50  ? 2.631   -7.109  1.423   1.00 14.52 ? 51  GLN A CB  1 
ATOM   389  C  CG  . GLN A 1 50  ? 3.410   -5.842  1.081   1.00 14.98 ? 51  GLN A CG  1 
ATOM   390  C  CD  . GLN A 1 50  ? 2.993   -4.654  1.920   1.00 16.16 ? 51  GLN A CD  1 
ATOM   391  O  OE1 . GLN A 1 50  ? 1.939   -4.071  1.705   1.00 16.71 ? 51  GLN A OE1 1 
ATOM   392  N  NE2 . GLN A 1 50  ? 3.820   -4.299  2.896   1.00 19.06 ? 51  GLN A NE2 1 
ATOM   393  N  N   . VAL A 1 51  ? 1.701   -10.336 0.674   1.00 14.52 ? 52  VAL A N   1 
ATOM   394  C  CA  . VAL A 1 51  ? 1.257   -11.622 1.201   1.00 16.17 ? 52  VAL A CA  1 
ATOM   395  C  C   . VAL A 1 51  ? 1.454   -12.697 0.133   1.00 17.12 ? 52  VAL A C   1 
ATOM   396  O  O   . VAL A 1 51  ? 0.858   -13.767 0.198   1.00 16.38 ? 52  VAL A O   1 
ATOM   397  C  CB  . VAL A 1 51  ? -0.228  -11.600 1.665   1.00 17.58 ? 52  VAL A CB  1 
ATOM   398  C  CG1 . VAL A 1 51  ? -0.372  -10.694 2.887   1.00 15.25 ? 52  VAL A CG1 1 
ATOM   399  C  CG2 . VAL A 1 51  ? -1.139  -11.135 0.535   1.00 14.26 ? 52  VAL A CG2 1 
ATOM   400  N  N   . GLY A 1 52  ? 2.298   -12.391 -0.854  1.00 16.90 ? 53  GLY A N   1 
ATOM   401  C  CA  . GLY A 1 52  ? 2.596   -13.338 -1.917  1.00 17.29 ? 53  GLY A CA  1 
ATOM   402  C  C   . GLY A 1 52  ? 1.667   -13.399 -3.121  1.00 18.05 ? 53  GLY A C   1 
ATOM   403  O  O   . GLY A 1 52  ? 1.826   -14.283 -3.966  1.00 17.20 ? 53  GLY A O   1 
ATOM   404  N  N   . LEU A 1 53  ? 0.708   -12.477 -3.209  1.00 15.50 ? 54  LEU A N   1 
ATOM   405  C  CA  . LEU A 1 53  ? -0.242  -12.450 -4.318  1.00 17.15 ? 54  LEU A CA  1 
ATOM   406  C  C   . LEU A 1 53  ? 0.093   -11.339 -5.311  1.00 17.27 ? 54  LEU A C   1 
ATOM   407  O  O   . LEU A 1 53  ? -0.191  -10.167 -5.059  1.00 13.85 ? 54  LEU A O   1 
ATOM   408  C  CB  . LEU A 1 53  ? -1.665  -12.235 -3.804  1.00 20.86 ? 54  LEU A CB  1 
ATOM   409  C  CG  . LEU A 1 53  ? -2.344  -13.319 -2.969  1.00 25.49 ? 54  LEU A CG  1 
ATOM   410  C  CD1 . LEU A 1 53  ? -3.740  -12.839 -2.573  1.00 25.46 ? 54  LEU A CD1 1 
ATOM   411  C  CD2 . LEU A 1 53  ? -2.441  -14.614 -3.775  1.00 28.03 ? 54  LEU A CD2 1 
ATOM   412  N  N   . PRO A 1 54  ? 0.692   -11.701 -6.456  1.00 15.33 ? 55  PRO A N   1 
ATOM   413  C  CA  . PRO A 1 54  ? 1.074   -10.746 -7.497  1.00 17.02 ? 55  PRO A CA  1 
ATOM   414  C  C   . PRO A 1 54  ? -0.107  -10.161 -8.278  1.00 18.04 ? 55  PRO A C   1 
ATOM   415  O  O   . PRO A 1 54  ? -0.137  -10.211 -9.509  1.00 18.88 ? 55  PRO A O   1 
ATOM   416  C  CB  . PRO A 1 54  ? 2.019   -11.569 -8.376  1.00 17.56 ? 55  PRO A CB  1 
ATOM   417  C  CG  . PRO A 1 54  ? 1.418   -12.941 -8.297  1.00 17.13 ? 55  PRO A CG  1 
ATOM   418  C  CD  . PRO A 1 54  ? 1.100   -13.071 -6.821  1.00 17.81 ? 55  PRO A CD  1 
ATOM   419  N  N   . LEU A 1 55  ? -1.073  -9.606  -7.550  1.00 17.09 ? 56  LEU A N   1 
ATOM   420  C  CA  . LEU A 1 55  ? -2.256  -8.995  -8.150  1.00 16.40 ? 56  LEU A CA  1 
ATOM   421  C  C   . LEU A 1 55  ? -2.248  -7.496  -7.864  1.00 15.63 ? 56  LEU A C   1 
ATOM   422  O  O   . LEU A 1 55  ? -1.839  -7.057  -6.786  1.00 13.88 ? 56  LEU A O   1 
ATOM   423  C  CB  . LEU A 1 55  ? -3.529  -9.631  -7.581  1.00 17.55 ? 56  LEU A CB  1 
ATOM   424  C  CG  . LEU A 1 55  ? -3.643  -11.153 -7.773  1.00 20.46 ? 56  LEU A CG  1 
ATOM   425  C  CD1 . LEU A 1 55  ? -4.879  -11.682 -7.061  1.00 20.33 ? 56  LEU A CD1 1 
ATOM   426  C  CD2 . LEU A 1 55  ? -3.697  -11.477 -9.267  1.00 20.95 ? 56  LEU A CD2 1 
ATOM   427  N  N   . ARG A 1 56  ? -2.694  -6.705  -8.829  1.00 14.64 ? 57  ARG A N   1 
ATOM   428  C  CA  . ARG A 1 56  ? -2.704  -5.264  -8.642  1.00 14.62 ? 57  ARG A CA  1 
ATOM   429  C  C   . ARG A 1 56  ? -3.897  -4.817  -7.807  1.00 15.37 ? 57  ARG A C   1 
ATOM   430  O  O   . ARG A 1 56  ? -4.888  -4.291  -8.325  1.00 15.81 ? 57  ARG A O   1 
ATOM   431  C  CB  . ARG A 1 56  ? -2.672  -4.557  -10.000 1.00 14.15 ? 57  ARG A CB  1 
ATOM   432  C  CG  . ARG A 1 56  ? -1.424  -4.913  -10.815 1.00 13.95 ? 57  ARG A CG  1 
ATOM   433  C  CD  . ARG A 1 56  ? -1.349  -4.138  -12.128 1.00 14.57 ? 57  ARG A CD  1 
ATOM   434  N  NE  . ARG A 1 56  ? -0.907  -2.763  -11.927 1.00 13.38 ? 57  ARG A NE  1 
ATOM   435  C  CZ  . ARG A 1 56  ? 0.338   -2.413  -11.618 1.00 14.07 ? 57  ARG A CZ  1 
ATOM   436  N  NH1 . ARG A 1 56  ? 1.283   -3.338  -11.477 1.00 10.41 ? 57  ARG A NH1 1 
ATOM   437  N  NH2 . ARG A 1 56  ? 0.636   -1.136  -11.437 1.00 11.32 ? 57  ARG A NH2 1 
ATOM   438  N  N   . MET A 1 57  ? -3.790  -5.060  -6.500  1.00 14.59 ? 58  MET A N   1 
ATOM   439  C  CA  . MET A 1 57  ? -4.822  -4.681  -5.544  1.00 14.48 ? 58  MET A CA  1 
ATOM   440  C  C   . MET A 1 57  ? -4.198  -4.399  -4.179  1.00 14.42 ? 58  MET A C   1 
ATOM   441  O  O   . MET A 1 57  ? -3.204  -5.021  -3.782  1.00 12.57 ? 58  MET A O   1 
ATOM   442  C  CB  . MET A 1 57  ? -5.906  -5.765  -5.435  1.00 15.83 ? 58  MET A CB  1 
ATOM   443  C  CG  . MET A 1 57  ? -5.438  -7.142  -4.990  1.00 20.34 ? 58  MET A CG  1 
ATOM   444  S  SD  . MET A 1 57  ? -6.821  -8.335  -4.981  1.00 23.75 ? 58  MET A SD  1 
ATOM   445  C  CE  . MET A 1 57  ? -6.152  -9.621  -3.964  1.00 20.81 ? 58  MET A CE  1 
ATOM   446  N  N   . LEU A 1 58  ? -4.786  -3.448  -3.464  1.00 15.51 ? 59  LEU A N   1 
ATOM   447  C  CA  . LEU A 1 58  ? -4.264  -3.051  -2.160  1.00 17.28 ? 59  LEU A CA  1 
ATOM   448  C  C   . LEU A 1 58  ? -5.403  -2.536  -1.306  1.00 17.37 ? 59  LEU A C   1 
ATOM   449  O  O   . LEU A 1 58  ? -6.472  -2.200  -1.823  1.00 17.58 ? 59  LEU A O   1 
ATOM   450  C  CB  . LEU A 1 58  ? -3.233  -1.935  -2.350  1.00 14.44 ? 59  LEU A CB  1 
ATOM   451  C  CG  . LEU A 1 58  ? -3.819  -0.670  -3.003  1.00 16.99 ? 59  LEU A CG  1 
ATOM   452  C  CD1 . LEU A 1 58  ? -4.204  0.332   -1.911  1.00 12.25 ? 59  LEU A CD1 1 
ATOM   453  C  CD2 . LEU A 1 58  ? -2.814  -0.039  -3.960  1.00 14.40 ? 59  LEU A CD2 1 
ATOM   454  N  N   . ILE A 1 59  ? -5.176  -2.466  -0.001  1.00 15.78 ? 60  ILE A N   1 
ATOM   455  C  CA  . ILE A 1 59  ? -6.191  -1.950  0.899   1.00 16.54 ? 60  ILE A CA  1 
ATOM   456  C  C   . ILE A 1 59  ? -5.591  -0.883  1.796   1.00 17.59 ? 60  ILE A C   1 
ATOM   457  O  O   . ILE A 1 59  ? -4.409  -0.939  2.153   1.00 15.59 ? 60  ILE A O   1 
ATOM   458  C  CB  . ILE A 1 59  ? -6.803  -3.055  1.791   1.00 17.60 ? 60  ILE A CB  1 
ATOM   459  C  CG1 . ILE A 1 59  ? -5.702  -3.772  2.569   1.00 13.72 ? 60  ILE A CG1 1 
ATOM   460  C  CG2 . ILE A 1 59  ? -7.603  -4.028  0.936   1.00 17.19 ? 60  ILE A CG2 1 
ATOM   461  C  CD1 . ILE A 1 59  ? -6.223  -4.785  3.564   1.00 14.15 ? 60  ILE A CD1 1 
ATOM   462  N  N   . ILE A 1 60  ? -6.415  0.096   2.146   1.00 17.27 ? 61  ILE A N   1 
ATOM   463  C  CA  . ILE A 1 60  ? -5.999  1.184   3.012   1.00 18.28 ? 61  ILE A CA  1 
ATOM   464  C  C   . ILE A 1 60  ? -7.141  1.515   3.969   1.00 19.28 ? 61  ILE A C   1 
ATOM   465  O  O   . ILE A 1 60  ? -8.282  1.711   3.553   1.00 18.83 ? 61  ILE A O   1 
ATOM   466  C  CB  . ILE A 1 60  ? -5.638  2.456   2.202   1.00 16.29 ? 61  ILE A CB  1 
ATOM   467  C  CG1 . ILE A 1 60  ? -4.393  2.202   1.350   1.00 15.92 ? 61  ILE A CG1 1 
ATOM   468  C  CG2 . ILE A 1 60  ? -5.387  3.628   3.147   1.00 15.46 ? 61  ILE A CG2 1 
ATOM   469  C  CD1 . ILE A 1 60  ? -4.127  3.290   0.319   1.00 13.69 ? 61  ILE A CD1 1 
ATOM   470  N  N   . ASN A 1 61  ? -6.829  1.552   5.257   1.00 20.93 ? 62  ASN A N   1 
ATOM   471  C  CA  . ASN A 1 61  ? -7.823  1.886   6.260   1.00 22.19 ? 62  ASN A CA  1 
ATOM   472  C  C   . ASN A 1 61  ? -7.147  2.765   7.295   1.00 22.38 ? 62  ASN A C   1 
ATOM   473  O  O   . ASN A 1 61  ? -6.452  2.286   8.190   1.00 21.84 ? 62  ASN A O   1 
ATOM   474  C  CB  . ASN A 1 61  ? -8.401  0.624   6.908   1.00 23.24 ? 62  ASN A CB  1 
ATOM   475  C  CG  . ASN A 1 61  ? -9.621  0.919   7.764   1.00 26.81 ? 62  ASN A CG  1 
ATOM   476  O  OD1 . ASN A 1 61  ? -10.355 1.876   7.507   1.00 29.13 ? 62  ASN A OD1 1 
ATOM   477  N  ND2 . ASN A 1 61  ? -9.853  0.091   8.773   1.00 28.21 ? 62  ASN A ND2 1 
ATOM   478  N  N   . LEU A 1 62  ? -7.341  4.067   7.140   1.00 24.96 ? 63  LEU A N   1 
ATOM   479  C  CA  . LEU A 1 62  ? -6.753  5.036   8.041   1.00 27.16 ? 63  LEU A CA  1 
ATOM   480  C  C   . LEU A 1 62  ? -7.602  5.156   9.293   1.00 28.50 ? 63  LEU A C   1 
ATOM   481  O  O   . LEU A 1 62  ? -8.825  5.065   9.231   1.00 28.13 ? 63  LEU A O   1 
ATOM   482  C  CB  . LEU A 1 62  ? -6.665  6.403   7.360   1.00 26.16 ? 63  LEU A CB  1 
ATOM   483  C  CG  . LEU A 1 62  ? -5.963  6.499   6.002   1.00 26.77 ? 63  LEU A CG  1 
ATOM   484  C  CD1 . LEU A 1 62  ? -5.837  7.968   5.618   1.00 26.31 ? 63  LEU A CD1 1 
ATOM   485  C  CD2 . LEU A 1 62  ? -4.586  5.850   6.066   1.00 25.31 ? 63  LEU A CD2 1 
ATOM   486  N  N   . PRO A 1 63  ? -6.959  5.333   10.456  1.00 32.62 ? 64  PRO A N   1 
ATOM   487  C  CA  . PRO A 1 63  ? -7.723  5.469   11.697  1.00 37.31 ? 64  PRO A CA  1 
ATOM   488  C  C   . PRO A 1 63  ? -8.295  6.883   11.699  1.00 41.14 ? 64  PRO A C   1 
ATOM   489  O  O   . PRO A 1 63  ? -7.631  7.817   11.251  1.00 39.87 ? 64  PRO A O   1 
ATOM   490  C  CB  . PRO A 1 63  ? -6.664  5.260   12.774  1.00 36.60 ? 64  PRO A CB  1 
ATOM   491  C  CG  . PRO A 1 63  ? -5.436  5.833   12.143  1.00 35.55 ? 64  PRO A CG  1 
ATOM   492  C  CD  . PRO A 1 63  ? -5.510  5.315   10.722  1.00 32.70 ? 64  PRO A CD  1 
ATOM   493  N  N   . GLN A 1 64  ? -9.520  7.050   12.186  1.00 47.13 ? 65  GLN A N   1 
ATOM   494  C  CA  . GLN A 1 64  ? -10.124 8.376   12.193  1.00 52.60 ? 65  GLN A CA  1 
ATOM   495  C  C   . GLN A 1 64  ? -9.875  9.181   13.463  1.00 55.03 ? 65  GLN A C   1 
ATOM   496  O  O   . GLN A 1 64  ? -8.865  8.995   14.139  1.00 54.94 ? 65  GLN A O   1 
ATOM   497  C  CB  . GLN A 1 64  ? -11.626 8.274   11.912  1.00 53.45 ? 65  GLN A CB  1 
ATOM   498  C  CG  . GLN A 1 64  ? -12.373 7.280   12.770  1.00 55.62 ? 65  GLN A CG  1 
ATOM   499  C  CD  . GLN A 1 64  ? -13.846 7.223   12.417  1.00 57.81 ? 65  GLN A CD  1 
ATOM   500  O  OE1 . GLN A 1 64  ? -14.216 6.901   11.284  1.00 56.78 ? 65  GLN A OE1 1 
ATOM   501  N  NE2 . GLN A 1 64  ? -14.700 7.543   13.387  1.00 59.03 ? 65  GLN A NE2 1 
ATOM   502  N  N   . GLU A 1 65  ? -10.796 10.091  13.766  1.00 60.16 ? 66  GLU A N   1 
ATOM   503  C  CA  . GLU A 1 65  ? -10.691 10.951  14.941  1.00 64.21 ? 66  GLU A CA  1 
ATOM   504  C  C   . GLU A 1 65  ? -10.431 10.171  16.227  1.00 64.89 ? 66  GLU A C   1 
ATOM   505  O  O   . GLU A 1 65  ? -9.443  10.416  16.920  1.00 64.77 ? 66  GLU A O   1 
ATOM   506  C  CB  . GLU A 1 65  ? -11.968 11.782  15.087  1.00 66.68 ? 66  GLU A CB  1 
ATOM   507  C  CG  . GLU A 1 65  ? -12.291 12.622  13.861  1.00 70.74 ? 66  GLU A CG  1 
ATOM   508  C  CD  . GLU A 1 65  ? -13.614 13.356  13.984  1.00 73.27 ? 66  GLU A CD  1 
ATOM   509  O  OE1 . GLU A 1 65  ? -14.652 12.686  14.171  1.00 74.40 ? 66  GLU A OE1 1 
ATOM   510  O  OE2 . GLU A 1 65  ? -13.617 14.603  13.891  1.00 74.53 ? 66  GLU A OE2 1 
ATOM   511  N  N   . ASP A 1 66  ? -11.319 9.231   16.544  1.00 65.85 ? 67  ASP A N   1 
ATOM   512  C  CA  . ASP A 1 66  ? -11.177 8.420   17.750  1.00 65.59 ? 67  ASP A CA  1 
ATOM   513  C  C   . ASP A 1 66  ? -9.839  7.683   17.789  1.00 64.22 ? 67  ASP A C   1 
ATOM   514  O  O   . ASP A 1 66  ? -9.467  7.107   18.812  1.00 64.15 ? 67  ASP A O   1 
ATOM   515  C  CB  . ASP A 1 66  ? -12.329 7.415   17.854  1.00 67.33 ? 67  ASP A CB  1 
ATOM   516  C  CG  . ASP A 1 66  ? -12.533 6.624   16.578  1.00 69.67 ? 67  ASP A CG  1 
ATOM   517  O  OD1 . ASP A 1 66  ? -11.541 6.075   16.059  1.00 71.21 ? 67  ASP A OD1 1 
ATOM   518  O  OD2 . ASP A 1 66  ? -13.684 6.548   16.096  1.00 70.22 ? 67  ASP A OD2 1 
ATOM   519  N  N   . GLY A 1 67  ? -9.120  7.708   16.670  1.00 61.72 ? 68  GLY A N   1 
ATOM   520  C  CA  . GLY A 1 67  ? -7.827  7.052   16.603  1.00 57.97 ? 68  GLY A CA  1 
ATOM   521  C  C   . GLY A 1 67  ? -7.914  5.573   16.281  1.00 56.06 ? 68  GLY A C   1 
ATOM   522  O  O   . GLY A 1 67  ? -6.892  4.893   16.180  1.00 55.82 ? 68  GLY A O   1 
ATOM   523  N  N   . VAL A 1 68  ? -9.131  5.070   16.120  1.00 53.52 ? 69  VAL A N   1 
ATOM   524  C  CA  . VAL A 1 68  ? -9.326  3.663   15.808  1.00 52.05 ? 69  VAL A CA  1 
ATOM   525  C  C   . VAL A 1 68  ? -9.699  3.496   14.339  1.00 50.62 ? 69  VAL A C   1 
ATOM   526  O  O   . VAL A 1 68  ? -10.130 4.446   13.684  1.00 50.41 ? 69  VAL A O   1 
ATOM   527  C  CB  . VAL A 1 68  ? -10.445 3.039   16.682  1.00 52.28 ? 69  VAL A CB  1 
ATOM   528  C  CG1 . VAL A 1 68  ? -10.369 3.595   18.098  1.00 51.63 ? 69  VAL A CG1 1 
ATOM   529  C  CG2 . VAL A 1 68  ? -11.813 3.298   16.064  1.00 52.15 ? 69  VAL A CG2 1 
ATOM   530  N  N   . GLN A 1 69  ? -9.525  2.284   13.824  1.00 48.27 ? 70  GLN A N   1 
ATOM   531  C  CA  . GLN A 1 69  ? -9.858  1.992   12.439  1.00 46.42 ? 70  GLN A CA  1 
ATOM   532  C  C   . GLN A 1 69  ? -11.251 1.379   12.386  1.00 45.82 ? 70  GLN A C   1 
ATOM   533  O  O   . GLN A 1 69  ? -11.644 0.640   13.286  1.00 45.85 ? 70  GLN A O   1 
ATOM   534  C  CB  . GLN A 1 69  ? -8.850  1.006   11.844  1.00 44.32 ? 70  GLN A CB  1 
ATOM   535  C  CG  . GLN A 1 69  ? -7.417  1.499   11.815  1.00 40.44 ? 70  GLN A CG  1 
ATOM   536  C  CD  . GLN A 1 69  ? -6.442  0.395   11.456  1.00 38.60 ? 70  GLN A CD  1 
ATOM   537  O  OE1 . GLN A 1 69  ? -6.322  -0.594  12.176  1.00 35.96 ? 70  GLN A OE1 1 
ATOM   538  N  NE2 . GLN A 1 69  ? -5.745  0.555   10.336  1.00 38.50 ? 70  GLN A NE2 1 
ATOM   539  N  N   . HIS A 1 70  ? -11.991 1.692   11.330  1.00 46.37 ? 71  HIS A N   1 
ATOM   540  C  CA  . HIS A 1 70  ? -13.334 1.159   11.143  1.00 47.29 ? 71  HIS A CA  1 
ATOM   541  C  C   . HIS A 1 70  ? -13.424 0.515   9.767   1.00 46.57 ? 71  HIS A C   1 
ATOM   542  O  O   . HIS A 1 70  ? -13.290 1.188   8.750   1.00 47.05 ? 71  HIS A O   1 
ATOM   543  C  CB  . HIS A 1 70  ? -14.373 2.275   11.290  1.00 48.23 ? 71  HIS A CB  1 
ATOM   544  C  CG  . HIS A 1 70  ? -14.582 2.711   12.708  1.00 50.04 ? 71  HIS A CG  1 
ATOM   545  N  ND1 . HIS A 1 70  ? -15.189 1.905   13.648  1.00 50.33 ? 71  HIS A ND1 1 
ATOM   546  C  CD2 . HIS A 1 70  ? -14.219 3.841   13.357  1.00 49.92 ? 71  HIS A CD2 1 
ATOM   547  C  CE1 . HIS A 1 70  ? -15.188 2.521   14.818  1.00 51.69 ? 71  HIS A CE1 1 
ATOM   548  N  NE2 . HIS A 1 70  ? -14.604 3.697   14.668  1.00 51.90 ? 71  HIS A NE2 1 
ATOM   549  N  N   . LYS A 1 71  ? -13.640 -0.796  9.753   1.00 46.55 ? 72  LYS A N   1 
ATOM   550  C  CA  . LYS A 1 71  ? -13.722 -1.565  8.517   1.00 47.39 ? 72  LYS A CA  1 
ATOM   551  C  C   . LYS A 1 71  ? -14.548 -0.879  7.437   1.00 47.43 ? 72  LYS A C   1 
ATOM   552  O  O   . LYS A 1 71  ? -14.351 -1.123  6.247   1.00 48.40 ? 72  LYS A O   1 
ATOM   553  C  CB  . LYS A 1 71  ? -14.293 -2.955  8.806   1.00 46.58 ? 72  LYS A CB  1 
ATOM   554  C  CG  . LYS A 1 71  ? -14.134 -3.946  7.664   1.00 46.84 ? 72  LYS A CG  1 
ATOM   555  C  CD  . LYS A 1 71  ? -14.686 -5.311  8.048   1.00 48.81 ? 72  LYS A CD  1 
ATOM   556  C  CE  . LYS A 1 71  ? -14.592 -6.307  6.902   1.00 49.36 ? 72  LYS A CE  1 
ATOM   557  N  NZ  . LYS A 1 71  ? -13.187 -6.622  6.538   1.00 49.12 ? 72  LYS A NZ  1 
ATOM   558  N  N   . GLU A 1 72  ? -15.466 -0.016  7.849   1.00 47.78 ? 73  GLU A N   1 
ATOM   559  C  CA  . GLU A 1 72  ? -16.314 0.691   6.902   1.00 47.52 ? 73  GLU A CA  1 
ATOM   560  C  C   . GLU A 1 72  ? -15.552 1.726   6.083   1.00 44.61 ? 73  GLU A C   1 
ATOM   561  O  O   . GLU A 1 72  ? -15.952 2.051   4.968   1.00 44.54 ? 73  GLU A O   1 
ATOM   562  C  CB  . GLU A 1 72  ? -17.473 1.365   7.638   1.00 50.72 ? 73  GLU A CB  1 
ATOM   563  C  CG  . GLU A 1 72  ? -18.497 0.381   8.170   1.00 54.93 ? 73  GLU A CG  1 
ATOM   564  C  CD  . GLU A 1 72  ? -19.605 1.055   8.951   1.00 57.40 ? 73  GLU A CD  1 
ATOM   565  O  OE1 . GLU A 1 72  ? -20.565 0.355   9.337   1.00 58.94 ? 73  GLU A OE1 1 
ATOM   566  O  OE2 . GLU A 1 72  ? -19.512 2.281   9.183   1.00 59.61 ? 73  GLU A OE2 1 
ATOM   567  N  N   . ASP A 1 73  ? -14.459 2.240   6.635   1.00 41.38 ? 74  ASP A N   1 
ATOM   568  C  CA  . ASP A 1 73  ? -13.658 3.235   5.932   1.00 38.96 ? 74  ASP A CA  1 
ATOM   569  C  C   . ASP A 1 73  ? -12.542 2.583   5.114   1.00 36.15 ? 74  ASP A C   1 
ATOM   570  O  O   . ASP A 1 73  ? -11.705 3.276   4.530   1.00 34.57 ? 74  ASP A O   1 
ATOM   571  C  CB  . ASP A 1 73  ? -13.033 4.231   6.919   1.00 41.36 ? 74  ASP A CB  1 
ATOM   572  C  CG  . ASP A 1 73  ? -14.057 4.878   7.840   1.00 43.19 ? 74  ASP A CG  1 
ATOM   573  O  OD1 . ASP A 1 73  ? -15.203 5.112   7.398   1.00 43.85 ? 74  ASP A OD1 1 
ATOM   574  O  OD2 . ASP A 1 73  ? -13.707 5.167   9.006   1.00 43.53 ? 74  ASP A OD2 1 
ATOM   575  N  N   . CYS A 1 74  ? -12.535 1.253   5.069   1.00 32.12 ? 75  CYS A N   1 
ATOM   576  C  CA  . CYS A 1 74  ? -11.508 0.528   4.335   1.00 28.62 ? 75  CYS A CA  1 
ATOM   577  C  C   . CYS A 1 74  ? -11.670 0.617   2.829   1.00 27.41 ? 75  CYS A C   1 
ATOM   578  O  O   . CYS A 1 74  ? -12.725 0.291   2.284   1.00 26.27 ? 75  CYS A O   1 
ATOM   579  C  CB  . CYS A 1 74  ? -11.489 -0.949  4.737   1.00 27.27 ? 75  CYS A CB  1 
ATOM   580  S  SG  . CYS A 1 74  ? -10.187 -1.899  3.899   1.00 24.32 ? 75  CYS A SG  1 
ATOM   581  N  N   . LEU A 1 75  ? -10.610 1.054   2.160   1.00 24.88 ? 76  LEU A N   1 
ATOM   582  C  CA  . LEU A 1 75  ? -10.615 1.163   0.710   1.00 23.58 ? 76  LEU A CA  1 
ATOM   583  C  C   . LEU A 1 75  ? -9.975  -0.073  0.092   1.00 21.49 ? 76  LEU A C   1 
ATOM   584  O  O   . LEU A 1 75  ? -8.904  -0.501  0.513   1.00 22.23 ? 76  LEU A O   1 
ATOM   585  C  CB  . LEU A 1 75  ? -9.827  2.395   0.260   1.00 22.86 ? 76  LEU A CB  1 
ATOM   586  C  CG  . LEU A 1 75  ? -10.364 3.771   0.648   1.00 25.18 ? 76  LEU A CG  1 
ATOM   587  C  CD1 . LEU A 1 75  ? -9.322  4.833   0.330   1.00 25.76 ? 76  LEU A CD1 1 
ATOM   588  C  CD2 . LEU A 1 75  ? -11.660 4.036   -0.097  1.00 23.57 ? 76  LEU A CD2 1 
ATOM   589  N  N   . GLU A 1 76  ? -10.646 -0.651  -0.896  1.00 20.40 ? 77  GLU A N   1 
ATOM   590  C  CA  . GLU A 1 76  ? -10.113 -1.802  -1.610  1.00 18.92 ? 77  GLU A CA  1 
ATOM   591  C  C   . GLU A 1 76  ? -9.838  -1.280  -3.010  1.00 18.18 ? 77  GLU A C   1 
ATOM   592  O  O   . GLU A 1 76  ? -10.747 -1.124  -3.821  1.00 17.40 ? 77  GLU A O   1 
ATOM   593  C  CB  . GLU A 1 76  ? -11.121 -2.952  -1.631  1.00 19.57 ? 77  GLU A CB  1 
ATOM   594  C  CG  . GLU A 1 76  ? -11.260 -3.648  -0.276  1.00 20.31 ? 77  GLU A CG  1 
ATOM   595  C  CD  . GLU A 1 76  ? -12.312 -4.747  -0.262  1.00 21.09 ? 77  GLU A CD  1 
ATOM   596  O  OE1 . GLU A 1 76  ? -12.250 -5.604  0.645   1.00 19.92 ? 77  GLU A OE1 1 
ATOM   597  O  OE2 . GLU A 1 76  ? -13.201 -4.751  -1.144  1.00 16.17 ? 77  GLU A OE2 1 
ATOM   598  N  N   . ILE A 1 77  ? -8.571  -0.986  -3.275  1.00 17.68 ? 78  ILE A N   1 
ATOM   599  C  CA  . ILE A 1 77  ? -8.153  -0.438  -4.555  1.00 16.15 ? 78  ILE A CA  1 
ATOM   600  C  C   . ILE A 1 77  ? -7.572  -1.495  -5.494  1.00 17.22 ? 78  ILE A C   1 
ATOM   601  O  O   . ILE A 1 77  ? -6.532  -2.093  -5.215  1.00 16.13 ? 78  ILE A O   1 
ATOM   602  C  CB  . ILE A 1 77  ? -7.150  0.709   -4.307  1.00 15.20 ? 78  ILE A CB  1 
ATOM   603  C  CG1 . ILE A 1 77  ? -7.875  1.853   -3.576  1.00 15.88 ? 78  ILE A CG1 1 
ATOM   604  C  CG2 . ILE A 1 77  ? -6.545  1.182   -5.605  1.00 12.69 ? 78  ILE A CG2 1 
ATOM   605  C  CD1 . ILE A 1 77  ? -6.971  2.983   -3.107  1.00 12.13 ? 78  ILE A CD1 1 
ATOM   606  N  N   . ILE A 1 78  ? -8.257  -1.709  -6.616  1.00 16.48 ? 79  ILE A N   1 
ATOM   607  C  CA  . ILE A 1 78  ? -7.847  -2.706  -7.601  1.00 16.30 ? 79  ILE A CA  1 
ATOM   608  C  C   . ILE A 1 78  ? -7.602  -2.088  -8.975  1.00 16.73 ? 79  ILE A C   1 
ATOM   609  O  O   . ILE A 1 78  ? -8.349  -1.211  -9.418  1.00 16.32 ? 79  ILE A O   1 
ATOM   610  C  CB  . ILE A 1 78  ? -8.922  -3.813  -7.721  1.00 16.96 ? 79  ILE A CB  1 
ATOM   611  C  CG1 . ILE A 1 78  ? -9.248  -4.368  -6.327  1.00 15.51 ? 79  ILE A CG1 1 
ATOM   612  C  CG2 . ILE A 1 78  ? -8.423  -4.937  -8.616  1.00 14.71 ? 79  ILE A CG2 1 
ATOM   613  C  CD1 . ILE A 1 78  ? -10.402 -5.350  -6.304  1.00 17.58 ? 79  ILE A CD1 1 
ATOM   614  N  N   . ASN A 1 79  ? -6.555  -2.555  -9.651  1.00 15.69 ? 80  ASN A N   1 
ATOM   615  C  CA  . ASN A 1 79  ? -6.201  -2.037  -10.969 1.00 17.32 ? 80  ASN A CA  1 
ATOM   616  C  C   . ASN A 1 79  ? -6.145  -0.514  -10.940 1.00 17.17 ? 80  ASN A C   1 
ATOM   617  O  O   . ASN A 1 79  ? -6.672  0.150   -11.831 1.00 16.22 ? 80  ASN A O   1 
ATOM   618  C  CB  . ASN A 1 79  ? -7.225  -2.478  -12.022 1.00 16.33 ? 80  ASN A CB  1 
ATOM   619  C  CG  . ASN A 1 79  ? -7.305  -3.981  -12.159 1.00 18.28 ? 80  ASN A CG  1 
ATOM   620  O  OD1 . ASN A 1 79  ? -6.340  -4.686  -11.873 1.00 18.05 ? 80  ASN A OD1 1 
ATOM   621  N  ND2 . ASN A 1 79  ? -8.451  -4.483  -12.615 1.00 17.22 ? 80  ASN A ND2 1 
ATOM   622  N  N   . PRO A 1 80  ? -5.502  0.061   -9.909  1.00 16.79 ? 81  PRO A N   1 
ATOM   623  C  CA  . PRO A 1 80  ? -5.417  1.520   -9.821  1.00 17.30 ? 81  PRO A CA  1 
ATOM   624  C  C   . PRO A 1 80  ? -4.565  2.137   -10.923 1.00 18.70 ? 81  PRO A C   1 
ATOM   625  O  O   . PRO A 1 80  ? -3.738  1.467   -11.543 1.00 16.68 ? 81  PRO A O   1 
ATOM   626  C  CB  . PRO A 1 80  ? -4.812  1.742   -8.438  1.00 17.56 ? 81  PRO A CB  1 
ATOM   627  C  CG  . PRO A 1 80  ? -3.871  0.581   -8.316  1.00 15.36 ? 81  PRO A CG  1 
ATOM   628  C  CD  . PRO A 1 80  ? -4.726  -0.574  -8.826  1.00 16.59 ? 81  PRO A CD  1 
ATOM   629  N  N   . LYS A 1 81  ? -4.773  3.428   -11.146 1.00 19.27 ? 82  LYS A N   1 
ATOM   630  C  CA  . LYS A 1 81  ? -4.037  4.178   -12.150 1.00 21.05 ? 82  LYS A CA  1 
ATOM   631  C  C   . LYS A 1 81  ? -4.153  5.664   -11.827 1.00 20.55 ? 82  LYS A C   1 
ATOM   632  O  O   . LYS A 1 81  ? -5.235  6.153   -11.494 1.00 20.13 ? 82  LYS A O   1 
ATOM   633  C  CB  . LYS A 1 81  ? -4.611  3.892   -13.536 1.00 23.92 ? 82  LYS A CB  1 
ATOM   634  C  CG  . LYS A 1 81  ? -3.960  4.677   -14.658 1.00 29.72 ? 82  LYS A CG  1 
ATOM   635  C  CD  . LYS A 1 81  ? -4.417  4.148   -16.016 1.00 34.62 ? 82  LYS A CD  1 
ATOM   636  C  CE  . LYS A 1 81  ? -4.054  2.671   -16.176 1.00 34.66 ? 82  LYS A CE  1 
ATOM   637  N  NZ  . LYS A 1 81  ? -4.533  2.103   -17.467 1.00 38.19 ? 82  LYS A NZ  1 
ATOM   638  N  N   . PHE A 1 82  ? -3.037  6.375   -11.909 1.00 19.22 ? 83  PHE A N   1 
ATOM   639  C  CA  . PHE A 1 82  ? -3.023  7.804   -11.626 1.00 18.70 ? 83  PHE A CA  1 
ATOM   640  C  C   . PHE A 1 82  ? -3.611  8.620   -12.768 1.00 17.67 ? 83  PHE A C   1 
ATOM   641  O  O   . PHE A 1 82  ? -3.231  8.434   -13.919 1.00 14.32 ? 83  PHE A O   1 
ATOM   642  C  CB  . PHE A 1 82  ? -1.594  8.289   -11.374 1.00 16.63 ? 83  PHE A CB  1 
ATOM   643  C  CG  . PHE A 1 82  ? -1.026  7.850   -10.058 1.00 16.95 ? 83  PHE A CG  1 
ATOM   644  C  CD1 . PHE A 1 82  ? -0.134  6.778   -9.986  1.00 15.78 ? 83  PHE A CD1 1 
ATOM   645  C  CD2 . PHE A 1 82  ? -1.391  8.500   -8.885  1.00 13.46 ? 83  PHE A CD2 1 
ATOM   646  C  CE1 . PHE A 1 82  ? 0.383   6.366   -8.757  1.00 16.11 ? 83  PHE A CE1 1 
ATOM   647  C  CE2 . PHE A 1 82  ? -0.881  8.095   -7.653  1.00 14.96 ? 83  PHE A CE2 1 
ATOM   648  C  CZ  . PHE A 1 82  ? 0.007   7.026   -7.590  1.00 14.37 ? 83  PHE A CZ  1 
ATOM   649  N  N   . ILE A 1 83  ? -4.539  9.516   -12.446 1.00 19.66 ? 84  ILE A N   1 
ATOM   650  C  CA  . ILE A 1 83  ? -5.140  10.380  -13.461 1.00 22.49 ? 84  ILE A CA  1 
ATOM   651  C  C   . ILE A 1 83  ? -4.341  11.679  -13.448 1.00 24.11 ? 84  ILE A C   1 
ATOM   652  O  O   . ILE A 1 83  ? -3.964  12.211  -14.491 1.00 24.27 ? 84  ILE A O   1 
ATOM   653  C  CB  . ILE A 1 83  ? -6.601  10.742  -13.147 1.00 21.83 ? 84  ILE A CB  1 
ATOM   654  C  CG1 . ILE A 1 83  ? -7.468  9.491   -13.086 1.00 22.07 ? 84  ILE A CG1 1 
ATOM   655  C  CG2 . ILE A 1 83  ? -7.133  11.692  -14.222 1.00 24.93 ? 84  ILE A CG2 1 
ATOM   656  C  CD1 . ILE A 1 83  ? -8.920  9.791   -12.768 1.00 19.72 ? 84  ILE A CD1 1 
ATOM   657  N  N   . GLU A 1 84  ? -4.101  12.195  -12.251 1.00 23.82 ? 85  GLU A N   1 
ATOM   658  C  CA  . GLU A 1 84  ? -3.329  13.416  -12.119 1.00 26.86 ? 85  GLU A CA  1 
ATOM   659  C  C   . GLU A 1 84  ? -2.483  13.383  -10.851 1.00 25.69 ? 85  GLU A C   1 
ATOM   660  O  O   . GLU A 1 84  ? -2.788  12.669  -9.894  1.00 23.90 ? 85  GLU A O   1 
ATOM   661  C  CB  . GLU A 1 84  ? -4.244  14.649  -12.133 1.00 28.27 ? 85  GLU A CB  1 
ATOM   662  C  CG  . GLU A 1 84  ? -5.002  14.917  -10.852 1.00 34.46 ? 85  GLU A CG  1 
ATOM   663  C  CD  . GLU A 1 84  ? -5.722  16.258  -10.882 1.00 39.62 ? 85  GLU A CD  1 
ATOM   664  O  OE1 . GLU A 1 84  ? -5.060  17.286  -11.159 1.00 41.41 ? 85  GLU A OE1 1 
ATOM   665  O  OE2 . GLU A 1 84  ? -6.948  16.283  -10.628 1.00 39.66 ? 85  GLU A OE2 1 
ATOM   666  N  N   . THR A 1 85  ? -1.410  14.161  -10.859 1.00 27.37 ? 86  THR A N   1 
ATOM   667  C  CA  . THR A 1 85  ? -0.501  14.220  -9.731  1.00 27.96 ? 86  THR A CA  1 
ATOM   668  C  C   . THR A 1 85  ? -0.006  15.655  -9.551  1.00 27.64 ? 86  THR A C   1 
ATOM   669  O  O   . THR A 1 85  ? 0.099   16.400  -10.525 1.00 27.12 ? 86  THR A O   1 
ATOM   670  C  CB  . THR A 1 85  ? 0.687   13.275  -9.970  1.00 29.32 ? 86  THR A CB  1 
ATOM   671  O  OG1 . THR A 1 85  ? 1.514   13.250  -8.810  1.00 34.75 ? 86  THR A OG1 1 
ATOM   672  C  CG2 . THR A 1 85  ? 1.510   13.735  -11.160 1.00 29.13 ? 86  THR A CG2 1 
ATOM   673  N  N   . GLY A 1 86  ? 0.281   16.047  -8.310  1.00 26.72 ? 87  GLY A N   1 
ATOM   674  C  CA  . GLY A 1 86  ? 0.754   17.402  -8.069  1.00 25.62 ? 87  GLY A CA  1 
ATOM   675  C  C   . GLY A 1 86  ? 1.418   17.659  -6.726  1.00 26.27 ? 87  GLY A C   1 
ATOM   676  O  O   . GLY A 1 86  ? 1.234   16.909  -5.760  1.00 25.15 ? 87  GLY A O   1 
ATOM   677  N  N   . GLY A 1 87  ? 2.205   18.733  -6.677  1.00 25.48 ? 88  GLY A N   1 
ATOM   678  C  CA  . GLY A 1 87  ? 2.895   19.114  -5.457  1.00 23.88 ? 88  GLY A CA  1 
ATOM   679  C  C   . GLY A 1 87  ? 4.063   18.224  -5.089  1.00 23.32 ? 88  GLY A C   1 
ATOM   680  O  O   . GLY A 1 87  ? 4.476   17.363  -5.856  1.00 24.39 ? 88  GLY A O   1 
ATOM   681  N  N   . SER A 1 88  ? 4.594   18.439  -3.894  1.00 23.55 ? 89  SER A N   1 
ATOM   682  C  CA  . SER A 1 88  ? 5.721   17.667  -3.392  1.00 22.28 ? 89  SER A CA  1 
ATOM   683  C  C   . SER A 1 88  ? 5.855   17.893  -1.896  1.00 21.30 ? 89  SER A C   1 
ATOM   684  O  O   . SER A 1 88  ? 5.731   19.020  -1.421  1.00 19.85 ? 89  SER A O   1 
ATOM   685  C  CB  . SER A 1 88  ? 7.011   18.102  -4.082  1.00 23.55 ? 89  SER A CB  1 
ATOM   686  O  OG  . SER A 1 88  ? 8.140   17.535  -3.441  1.00 23.42 ? 89  SER A OG  1 
ATOM   687  N  N   . MET A 1 89  ? 6.103   16.819  -1.158  1.00 19.41 ? 90  MET A N   1 
ATOM   688  C  CA  . MET A 1 89  ? 6.264   16.913  0.278   1.00 20.78 ? 90  MET A CA  1 
ATOM   689  C  C   . MET A 1 89  ? 7.080   15.739  0.808   1.00 22.37 ? 90  MET A C   1 
ATOM   690  O  O   . MET A 1 89  ? 7.230   14.717  0.134   1.00 20.50 ? 90  MET A O   1 
ATOM   691  C  CB  . MET A 1 89  ? 4.896   16.940  0.965   1.00 21.27 ? 90  MET A CB  1 
ATOM   692  C  CG  . MET A 1 89  ? 4.051   15.695  0.749   1.00 23.80 ? 90  MET A CG  1 
ATOM   693  S  SD  . MET A 1 89  ? 2.441   15.811  1.572   1.00 22.60 ? 90  MET A SD  1 
ATOM   694  C  CE  . MET A 1 89  ? 1.997   14.090  1.703   1.00 24.83 ? 90  MET A CE  1 
ATOM   695  N  N   . MET A 1 90  ? 7.627   15.907  2.008   1.00 22.09 ? 91  MET A N   1 
ATOM   696  C  CA  . MET A 1 90  ? 8.395   14.853  2.653   1.00 21.86 ? 91  MET A CA  1 
ATOM   697  C  C   . MET A 1 90  ? 7.440   14.260  3.671   1.00 22.15 ? 91  MET A C   1 
ATOM   698  O  O   . MET A 1 90  ? 6.712   14.994  4.331   1.00 21.79 ? 91  MET A O   1 
ATOM   699  C  CB  . MET A 1 90  ? 9.626   15.417  3.368   1.00 20.95 ? 91  MET A CB  1 
ATOM   700  C  CG  . MET A 1 90  ? 10.642  16.094  2.457   1.00 21.27 ? 91  MET A CG  1 
ATOM   701  S  SD  . MET A 1 90  ? 11.145  15.082  1.039   1.00 26.72 ? 91  MET A SD  1 
ATOM   702  C  CE  . MET A 1 90  ? 12.014  13.750  1.854   1.00 21.72 ? 91  MET A CE  1 
ATOM   703  N  N   . TYR A 1 91  ? 7.427   12.936  3.783   1.00 21.97 ? 92  TYR A N   1 
ATOM   704  C  CA  . TYR A 1 91  ? 6.545   12.266  4.731   1.00 23.09 ? 92  TYR A CA  1 
ATOM   705  C  C   . TYR A 1 91  ? 7.300   11.076  5.301   1.00 21.79 ? 92  TYR A C   1 
ATOM   706  O  O   . TYR A 1 91  ? 7.868   10.287  4.550   1.00 21.68 ? 92  TYR A O   1 
ATOM   707  C  CB  . TYR A 1 91  ? 5.274   11.772  4.024   1.00 24.69 ? 92  TYR A CB  1 
ATOM   708  C  CG  . TYR A 1 91  ? 4.078   11.646  4.942   1.00 27.45 ? 92  TYR A CG  1 
ATOM   709  C  CD1 . TYR A 1 91  ? 3.195   12.709  5.111   1.00 28.45 ? 92  TYR A CD1 1 
ATOM   710  C  CD2 . TYR A 1 91  ? 3.867   10.488  5.692   1.00 29.97 ? 92  TYR A CD2 1 
ATOM   711  C  CE1 . TYR A 1 91  ? 2.133   12.629  6.006   1.00 32.03 ? 92  TYR A CE1 1 
ATOM   712  C  CE2 . TYR A 1 91  ? 2.808   10.397  6.595   1.00 32.18 ? 92  TYR A CE2 1 
ATOM   713  C  CZ  . TYR A 1 91  ? 1.945   11.473  6.747   1.00 33.55 ? 92  TYR A CZ  1 
ATOM   714  O  OH  . TYR A 1 91  ? 0.906   11.403  7.650   1.00 34.65 ? 92  TYR A OH  1 
ATOM   715  N  N   . LYS A 1 92  ? 7.323   10.950  6.621   1.00 20.99 ? 93  LYS A N   1 
ATOM   716  C  CA  . LYS A 1 92  ? 8.019   9.830   7.237   1.00 21.95 ? 93  LYS A CA  1 
ATOM   717  C  C   . LYS A 1 92  ? 7.127   8.615   7.078   1.00 20.01 ? 93  LYS A C   1 
ATOM   718  O  O   . LYS A 1 92  ? 5.964   8.641   7.462   1.00 23.11 ? 93  LYS A O   1 
ATOM   719  C  CB  . LYS A 1 92  ? 8.297   10.112  8.718   1.00 22.07 ? 93  LYS A CB  1 
ATOM   720  C  CG  . LYS A 1 92  ? 8.911   8.938   9.456   1.00 27.44 ? 93  LYS A CG  1 
ATOM   721  C  CD  . LYS A 1 92  ? 9.720   9.372   10.671  1.00 29.88 ? 93  LYS A CD  1 
ATOM   722  C  CE  . LYS A 1 92  ? 11.013  10.081  10.259  1.00 31.95 ? 93  LYS A CE  1 
ATOM   723  N  NZ  . LYS A 1 92  ? 11.948  10.306  11.406  1.00 28.44 ? 93  LYS A NZ  1 
ATOM   724  N  N   . GLU A 1 93  ? 7.675   7.552   6.504   1.00 19.48 ? 94  GLU A N   1 
ATOM   725  C  CA  . GLU A 1 93  ? 6.908   6.338   6.264   1.00 19.17 ? 94  GLU A CA  1 
ATOM   726  C  C   . GLU A 1 93  ? 7.436   5.074   6.939   1.00 18.78 ? 94  GLU A C   1 
ATOM   727  O  O   . GLU A 1 93  ? 8.596   4.996   7.351   1.00 16.94 ? 94  GLU A O   1 
ATOM   728  C  CB  . GLU A 1 93  ? 6.818   6.081   4.757   1.00 20.23 ? 94  GLU A CB  1 
ATOM   729  C  CG  . GLU A 1 93  ? 5.944   7.064   3.989   1.00 19.57 ? 94  GLU A CG  1 
ATOM   730  C  CD  . GLU A 1 93  ? 5.966   6.821   2.490   1.00 18.56 ? 94  GLU A CD  1 
ATOM   731  O  OE1 . GLU A 1 93  ? 6.052   5.649   2.070   1.00 18.13 ? 94  GLU A OE1 1 
ATOM   732  O  OE2 . GLU A 1 93  ? 5.884   7.802   1.728   1.00 18.47 ? 94  GLU A OE2 1 
ATOM   733  N  N   . GLY A 1 94  ? 6.548   4.088   7.036   1.00 18.09 ? 95  GLY A N   1 
ATOM   734  C  CA  . GLY A 1 94  ? 6.881   2.795   7.603   1.00 18.29 ? 95  GLY A CA  1 
ATOM   735  C  C   . GLY A 1 94  ? 6.307   1.782   6.633   1.00 17.97 ? 95  GLY A C   1 
ATOM   736  O  O   . GLY A 1 94  ? 5.699   2.175   5.640   1.00 18.42 ? 95  GLY A O   1 
ATOM   737  N  N   . CYS A 1 95  ? 6.479   0.493   6.900   1.00 17.17 ? 96  CYS A N   1 
ATOM   738  C  CA  . CYS A 1 95  ? 5.959   -0.539  6.005   1.00 17.18 ? 96  CYS A CA  1 
ATOM   739  C  C   . CYS A 1 95  ? 5.978   -1.903  6.686   1.00 18.81 ? 96  CYS A C   1 
ATOM   740  O  O   . CYS A 1 95  ? 6.983   -2.287  7.283   1.00 18.77 ? 96  CYS A O   1 
ATOM   741  C  CB  . CYS A 1 95  ? 6.797   -0.599  4.722   1.00 16.45 ? 96  CYS A CB  1 
ATOM   742  S  SG  . CYS A 1 95  ? 6.224   -1.832  3.500   1.00 18.10 ? 96  CYS A SG  1 
ATOM   743  N  N   . LEU A 1 96  ? 4.868   -2.633  6.602   1.00 17.03 ? 97  LEU A N   1 
ATOM   744  C  CA  . LEU A 1 96  ? 4.796   -3.955  7.211   1.00 18.17 ? 97  LEU A CA  1 
ATOM   745  C  C   . LEU A 1 96  ? 5.853   -4.910  6.650   1.00 17.77 ? 97  LEU A C   1 
ATOM   746  O  O   . LEU A 1 96  ? 6.220   -5.888  7.304   1.00 16.33 ? 97  LEU A O   1 
ATOM   747  C  CB  . LEU A 1 96  ? 3.399   -4.558  7.031   1.00 17.31 ? 97  LEU A CB  1 
ATOM   748  C  CG  . LEU A 1 96  ? 2.298   -3.868  7.844   1.00 17.88 ? 97  LEU A CG  1 
ATOM   749  C  CD1 . LEU A 1 96  ? 0.971   -4.577  7.630   1.00 16.77 ? 97  LEU A CD1 1 
ATOM   750  C  CD2 . LEU A 1 96  ? 2.671   -3.873  9.313   1.00 18.20 ? 97  LEU A CD2 1 
ATOM   751  N  N   . SER A 1 97  ? 6.348   -4.624  5.447   1.00 15.01 ? 98  SER A N   1 
ATOM   752  C  CA  . SER A 1 97  ? 7.370   -5.477  4.851   1.00 16.07 ? 98  SER A CA  1 
ATOM   753  C  C   . SER A 1 97  ? 8.775   -5.023  5.247   1.00 16.19 ? 98  SER A C   1 
ATOM   754  O  O   . SER A 1 97  ? 9.771   -5.641  4.873   1.00 17.47 ? 98  SER A O   1 
ATOM   755  C  CB  . SER A 1 97  ? 7.231   -5.498  3.324   1.00 14.71 ? 98  SER A CB  1 
ATOM   756  O  OG  . SER A 1 97  ? 6.096   -6.254  2.934   1.00 12.92 ? 98  SER A OG  1 
ATOM   757  N  N   . VAL A 1 98  ? 8.846   -3.940  6.013   1.00 18.05 ? 99  VAL A N   1 
ATOM   758  C  CA  . VAL A 1 98  ? 10.120  -3.402  6.474   1.00 18.10 ? 99  VAL A CA  1 
ATOM   759  C  C   . VAL A 1 98  ? 9.941   -2.985  7.931   1.00 18.72 ? 99  VAL A C   1 
ATOM   760  O  O   . VAL A 1 98  ? 10.147  -1.828  8.288   1.00 17.89 ? 99  VAL A O   1 
ATOM   761  C  CB  . VAL A 1 98  ? 10.538  -2.173  5.637   1.00 17.63 ? 99  VAL A CB  1 
ATOM   762  C  CG1 . VAL A 1 98  ? 11.995  -1.819  5.917   1.00 19.44 ? 99  VAL A CG1 1 
ATOM   763  C  CG2 . VAL A 1 98  ? 10.338  -2.460  4.149   1.00 17.65 ? 99  VAL A CG2 1 
ATOM   764  N  N   . PRO A 1 99  ? 9.560   -3.936  8.798   1.00 19.81 ? 100 PRO A N   1 
ATOM   765  C  CA  . PRO A 1 99  ? 9.344   -3.660  10.224  1.00 20.92 ? 100 PRO A CA  1 
ATOM   766  C  C   . PRO A 1 99  ? 10.508  -3.015  10.968  1.00 21.46 ? 100 PRO A C   1 
ATOM   767  O  O   . PRO A 1 99  ? 11.664  -3.401  10.796  1.00 21.80 ? 100 PRO A O   1 
ATOM   768  C  CB  . PRO A 1 99  ? 8.986   -5.034  10.795  1.00 21.15 ? 100 PRO A CB  1 
ATOM   769  C  CG  . PRO A 1 99  ? 9.748   -5.972  9.924   1.00 21.16 ? 100 PRO A CG  1 
ATOM   770  C  CD  . PRO A 1 99  ? 9.518   -5.386  8.536   1.00 21.29 ? 100 PRO A CD  1 
ATOM   771  N  N   . GLY A 1 100 ? 10.186  -2.021  11.789  1.00 23.45 ? 101 GLY A N   1 
ATOM   772  C  CA  . GLY A 1 100 ? 11.201  -1.349  12.580  1.00 24.97 ? 101 GLY A CA  1 
ATOM   773  C  C   . GLY A 1 100 ? 11.887  -0.148  11.958  1.00 24.75 ? 101 GLY A C   1 
ATOM   774  O  O   . GLY A 1 100 ? 12.569  0.600   12.658  1.00 24.72 ? 101 GLY A O   1 
ATOM   775  N  N   . PHE A 1 101 ? 11.721  0.046   10.656  1.00 23.87 ? 102 PHE A N   1 
ATOM   776  C  CA  . PHE A 1 101 ? 12.362  1.176   9.996   1.00 25.09 ? 102 PHE A CA  1 
ATOM   777  C  C   . PHE A 1 101 ? 11.374  2.239   9.527   1.00 24.24 ? 102 PHE A C   1 
ATOM   778  O  O   . PHE A 1 101 ? 10.342  1.930   8.929   1.00 23.05 ? 102 PHE A O   1 
ATOM   779  C  CB  . PHE A 1 101 ? 13.186  0.697   8.799   1.00 25.63 ? 102 PHE A CB  1 
ATOM   780  C  CG  . PHE A 1 101 ? 13.932  1.801   8.105   1.00 29.61 ? 102 PHE A CG  1 
ATOM   781  C  CD1 . PHE A 1 101 ? 15.026  2.413   8.717   1.00 30.63 ? 102 PHE A CD1 1 
ATOM   782  C  CD2 . PHE A 1 101 ? 13.522  2.253   6.850   1.00 30.72 ? 102 PHE A CD2 1 
ATOM   783  C  CE1 . PHE A 1 101 ? 15.705  3.465   8.094   1.00 30.47 ? 102 PHE A CE1 1 
ATOM   784  C  CE2 . PHE A 1 101 ? 14.192  3.305   6.213   1.00 32.30 ? 102 PHE A CE2 1 
ATOM   785  C  CZ  . PHE A 1 101 ? 15.288  3.913   6.839   1.00 32.48 ? 102 PHE A CZ  1 
ATOM   786  N  N   . TYR A 1 102 ? 11.708  3.497   9.803   1.00 23.29 ? 103 TYR A N   1 
ATOM   787  C  CA  . TYR A 1 102 ? 10.875  4.626   9.410   1.00 23.41 ? 103 TYR A CA  1 
ATOM   788  C  C   . TYR A 1 102 ? 11.761  5.742   8.859   1.00 24.13 ? 103 TYR A C   1 
ATOM   789  O  O   . TYR A 1 102 ? 12.761  6.107   9.478   1.00 24.88 ? 103 TYR A O   1 
ATOM   790  C  CB  . TYR A 1 102 ? 10.079  5.142   10.613  1.00 22.60 ? 103 TYR A CB  1 
ATOM   791  C  CG  . TYR A 1 102 ? 9.355   4.054   11.379  1.00 23.99 ? 103 TYR A CG  1 
ATOM   792  C  CD1 . TYR A 1 102 ? 9.993   3.346   12.399  1.00 23.08 ? 103 TYR A CD1 1 
ATOM   793  C  CD2 . TYR A 1 102 ? 8.050   3.691   11.040  1.00 23.11 ? 103 TYR A CD2 1 
ATOM   794  C  CE1 . TYR A 1 102 ? 9.352   2.299   13.054  1.00 25.24 ? 103 TYR A CE1 1 
ATOM   795  C  CE2 . TYR A 1 102 ? 7.402   2.652   11.686  1.00 23.20 ? 103 TYR A CE2 1 
ATOM   796  C  CZ  . TYR A 1 102 ? 8.056   1.957   12.687  1.00 24.67 ? 103 TYR A CZ  1 
ATOM   797  O  OH  . TYR A 1 102 ? 7.416   0.907   13.301  1.00 25.36 ? 103 TYR A OH  1 
ATOM   798  N  N   . GLU A 1 103 ? 11.402  6.281   7.696   1.00 24.40 ? 104 GLU A N   1 
ATOM   799  C  CA  . GLU A 1 103 ? 12.184  7.360   7.097   1.00 24.87 ? 104 GLU A CA  1 
ATOM   800  C  C   . GLU A 1 103 ? 11.361  8.277   6.192   1.00 24.70 ? 104 GLU A C   1 
ATOM   801  O  O   . GLU A 1 103 ? 10.326  7.876   5.648   1.00 21.85 ? 104 GLU A O   1 
ATOM   802  C  CB  . GLU A 1 103 ? 13.357  6.779   6.307   1.00 28.18 ? 104 GLU A CB  1 
ATOM   803  C  CG  . GLU A 1 103 ? 14.403  7.809   5.900   1.00 32.26 ? 104 GLU A CG  1 
ATOM   804  C  CD  . GLU A 1 103 ? 14.922  8.606   7.087   1.00 34.04 ? 104 GLU A CD  1 
ATOM   805  O  OE1 . GLU A 1 103 ? 14.436  9.739   7.312   1.00 31.74 ? 104 GLU A OE1 1 
ATOM   806  O  OE2 . GLU A 1 103 ? 15.808  8.088   7.802   1.00 35.75 ? 104 GLU A OE2 1 
ATOM   807  N  N   . GLU A 1 104 ? 11.827  9.513   6.034   1.00 24.38 ? 105 GLU A N   1 
ATOM   808  C  CA  . GLU A 1 104 ? 11.127  10.477  5.197   1.00 26.20 ? 105 GLU A CA  1 
ATOM   809  C  C   . GLU A 1 104 ? 11.333  10.175  3.724   1.00 24.72 ? 105 GLU A C   1 
ATOM   810  O  O   . GLU A 1 104 ? 12.447  9.919   3.278   1.00 25.06 ? 105 GLU A O   1 
ATOM   811  C  CB  . GLU A 1 104 ? 11.594  11.904  5.494   1.00 27.27 ? 105 GLU A CB  1 
ATOM   812  C  CG  . GLU A 1 104 ? 11.263  12.382  6.892   1.00 33.55 ? 105 GLU A CG  1 
ATOM   813  C  CD  . GLU A 1 104 ? 11.530  13.862  7.074   1.00 36.77 ? 105 GLU A CD  1 
ATOM   814  O  OE1 . GLU A 1 104 ? 12.652  14.305  6.754   1.00 40.57 ? 105 GLU A OE1 1 
ATOM   815  O  OE2 . GLU A 1 104 ? 10.619  14.583  7.540   1.00 40.20 ? 105 GLU A OE2 1 
ATOM   816  N  N   . VAL A 1 105 ? 10.237  10.200  2.980   1.00 24.74 ? 106 VAL A N   1 
ATOM   817  C  CA  . VAL A 1 105 ? 10.259  9.935   1.550   1.00 24.49 ? 106 VAL A CA  1 
ATOM   818  C  C   . VAL A 1 105 ? 9.551   11.094  0.858   1.00 21.99 ? 106 VAL A C   1 
ATOM   819  O  O   . VAL A 1 105 ? 8.614   11.671  1.411   1.00 21.24 ? 106 VAL A O   1 
ATOM   820  C  CB  . VAL A 1 105 ? 9.513   8.620   1.222   1.00 25.20 ? 106 VAL A CB  1 
ATOM   821  C  CG1 . VAL A 1 105 ? 9.583   8.338   -0.267  1.00 26.66 ? 106 VAL A CG1 1 
ATOM   822  C  CG2 . VAL A 1 105 ? 10.121  7.465   2.014   1.00 26.84 ? 106 VAL A CG2 1 
ATOM   823  N  N   . GLU A 1 106 ? 10.000  11.446  -0.340  1.00 21.26 ? 107 GLU A N   1 
ATOM   824  C  CA  . GLU A 1 106 ? 9.366   12.533  -1.070  1.00 21.47 ? 107 GLU A CA  1 
ATOM   825  C  C   . GLU A 1 106 ? 8.154   11.988  -1.820  1.00 19.83 ? 107 GLU A C   1 
ATOM   826  O  O   . GLU A 1 106 ? 8.265   11.037  -2.594  1.00 17.96 ? 107 GLU A O   1 
ATOM   827  C  CB  . GLU A 1 106 ? 10.351  13.164  -2.053  1.00 23.54 ? 107 GLU A CB  1 
ATOM   828  C  CG  . GLU A 1 106 ? 9.797   14.378  -2.788  1.00 28.94 ? 107 GLU A CG  1 
ATOM   829  C  CD  . GLU A 1 106 ? 10.875  15.157  -3.521  1.00 30.90 ? 107 GLU A CD  1 
ATOM   830  O  OE1 . GLU A 1 106 ? 10.527  16.053  -4.319  1.00 33.30 ? 107 GLU A OE1 1 
ATOM   831  O  OE2 . GLU A 1 106 ? 12.072  14.876  -3.295  1.00 34.48 ? 107 GLU A OE2 1 
ATOM   832  N  N   . ARG A 1 107 ? 6.997   12.596  -1.587  1.00 18.26 ? 108 ARG A N   1 
ATOM   833  C  CA  . ARG A 1 107 ? 5.768   12.156  -2.231  1.00 18.53 ? 108 ARG A CA  1 
ATOM   834  C  C   . ARG A 1 107 ? 4.997   13.331  -2.807  1.00 18.83 ? 108 ARG A C   1 
ATOM   835  O  O   . ARG A 1 107 ? 5.217   14.484  -2.418  1.00 17.39 ? 108 ARG A O   1 
ATOM   836  C  CB  . ARG A 1 107 ? 4.862   11.453  -1.215  1.00 16.99 ? 108 ARG A CB  1 
ATOM   837  C  CG  . ARG A 1 107 ? 5.423   10.188  -0.591  1.00 17.08 ? 108 ARG A CG  1 
ATOM   838  C  CD  . ARG A 1 107 ? 5.436   9.034   -1.579  1.00 17.59 ? 108 ARG A CD  1 
ATOM   839  N  NE  . ARG A 1 107 ? 5.877   7.795   -0.945  1.00 15.63 ? 108 ARG A NE  1 
ATOM   840  C  CZ  . ARG A 1 107 ? 6.090   6.652   -1.589  1.00 14.21 ? 108 ARG A CZ  1 
ATOM   841  N  NH1 . ARG A 1 107 ? 5.904   6.577   -2.902  1.00 14.03 ? 108 ARG A NH1 1 
ATOM   842  N  NH2 . ARG A 1 107 ? 6.493   5.582   -0.917  1.00 12.32 ? 108 ARG A NH2 1 
ATOM   843  N  N   . PHE A 1 108 ? 4.098   13.037  -3.742  1.00 18.59 ? 109 PHE A N   1 
ATOM   844  C  CA  . PHE A 1 108 ? 3.247   14.071  -4.306  1.00 19.67 ? 109 PHE A CA  1 
ATOM   845  C  C   . PHE A 1 108 ? 2.328   14.418  -3.143  1.00 18.35 ? 109 PHE A C   1 
ATOM   846  O  O   . PHE A 1 108 ? 1.945   13.535  -2.371  1.00 16.45 ? 109 PHE A O   1 
ATOM   847  C  CB  . PHE A 1 108 ? 2.410   13.526  -5.461  1.00 20.92 ? 109 PHE A CB  1 
ATOM   848  C  CG  . PHE A 1 108 ? 3.203   13.231  -6.695  1.00 23.50 ? 109 PHE A CG  1 
ATOM   849  C  CD1 . PHE A 1 108 ? 3.387   11.919  -7.123  1.00 22.96 ? 109 PHE A CD1 1 
ATOM   850  C  CD2 . PHE A 1 108 ? 3.755   14.271  -7.448  1.00 23.98 ? 109 PHE A CD2 1 
ATOM   851  C  CE1 . PHE A 1 108 ? 4.108   11.644  -8.286  1.00 24.38 ? 109 PHE A CE1 1 
ATOM   852  C  CE2 . PHE A 1 108 ? 4.476   14.007  -8.611  1.00 22.49 ? 109 PHE A CE2 1 
ATOM   853  C  CZ  . PHE A 1 108 ? 4.654   12.691  -9.032  1.00 22.89 ? 109 PHE A CZ  1 
ATOM   854  N  N   . GLU A 1 109 ? 1.976   15.689  -2.995  1.00 18.18 ? 110 GLU A N   1 
ATOM   855  C  CA  . GLU A 1 109 ? 1.108   16.047  -1.887  1.00 20.52 ? 110 GLU A CA  1 
ATOM   856  C  C   . GLU A 1 109 ? -0.353  15.850  -2.243  1.00 19.12 ? 110 GLU A C   1 
ATOM   857  O  O   . GLU A 1 109 ? -1.205  15.757  -1.363  1.00 20.30 ? 110 GLU A O   1 
ATOM   858  C  CB  . GLU A 1 109 ? 1.381   17.489  -1.404  1.00 22.56 ? 110 GLU A CB  1 
ATOM   859  C  CG  . GLU A 1 109 ? 1.344   18.592  -2.448  1.00 22.80 ? 110 GLU A CG  1 
ATOM   860  C  CD  . GLU A 1 109 ? 1.843   19.933  -1.889  1.00 24.93 ? 110 GLU A CD  1 
ATOM   861  O  OE1 . GLU A 1 109 ? 1.259   20.430  -0.904  1.00 23.56 ? 110 GLU A OE1 1 
ATOM   862  O  OE2 . GLU A 1 109 ? 2.821   20.492  -2.432  1.00 22.49 ? 110 GLU A OE2 1 
ATOM   863  N  N   . LYS A 1 110 ? -0.630  15.739  -3.538  1.00 18.83 ? 111 LYS A N   1 
ATOM   864  C  CA  . LYS A 1 110 ? -1.993  15.555  -4.007  1.00 18.29 ? 111 LYS A CA  1 
ATOM   865  C  C   . LYS A 1 110 ? -2.036  14.622  -5.212  1.00 18.03 ? 111 LYS A C   1 
ATOM   866  O  O   . LYS A 1 110 ? -1.230  14.740  -6.135  1.00 17.97 ? 111 LYS A O   1 
ATOM   867  C  CB  . LYS A 1 110 ? -2.594  16.914  -4.368  1.00 21.38 ? 111 LYS A CB  1 
ATOM   868  C  CG  . LYS A 1 110 ? -4.066  16.886  -4.731  1.00 25.71 ? 111 LYS A CG  1 
ATOM   869  C  CD  . LYS A 1 110 ? -4.569  18.307  -4.914  1.00 32.45 ? 111 LYS A CD  1 
ATOM   870  C  CE  . LYS A 1 110 ? -5.992  18.362  -5.427  1.00 32.88 ? 111 LYS A CE  1 
ATOM   871  N  NZ  . LYS A 1 110 ? -6.388  19.783  -5.672  1.00 33.75 ? 111 LYS A NZ  1 
ATOM   872  N  N   . VAL A 1 111 ? -2.977  13.686  -5.198  1.00 15.79 ? 112 VAL A N   1 
ATOM   873  C  CA  . VAL A 1 111 ? -3.103  12.739  -6.297  1.00 15.17 ? 112 VAL A CA  1 
ATOM   874  C  C   . VAL A 1 111 ? -4.560  12.426  -6.594  1.00 15.88 ? 112 VAL A C   1 
ATOM   875  O  O   . VAL A 1 111 ? -5.442  12.624  -5.758  1.00 14.92 ? 112 VAL A O   1 
ATOM   876  C  CB  . VAL A 1 111 ? -2.382  11.398  -5.991  1.00 12.86 ? 112 VAL A CB  1 
ATOM   877  C  CG1 . VAL A 1 111 ? -0.941  11.659  -5.566  1.00 14.60 ? 112 VAL A CG1 1 
ATOM   878  C  CG2 . VAL A 1 111 ? -3.119  10.641  -4.910  1.00 10.08 ? 112 VAL A CG2 1 
ATOM   879  N  N   . LYS A 1 112 ? -4.800  11.941  -7.801  1.00 16.36 ? 113 LYS A N   1 
ATOM   880  C  CA  . LYS A 1 112 ? -6.131  11.560  -8.220  1.00 15.72 ? 113 LYS A CA  1 
ATOM   881  C  C   . LYS A 1 112 ? -5.943  10.237  -8.944  1.00 15.85 ? 113 LYS A C   1 
ATOM   882  O  O   . LYS A 1 112 ? -5.198  10.160  -9.921  1.00 14.29 ? 113 LYS A O   1 
ATOM   883  C  CB  . LYS A 1 112 ? -6.710  12.605  -9.172  1.00 18.71 ? 113 LYS A CB  1 
ATOM   884  C  CG  . LYS A 1 112 ? -8.228  12.599  -9.263  1.00 21.39 ? 113 LYS A CG  1 
ATOM   885  C  CD  . LYS A 1 112 ? -8.681  13.177  -10.587 1.00 24.92 ? 113 LYS A CD  1 
ATOM   886  C  CE  . LYS A 1 112 ? -10.009 13.904  -10.470 1.00 28.77 ? 113 LYS A CE  1 
ATOM   887  N  NZ  . LYS A 1 112 ? -9.850  15.215  -9.775  1.00 27.82 ? 113 LYS A NZ  1 
ATOM   888  N  N   . ILE A 1 113 ? -6.596  9.190   -8.447  1.00 15.12 ? 114 ILE A N   1 
ATOM   889  C  CA  . ILE A 1 113 ? -6.494  7.877   -9.059  1.00 15.81 ? 114 ILE A CA  1 
ATOM   890  C  C   . ILE A 1 113 ? -7.856  7.361   -9.498  1.00 17.62 ? 114 ILE A C   1 
ATOM   891  O  O   . ILE A 1 113 ? -8.902  7.825   -9.035  1.00 16.73 ? 114 ILE A O   1 
ATOM   892  C  CB  . ILE A 1 113 ? -5.900  6.811   -8.092  1.00 16.52 ? 114 ILE A CB  1 
ATOM   893  C  CG1 . ILE A 1 113 ? -6.782  6.689   -6.842  1.00 16.11 ? 114 ILE A CG1 1 
ATOM   894  C  CG2 . ILE A 1 113 ? -4.460  7.160   -7.725  1.00 15.59 ? 114 ILE A CG2 1 
ATOM   895  C  CD1 . ILE A 1 113 ? -6.443  5.479   -5.958  1.00 13.25 ? 114 ILE A CD1 1 
ATOM   896  N  N   . GLU A 1 114 ? -7.814  6.390   -10.400 1.00 17.33 ? 115 GLU A N   1 
ATOM   897  C  CA  . GLU A 1 114 ? -8.997  5.733   -10.923 1.00 19.22 ? 115 GLU A CA  1 
ATOM   898  C  C   . GLU A 1 114 ? -8.757  4.257   -10.610 1.00 18.98 ? 115 GLU A C   1 
ATOM   899  O  O   . GLU A 1 114 ? -7.627  3.772   -10.729 1.00 17.65 ? 115 GLU A O   1 
ATOM   900  C  CB  . GLU A 1 114 ? -9.082  5.941   -12.436 1.00 22.43 ? 115 GLU A CB  1 
ATOM   901  C  CG  . GLU A 1 114 ? -10.343 5.400   -13.066 1.00 27.80 ? 115 GLU A CG  1 
ATOM   902  C  CD  . GLU A 1 114 ? -10.347 5.570   -14.571 1.00 31.99 ? 115 GLU A CD  1 
ATOM   903  O  OE1 . GLU A 1 114 ? -9.984  6.671   -15.043 1.00 32.86 ? 115 GLU A OE1 1 
ATOM   904  O  OE2 . GLU A 1 114 ? -10.722 4.609   -15.278 1.00 33.88 ? 115 GLU A OE2 1 
ATOM   905  N  N   . TYR A 1 115 ? -9.802  3.544   -10.205 1.00 18.01 ? 116 TYR A N   1 
ATOM   906  C  CA  . TYR A 1 115 ? -9.655  2.132   -9.875  1.00 17.39 ? 116 TYR A CA  1 
ATOM   907  C  C   . TYR A 1 115 ? -11.003 1.425   -9.853  1.00 17.89 ? 116 TYR A C   1 
ATOM   908  O  O   . TYR A 1 115 ? -12.019 1.997   -10.246 1.00 18.98 ? 116 TYR A O   1 
ATOM   909  C  CB  . TYR A 1 115 ? -8.969  1.990   -8.512  1.00 16.83 ? 116 TYR A CB  1 
ATOM   910  C  CG  . TYR A 1 115 ? -9.787  2.516   -7.353  1.00 18.25 ? 116 TYR A CG  1 
ATOM   911  C  CD1 . TYR A 1 115 ? -10.642 1.678   -6.639  1.00 15.56 ? 116 TYR A CD1 1 
ATOM   912  C  CD2 . TYR A 1 115 ? -9.717  3.861   -6.978  1.00 18.56 ? 116 TYR A CD2 1 
ATOM   913  C  CE1 . TYR A 1 115 ? -11.405 2.163   -5.579  1.00 15.98 ? 116 TYR A CE1 1 
ATOM   914  C  CE2 . TYR A 1 115 ? -10.480 4.356   -5.921  1.00 18.98 ? 116 TYR A CE2 1 
ATOM   915  C  CZ  . TYR A 1 115 ? -11.322 3.503   -5.226  1.00 18.25 ? 116 TYR A CZ  1 
ATOM   916  O  OH  . TYR A 1 115 ? -12.090 3.994   -4.191  1.00 16.52 ? 116 TYR A OH  1 
ATOM   917  N  N   . GLN A 1 116 ? -11.001 0.177   -9.397  1.00 17.20 ? 117 GLN A N   1 
ATOM   918  C  CA  . GLN A 1 116 ? -12.224 -0.612  -9.308  1.00 16.99 ? 117 GLN A CA  1 
ATOM   919  C  C   . GLN A 1 116 ? -12.364 -1.202  -7.915  1.00 17.65 ? 117 GLN A C   1 
ATOM   920  O  O   . GLN A 1 116 ? -11.364 -1.552  -7.284  1.00 16.76 ? 117 GLN A O   1 
ATOM   921  C  CB  . GLN A 1 116 ? -12.200 -1.756  -10.327 1.00 17.78 ? 117 GLN A CB  1 
ATOM   922  C  CG  . GLN A 1 116 ? -12.037 -1.309  -11.770 1.00 19.49 ? 117 GLN A CG  1 
ATOM   923  C  CD  . GLN A 1 116 ? -11.909 -2.481  -12.733 1.00 23.89 ? 117 GLN A CD  1 
ATOM   924  O  OE1 . GLN A 1 116 ? -12.893 -3.153  -13.051 1.00 24.42 ? 117 GLN A OE1 1 
ATOM   925  N  NE2 . GLN A 1 116 ? -10.691 -2.734  -13.193 1.00 21.47 ? 117 GLN A NE2 1 
ATOM   926  N  N   . ASN A 1 117 ? -13.595 -1.306  -7.421  1.00 18.79 ? 118 ASN A N   1 
ATOM   927  C  CA  . ASN A 1 117 ? -13.789 -1.906  -6.109  1.00 18.81 ? 118 ASN A CA  1 
ATOM   928  C  C   . ASN A 1 117 ? -13.911 -3.416  -6.317  1.00 19.23 ? 118 ASN A C   1 
ATOM   929  O  O   . ASN A 1 117 ? -13.754 -3.892  -7.441  1.00 16.07 ? 118 ASN A O   1 
ATOM   930  C  CB  . ASN A 1 117 ? -15.015 -1.319  -5.388  1.00 20.87 ? 118 ASN A CB  1 
ATOM   931  C  CG  . ASN A 1 117 ? -16.333 -1.590  -6.101  1.00 23.51 ? 118 ASN A CG  1 
ATOM   932  O  OD1 . ASN A 1 117 ? -17.372 -1.082  -5.678  1.00 26.95 ? 118 ASN A OD1 1 
ATOM   933  N  ND2 . ASN A 1 117 ? -16.302 -2.380  -7.171  1.00 22.70 ? 118 ASN A ND2 1 
ATOM   934  N  N   . ARG A 1 118 ? -14.179 -4.170  -5.254  1.00 18.89 ? 119 ARG A N   1 
ATOM   935  C  CA  . ARG A 1 118 ? -14.261 -5.623  -5.384  1.00 20.35 ? 119 ARG A CA  1 
ATOM   936  C  C   . ARG A 1 118 ? -15.395 -6.099  -6.294  1.00 22.01 ? 119 ARG A C   1 
ATOM   937  O  O   . ARG A 1 118 ? -15.468 -7.281  -6.633  1.00 22.31 ? 119 ARG A O   1 
ATOM   938  C  CB  . ARG A 1 118 ? -14.395 -6.279  -4.003  1.00 18.16 ? 119 ARG A CB  1 
ATOM   939  C  CG  . ARG A 1 118 ? -15.718 -6.013  -3.307  1.00 18.30 ? 119 ARG A CG  1 
ATOM   940  C  CD  . ARG A 1 118 ? -15.966 -7.034  -2.207  1.00 18.76 ? 119 ARG A CD  1 
ATOM   941  N  NE  . ARG A 1 118 ? -14.917 -7.006  -1.194  1.00 16.71 ? 119 ARG A NE  1 
ATOM   942  C  CZ  . ARG A 1 118 ? -14.816 -7.877  -0.198  1.00 18.13 ? 119 ARG A CZ  1 
ATOM   943  N  NH1 . ARG A 1 118 ? -13.824 -7.770  0.678   1.00 18.90 ? 119 ARG A NH1 1 
ATOM   944  N  NH2 . ARG A 1 118 ? -15.705 -8.857  -0.081  1.00 15.08 ? 119 ARG A NH2 1 
ATOM   945  N  N   . PHE A 1 119 ? -16.277 -5.187  -6.689  1.00 22.33 ? 120 PHE A N   1 
ATOM   946  C  CA  . PHE A 1 119 ? -17.385 -5.557  -7.566  1.00 24.64 ? 120 PHE A CA  1 
ATOM   947  C  C   . PHE A 1 119 ? -17.142 -5.060  -8.981  1.00 24.95 ? 120 PHE A C   1 
ATOM   948  O  O   . PHE A 1 119 ? -18.067 -4.976  -9.787  1.00 26.68 ? 120 PHE A O   1 
ATOM   949  C  CB  . PHE A 1 119 ? -18.704 -4.996  -7.029  1.00 23.05 ? 120 PHE A CB  1 
ATOM   950  C  CG  . PHE A 1 119 ? -19.022 -5.454  -5.638  1.00 23.81 ? 120 PHE A CG  1 
ATOM   951  C  CD1 . PHE A 1 119 ? -19.044 -4.552  -4.583  1.00 23.43 ? 120 PHE A CD1 1 
ATOM   952  C  CD2 . PHE A 1 119 ? -19.251 -6.802  -5.373  1.00 23.98 ? 120 PHE A CD2 1 
ATOM   953  C  CE1 . PHE A 1 119 ? -19.286 -4.983  -3.279  1.00 25.19 ? 120 PHE A CE1 1 
ATOM   954  C  CE2 . PHE A 1 119 ? -19.494 -7.245  -4.077  1.00 23.79 ? 120 PHE A CE2 1 
ATOM   955  C  CZ  . PHE A 1 119 ? -19.511 -6.332  -3.026  1.00 25.45 ? 120 PHE A CZ  1 
ATOM   956  N  N   . ALA A 1 120 ? -15.887 -4.729  -9.264  1.00 25.35 ? 121 ALA A N   1 
ATOM   957  C  CA  . ALA A 1 120 ? -15.474 -4.250  -10.578 1.00 25.40 ? 121 ALA A CA  1 
ATOM   958  C  C   . ALA A 1 120 ? -16.014 -2.864  -10.921 1.00 26.05 ? 121 ALA A C   1 
ATOM   959  O  O   . ALA A 1 120 ? -15.893 -2.415  -12.059 1.00 26.53 ? 121 ALA A O   1 
ATOM   960  C  CB  . ALA A 1 120 ? -15.888 -5.261  -11.653 1.00 25.78 ? 121 ALA A CB  1 
ATOM   961  N  N   . GLU A 1 121 ? -16.598 -2.183  -9.939  1.00 27.35 ? 122 GLU A N   1 
ATOM   962  C  CA  . GLU A 1 121 ? -17.148 -0.847  -10.159 1.00 28.28 ? 122 GLU A CA  1 
ATOM   963  C  C   . GLU A 1 121 ? -16.038 0.205   -10.219 1.00 26.34 ? 122 GLU A C   1 
ATOM   964  O  O   . GLU A 1 121 ? -15.254 0.342   -9.279  1.00 26.85 ? 122 GLU A O   1 
ATOM   965  C  CB  . GLU A 1 121 ? -18.124 -0.483  -9.037  1.00 31.35 ? 122 GLU A CB  1 
ATOM   966  C  CG  . GLU A 1 121 ? -19.197 -1.528  -8.775  1.00 36.86 ? 122 GLU A CG  1 
ATOM   967  C  CD  . GLU A 1 121 ? -20.173 -1.099  -7.698  1.00 37.50 ? 122 GLU A CD  1 
ATOM   968  O  OE1 . GLU A 1 121 ? -19.721 -0.654  -6.621  1.00 39.70 ? 122 GLU A OE1 1 
ATOM   969  O  OE2 . GLU A 1 121 ? -21.394 -1.211  -7.927  1.00 41.92 ? 122 GLU A OE2 1 
ATOM   970  N  N   . VAL A 1 122 ? -15.982 0.945   -11.323 1.00 25.47 ? 123 VAL A N   1 
ATOM   971  C  CA  . VAL A 1 122 ? -14.976 1.988   -11.511 1.00 21.82 ? 123 VAL A CA  1 
ATOM   972  C  C   . VAL A 1 122 ? -15.188 3.121   -10.513 1.00 20.51 ? 123 VAL A C   1 
ATOM   973  O  O   . VAL A 1 122 ? -16.318 3.550   -10.280 1.00 17.84 ? 123 VAL A O   1 
ATOM   974  C  CB  . VAL A 1 122 ? -15.029 2.569   -12.946 1.00 22.56 ? 123 VAL A CB  1 
ATOM   975  C  CG1 . VAL A 1 122 ? -14.038 3.721   -13.085 1.00 19.97 ? 123 VAL A CG1 1 
ATOM   976  C  CG2 . VAL A 1 122 ? -14.714 1.475   -13.965 1.00 22.59 ? 123 VAL A CG2 1 
ATOM   977  N  N   . LYS A 1 123 ? -14.091 3.598   -9.931  1.00 18.35 ? 124 LYS A N   1 
ATOM   978  C  CA  . LYS A 1 123 ? -14.129 4.675   -8.950  1.00 17.37 ? 124 LYS A CA  1 
ATOM   979  C  C   . LYS A 1 123 ? -13.026 5.690   -9.217  1.00 16.74 ? 124 LYS A C   1 
ATOM   980  O  O   . LYS A 1 123 ? -11.968 5.348   -9.745  1.00 15.27 ? 124 LYS A O   1 
ATOM   981  C  CB  . LYS A 1 123 ? -13.917 4.118   -7.538  1.00 18.66 ? 124 LYS A CB  1 
ATOM   982  C  CG  . LYS A 1 123 ? -14.870 3.015   -7.129  1.00 17.98 ? 124 LYS A CG  1 
ATOM   983  C  CD  . LYS A 1 123 ? -16.246 3.554   -6.828  1.00 18.81 ? 124 LYS A CD  1 
ATOM   984  C  CE  . LYS A 1 123 ? -17.182 2.428   -6.452  1.00 20.95 ? 124 LYS A CE  1 
ATOM   985  N  NZ  . LYS A 1 123 ? -18.564 2.907   -6.229  1.00 23.29 ? 124 LYS A NZ  1 
ATOM   986  N  N   . VAL A 1 124 ? -13.276 6.942   -8.850  1.00 16.77 ? 125 VAL A N   1 
ATOM   987  C  CA  . VAL A 1 124 ? -12.273 7.987   -8.994  1.00 15.44 ? 125 VAL A CA  1 
ATOM   988  C  C   . VAL A 1 124 ? -12.113 8.577   -7.599  1.00 17.09 ? 125 VAL A C   1 
ATOM   989  O  O   . VAL A 1 124 ? -13.103 8.868   -6.927  1.00 18.18 ? 125 VAL A O   1 
ATOM   990  C  CB  . VAL A 1 124 ? -12.697 9.091   -9.980  1.00 14.89 ? 125 VAL A CB  1 
ATOM   991  C  CG1 . VAL A 1 124 ? -11.660 10.229  -9.957  1.00 12.45 ? 125 VAL A CG1 1 
ATOM   992  C  CG2 . VAL A 1 124 ? -12.820 8.512   -11.397 1.00 14.54 ? 125 VAL A CG2 1 
ATOM   993  N  N   . LEU A 1 125 ? -10.869 8.743   -7.165  1.00 17.13 ? 126 LEU A N   1 
ATOM   994  C  CA  . LEU A 1 125 ? -10.597 9.261   -5.833  1.00 15.67 ? 126 LEU A CA  1 
ATOM   995  C  C   . LEU A 1 125 ? -9.481  10.293  -5.801  1.00 16.08 ? 126 LEU A C   1 
ATOM   996  O  O   . LEU A 1 125 ? -8.390  10.052  -6.307  1.00 14.31 ? 126 LEU A O   1 
ATOM   997  C  CB  . LEU A 1 125 ? -10.239 8.102   -4.897  1.00 13.05 ? 126 LEU A CB  1 
ATOM   998  C  CG  . LEU A 1 125 ? -9.878  8.439   -3.442  1.00 15.30 ? 126 LEU A CG  1 
ATOM   999  C  CD1 . LEU A 1 125 ? -11.067 9.107   -2.744  1.00 11.30 ? 126 LEU A CD1 1 
ATOM   1000 C  CD2 . LEU A 1 125 ? -9.493  7.163   -2.714  1.00 13.41 ? 126 LEU A CD2 1 
ATOM   1001 N  N   . GLU A 1 126 ? -9.768  11.446  -5.201  1.00 17.77 ? 127 GLU A N   1 
ATOM   1002 C  CA  . GLU A 1 126 ? -8.787  12.522  -5.058  1.00 19.40 ? 127 GLU A CA  1 
ATOM   1003 C  C   . GLU A 1 126 ? -8.280  12.403  -3.623  1.00 17.42 ? 127 GLU A C   1 
ATOM   1004 O  O   . GLU A 1 126 ? -9.069  12.185  -2.708  1.00 17.03 ? 127 GLU A O   1 
ATOM   1005 C  CB  . GLU A 1 126 ? -9.455  13.887  -5.239  1.00 22.29 ? 127 GLU A CB  1 
ATOM   1006 C  CG  . GLU A 1 126 ? -10.155 14.094  -6.579  1.00 31.95 ? 127 GLU A CG  1 
ATOM   1007 C  CD  . GLU A 1 126 ? -11.237 15.173  -6.519  1.00 36.89 ? 127 GLU A CD  1 
ATOM   1008 O  OE1 . GLU A 1 126 ? -12.364 14.862  -6.066  1.00 37.35 ? 127 GLU A OE1 1 
ATOM   1009 O  OE2 . GLU A 1 126 ? -10.958 16.329  -6.912  1.00 39.30 ? 127 GLU A OE2 1 
ATOM   1010 N  N   . ALA A 1 127 ? -6.976  12.542  -3.417  1.00 16.51 ? 128 ALA A N   1 
ATOM   1011 C  CA  . ALA A 1 127 ? -6.434  12.432  -2.071  1.00 16.84 ? 128 ALA A CA  1 
ATOM   1012 C  C   . ALA A 1 127 ? -5.284  13.390  -1.807  1.00 18.08 ? 128 ALA A C   1 
ATOM   1013 O  O   . ALA A 1 127 ? -4.641  13.885  -2.733  1.00 19.23 ? 128 ALA A O   1 
ATOM   1014 C  CB  . ALA A 1 127 ? -5.973  11.001  -1.817  1.00 15.52 ? 128 ALA A CB  1 
ATOM   1015 N  N   . SER A 1 128 ? -5.034  13.647  -0.528  1.00 17.42 ? 129 SER A N   1 
ATOM   1016 C  CA  . SER A 1 128 ? -3.937  14.511  -0.113  1.00 17.80 ? 129 SER A CA  1 
ATOM   1017 C  C   . SER A 1 128 ? -3.476  14.047  1.266   1.00 17.83 ? 129 SER A C   1 
ATOM   1018 O  O   . SER A 1 128 ? -4.116  13.197  1.884   1.00 18.26 ? 129 SER A O   1 
ATOM   1019 C  CB  . SER A 1 128 ? -4.388  15.980  -0.065  1.00 18.01 ? 129 SER A CB  1 
ATOM   1020 O  OG  . SER A 1 128 ? -5.437  16.181  0.863   1.00 18.43 ? 129 SER A OG  1 
ATOM   1021 N  N   . GLU A 1 129 ? -2.358  14.583  1.738   1.00 19.17 ? 130 GLU A N   1 
ATOM   1022 C  CA  . GLU A 1 129 ? -1.836  14.212  3.051   1.00 20.24 ? 130 GLU A CA  1 
ATOM   1023 C  C   . GLU A 1 129 ? -1.624  12.702  3.201   1.00 18.83 ? 130 GLU A C   1 
ATOM   1024 O  O   . GLU A 1 129 ? -1.188  12.037  2.265   1.00 18.12 ? 130 GLU A O   1 
ATOM   1025 C  CB  . GLU A 1 129 ? -2.775  14.729  4.150   1.00 22.72 ? 130 GLU A CB  1 
ATOM   1026 C  CG  . GLU A 1 129 ? -2.946  16.247  4.139   1.00 29.35 ? 130 GLU A CG  1 
ATOM   1027 C  CD  . GLU A 1 129 ? -3.901  16.746  5.212   1.00 34.73 ? 130 GLU A CD  1 
ATOM   1028 O  OE1 . GLU A 1 129 ? -5.058  16.273  5.258   1.00 40.19 ? 130 GLU A OE1 1 
ATOM   1029 O  OE2 . GLU A 1 129 ? -3.500  17.619  6.009   1.00 37.95 ? 130 GLU A OE2 1 
ATOM   1030 N  N   . LEU A 1 130 ? -1.946  12.168  4.376   1.00 19.02 ? 131 LEU A N   1 
ATOM   1031 C  CA  . LEU A 1 130 ? -1.757  10.750  4.666   1.00 17.96 ? 131 LEU A CA  1 
ATOM   1032 C  C   . LEU A 1 130 ? -2.340  9.788   3.631   1.00 17.63 ? 131 LEU A C   1 
ATOM   1033 O  O   . LEU A 1 130 ? -1.652  8.871   3.171   1.00 17.98 ? 131 LEU A O   1 
ATOM   1034 C  CB  . LEU A 1 130 ? -2.312  10.414  6.053   1.00 18.64 ? 131 LEU A CB  1 
ATOM   1035 C  CG  . LEU A 1 130 ? -2.092  8.958   6.501   1.00 24.74 ? 131 LEU A CG  1 
ATOM   1036 C  CD1 . LEU A 1 130 ? -0.630  8.576   6.277   1.00 22.88 ? 131 LEU A CD1 1 
ATOM   1037 C  CD2 . LEU A 1 130 ? -2.475  8.782   7.977   1.00 22.71 ? 131 LEU A CD2 1 
ATOM   1038 N  N   . LEU A 1 131 ? -3.600  9.987   3.262   1.00 16.93 ? 132 LEU A N   1 
ATOM   1039 C  CA  . LEU A 1 131 ? -4.236  9.111   2.284   1.00 15.22 ? 132 LEU A CA  1 
ATOM   1040 C  C   . LEU A 1 131 ? -3.466  9.126   0.958   1.00 14.99 ? 132 LEU A C   1 
ATOM   1041 O  O   . LEU A 1 131 ? -3.246  8.078   0.342   1.00 16.54 ? 132 LEU A O   1 
ATOM   1042 C  CB  . LEU A 1 131 ? -5.691  9.530   2.062   1.00 13.31 ? 132 LEU A CB  1 
ATOM   1043 C  CG  . LEU A 1 131 ? -6.477  8.701   1.038   1.00 17.22 ? 132 LEU A CG  1 
ATOM   1044 C  CD1 . LEU A 1 131 ? -6.600  7.259   1.512   1.00 18.11 ? 132 LEU A CD1 1 
ATOM   1045 C  CD2 . LEU A 1 131 ? -7.854  9.311   0.835   1.00 14.96 ? 132 LEU A CD2 1 
ATOM   1046 N  N   . ALA A 1 132 ? -3.053  10.313  0.522   1.00 13.60 ? 133 ALA A N   1 
ATOM   1047 C  CA  . ALA A 1 132 ? -2.307  10.432  -0.727  1.00 14.26 ? 133 ALA A CA  1 
ATOM   1048 C  C   . ALA A 1 132 ? -0.993  9.669   -0.605  1.00 14.13 ? 133 ALA A C   1 
ATOM   1049 O  O   . ALA A 1 132 ? -0.536  9.046   -1.558  1.00 15.18 ? 133 ALA A O   1 
ATOM   1050 C  CB  . ALA A 1 132 ? -2.039  11.899  -1.050  1.00 11.56 ? 133 ALA A CB  1 
ATOM   1051 N  N   . VAL A 1 133 ? -0.391  9.725   0.578   1.00 14.56 ? 134 VAL A N   1 
ATOM   1052 C  CA  . VAL A 1 133 ? 0.866   9.030   0.835   1.00 14.03 ? 134 VAL A CA  1 
ATOM   1053 C  C   . VAL A 1 133 ? 0.671   7.514   0.776   1.00 12.56 ? 134 VAL A C   1 
ATOM   1054 O  O   . VAL A 1 133 ? 1.434   6.807   0.121   1.00 12.36 ? 134 VAL A O   1 
ATOM   1055 C  CB  . VAL A 1 133 ? 1.439   9.404   2.231   1.00 14.23 ? 134 VAL A CB  1 
ATOM   1056 C  CG1 . VAL A 1 133 ? 2.658   8.548   2.543   1.00 16.11 ? 134 VAL A CG1 1 
ATOM   1057 C  CG2 . VAL A 1 133 ? 1.823   10.877  2.261   1.00 14.40 ? 134 VAL A CG2 1 
ATOM   1058 N  N   . ALA A 1 134 ? -0.358  7.025   1.459   1.00 12.53 ? 135 ALA A N   1 
ATOM   1059 C  CA  . ALA A 1 134 ? -0.639  5.594   1.494   1.00 12.86 ? 135 ALA A CA  1 
ATOM   1060 C  C   . ALA A 1 134 ? -0.896  5.081   0.084   1.00 12.87 ? 135 ALA A C   1 
ATOM   1061 O  O   . ALA A 1 134 ? -0.413  4.015   -0.303  1.00 14.07 ? 135 ALA A O   1 
ATOM   1062 C  CB  . ALA A 1 134 ? -1.854  5.317   2.391   1.00 10.70 ? 135 ALA A CB  1 
ATOM   1063 N  N   . ILE A 1 135 ? -1.662  5.843   -0.685  1.00 14.13 ? 136 ILE A N   1 
ATOM   1064 C  CA  . ILE A 1 135 ? -1.964  5.453   -2.053  1.00 11.84 ? 136 ILE A CA  1 
ATOM   1065 C  C   . ILE A 1 135 ? -0.677  5.303   -2.861  1.00 12.61 ? 136 ILE A C   1 
ATOM   1066 O  O   . ILE A 1 135 ? -0.477  4.298   -3.538  1.00 13.41 ? 136 ILE A O   1 
ATOM   1067 C  CB  . ILE A 1 135 ? -2.905  6.487   -2.721  1.00 11.09 ? 136 ILE A CB  1 
ATOM   1068 C  CG1 . ILE A 1 135 ? -4.323  6.321   -2.152  1.00 8.73  ? 136 ILE A CG1 1 
ATOM   1069 C  CG2 . ILE A 1 135 ? -2.895  6.315   -4.238  1.00 9.23  ? 136 ILE A CG2 1 
ATOM   1070 C  CD1 . ILE A 1 135 ? -5.336  7.324   -2.680  1.00 6.79  ? 136 ILE A CD1 1 
ATOM   1071 N  N   . GLN A 1 136 ? 0.207   6.291   -2.776  1.00 13.01 ? 137 GLN A N   1 
ATOM   1072 C  CA  . GLN A 1 136 ? 1.463   6.240   -3.520  1.00 12.47 ? 137 GLN A CA  1 
ATOM   1073 C  C   . GLN A 1 136 ? 2.355   5.093   -3.056  1.00 13.48 ? 137 GLN A C   1 
ATOM   1074 O  O   . GLN A 1 136 ? 2.974   4.409   -3.866  1.00 15.09 ? 137 GLN A O   1 
ATOM   1075 C  CB  . GLN A 1 136 ? 2.208   7.575   -3.378  1.00 11.96 ? 137 GLN A CB  1 
ATOM   1076 C  CG  . GLN A 1 136 ? 1.508   8.744   -4.072  1.00 11.69 ? 137 GLN A CG  1 
ATOM   1077 C  CD  . GLN A 1 136 ? 2.146   10.088  -3.751  1.00 15.25 ? 137 GLN A CD  1 
ATOM   1078 O  OE1 . GLN A 1 136 ? 3.286   10.361  -4.138  1.00 14.26 ? 137 GLN A OE1 1 
ATOM   1079 N  NE2 . GLN A 1 136 ? 1.412   10.930  -3.027  1.00 12.81 ? 137 GLN A NE2 1 
ATOM   1080 N  N   . HIS A 1 137 ? 2.415   4.890   -1.744  1.00 13.91 ? 138 HIS A N   1 
ATOM   1081 C  CA  . HIS A 1 137 ? 3.224   3.832   -1.152  1.00 12.22 ? 138 HIS A CA  1 
ATOM   1082 C  C   . HIS A 1 137 ? 2.706   2.465   -1.600  1.00 12.73 ? 138 HIS A C   1 
ATOM   1083 O  O   . HIS A 1 137 ? 3.462   1.634   -2.100  1.00 12.70 ? 138 HIS A O   1 
ATOM   1084 C  CB  . HIS A 1 137 ? 3.155   3.943   0.375   1.00 13.79 ? 138 HIS A CB  1 
ATOM   1085 C  CG  . HIS A 1 137 ? 3.931   2.892   1.108   1.00 13.39 ? 138 HIS A CG  1 
ATOM   1086 N  ND1 . HIS A 1 137 ? 5.132   3.155   1.732   1.00 14.41 ? 138 HIS A ND1 1 
ATOM   1087 C  CD2 . HIS A 1 137 ? 3.640   1.598   1.382   1.00 12.35 ? 138 HIS A CD2 1 
ATOM   1088 C  CE1 . HIS A 1 137 ? 5.543   2.072   2.367   1.00 14.56 ? 138 HIS A CE1 1 
ATOM   1089 N  NE2 . HIS A 1 137 ? 4.656   1.113   2.172   1.00 13.59 ? 138 HIS A NE2 1 
ATOM   1090 N  N   . GLU A 1 138 ? 1.410   2.235   -1.433  1.00 14.11 ? 139 GLU A N   1 
ATOM   1091 C  CA  . GLU A 1 138 ? 0.846   0.951   -1.814  1.00 14.31 ? 139 GLU A CA  1 
ATOM   1092 C  C   . GLU A 1 138 ? 0.968   0.684   -3.311  1.00 14.49 ? 139 GLU A C   1 
ATOM   1093 O  O   . GLU A 1 138 ? 1.279   -0.434  -3.714  1.00 13.76 ? 139 GLU A O   1 
ATOM   1094 C  CB  . GLU A 1 138 ? -0.614  0.851   -1.369  1.00 14.56 ? 139 GLU A CB  1 
ATOM   1095 C  CG  . GLU A 1 138 ? -0.803  0.826   0.143   1.00 13.24 ? 139 GLU A CG  1 
ATOM   1096 C  CD  . GLU A 1 138 ? 0.137   -0.133  0.853   1.00 15.56 ? 139 GLU A CD  1 
ATOM   1097 O  OE1 . GLU A 1 138 ? 0.453   -1.201  0.286   1.00 16.02 ? 139 GLU A OE1 1 
ATOM   1098 O  OE2 . GLU A 1 138 ? 0.550   0.172   1.993   1.00 14.66 ? 139 GLU A OE2 1 
ATOM   1099 N  N   . ILE A 1 139 ? 0.735   1.699   -4.137  1.00 15.03 ? 140 ILE A N   1 
ATOM   1100 C  CA  . ILE A 1 139 ? 0.851   1.509   -5.578  1.00 14.48 ? 140 ILE A CA  1 
ATOM   1101 C  C   . ILE A 1 139 ? 2.294   1.179   -5.968  1.00 15.08 ? 140 ILE A C   1 
ATOM   1102 O  O   . ILE A 1 139 ? 2.527   0.415   -6.906  1.00 16.92 ? 140 ILE A O   1 
ATOM   1103 C  CB  . ILE A 1 139 ? 0.323   2.742   -6.354  1.00 15.11 ? 140 ILE A CB  1 
ATOM   1104 C  CG1 . ILE A 1 139 ? -1.212  2.736   -6.298  1.00 14.81 ? 140 ILE A CG1 1 
ATOM   1105 C  CG2 . ILE A 1 139 ? 0.795   2.711   -7.813  1.00 11.97 ? 140 ILE A CG2 1 
ATOM   1106 C  CD1 . ILE A 1 139 ? -1.867  3.944   -6.938  1.00 16.77 ? 140 ILE A CD1 1 
ATOM   1107 N  N   . ASP A 1 140 ? 3.264   1.731   -5.241  1.00 14.74 ? 141 ASP A N   1 
ATOM   1108 C  CA  . ASP A 1 140 ? 4.665   1.427   -5.529  1.00 15.08 ? 141 ASP A CA  1 
ATOM   1109 C  C   . ASP A 1 140 ? 4.888   -0.086  -5.356  1.00 15.97 ? 141 ASP A C   1 
ATOM   1110 O  O   . ASP A 1 140 ? 5.643   -0.702  -6.107  1.00 14.26 ? 141 ASP A O   1 
ATOM   1111 C  CB  . ASP A 1 140 ? 5.600   2.193   -4.587  1.00 15.07 ? 141 ASP A CB  1 
ATOM   1112 C  CG  . ASP A 1 140 ? 6.012   3.554   -5.136  1.00 18.30 ? 141 ASP A CG  1 
ATOM   1113 O  OD1 . ASP A 1 140 ? 5.711   3.851   -6.314  1.00 15.57 ? 141 ASP A OD1 1 
ATOM   1114 O  OD2 . ASP A 1 140 ? 6.654   4.323   -4.384  1.00 16.38 ? 141 ASP A OD2 1 
ATOM   1115 N  N   . HIS A 1 141 ? 4.231   -0.677  -4.360  1.00 15.57 ? 142 HIS A N   1 
ATOM   1116 C  CA  . HIS A 1 141 ? 4.353   -2.114  -4.124  1.00 16.35 ? 142 HIS A CA  1 
ATOM   1117 C  C   . HIS A 1 141 ? 3.940   -2.927  -5.346  1.00 15.80 ? 142 HIS A C   1 
ATOM   1118 O  O   . HIS A 1 141 ? 4.563   -3.938  -5.661  1.00 15.88 ? 142 HIS A O   1 
ATOM   1119 C  CB  . HIS A 1 141 ? 3.488   -2.546  -2.940  1.00 16.10 ? 142 HIS A CB  1 
ATOM   1120 C  CG  . HIS A 1 141 ? 4.168   -2.398  -1.618  1.00 16.42 ? 142 HIS A CG  1 
ATOM   1121 N  ND1 . HIS A 1 141 ? 5.402   -2.951  -1.356  1.00 14.62 ? 142 HIS A ND1 1 
ATOM   1122 C  CD2 . HIS A 1 141 ? 3.788   -1.765  -0.484  1.00 15.13 ? 142 HIS A CD2 1 
ATOM   1123 C  CE1 . HIS A 1 141 ? 5.754   -2.665  -0.115  1.00 16.31 ? 142 HIS A CE1 1 
ATOM   1124 N  NE2 . HIS A 1 141 ? 4.793   -1.946  0.435   1.00 16.33 ? 142 HIS A NE2 1 
ATOM   1125 N  N   . LEU A 1 142 ? 2.884   -2.486  -6.024  1.00 15.73 ? 143 LEU A N   1 
ATOM   1126 C  CA  . LEU A 1 142 ? 2.390   -3.194  -7.202  1.00 14.77 ? 143 LEU A CA  1 
ATOM   1127 C  C   . LEU A 1 142 ? 3.429   -3.230  -8.307  1.00 15.05 ? 143 LEU A C   1 
ATOM   1128 O  O   . LEU A 1 142 ? 3.393   -4.104  -9.172  1.00 15.29 ? 143 LEU A O   1 
ATOM   1129 C  CB  . LEU A 1 142 ? 1.125   -2.529  -7.744  1.00 15.96 ? 143 LEU A CB  1 
ATOM   1130 C  CG  . LEU A 1 142 ? -0.050  -2.264  -6.804  1.00 16.43 ? 143 LEU A CG  1 
ATOM   1131 C  CD1 . LEU A 1 142 ? -1.241  -1.839  -7.641  1.00 14.53 ? 143 LEU A CD1 1 
ATOM   1132 C  CD2 . LEU A 1 142 ? -0.381  -3.508  -5.992  1.00 17.53 ? 143 LEU A CD2 1 
ATOM   1133 N  N   . ASN A 1 143 ? 4.355   -2.277  -8.274  1.00 14.36 ? 144 ASN A N   1 
ATOM   1134 C  CA  . ASN A 1 143 ? 5.396   -2.196  -9.286  1.00 15.89 ? 144 ASN A CA  1 
ATOM   1135 C  C   . ASN A 1 143 ? 6.741   -2.675  -8.764  1.00 15.55 ? 144 ASN A C   1 
ATOM   1136 O  O   . ASN A 1 143 ? 7.781   -2.412  -9.370  1.00 15.86 ? 144 ASN A O   1 
ATOM   1137 C  CB  . ASN A 1 143 ? 5.517   -0.760  -9.809  1.00 16.37 ? 144 ASN A CB  1 
ATOM   1138 C  CG  . ASN A 1 143 ? 4.216   -0.246  -10.396 1.00 15.34 ? 144 ASN A CG  1 
ATOM   1139 O  OD1 . ASN A 1 143 ? 3.518   -0.972  -11.099 1.00 16.48 ? 144 ASN A OD1 1 
ATOM   1140 N  ND2 . ASN A 1 143 ? 3.892   1.009   -10.119 1.00 16.62 ? 144 ASN A ND2 1 
ATOM   1141 N  N   . GLY A 1 144 ? 6.709   -3.370  -7.632  1.00 14.60 ? 145 GLY A N   1 
ATOM   1142 C  CA  . GLY A 1 144 ? 7.927   -3.899  -7.049  1.00 14.99 ? 145 GLY A CA  1 
ATOM   1143 C  C   . GLY A 1 144 ? 8.834   -2.873  -6.404  1.00 15.73 ? 145 GLY A C   1 
ATOM   1144 O  O   . GLY A 1 144 ? 10.034  -3.102  -6.286  1.00 17.10 ? 145 GLY A O   1 
ATOM   1145 N  N   . VAL A 1 145 ? 8.265   -1.755  -5.970  1.00 15.78 ? 146 VAL A N   1 
ATOM   1146 C  CA  . VAL A 1 145 ? 9.042   -0.692  -5.333  1.00 15.50 ? 146 VAL A CA  1 
ATOM   1147 C  C   . VAL A 1 145 ? 8.745   -0.578  -3.835  1.00 16.91 ? 146 VAL A C   1 
ATOM   1148 O  O   . VAL A 1 145 ? 7.585   -0.652  -3.414  1.00 16.40 ? 146 VAL A O   1 
ATOM   1149 C  CB  . VAL A 1 145 ? 8.758   0.676   -6.003  1.00 15.13 ? 146 VAL A CB  1 
ATOM   1150 C  CG1 . VAL A 1 145 ? 9.447   1.799   -5.234  1.00 16.19 ? 146 VAL A CG1 1 
ATOM   1151 C  CG2 . VAL A 1 145 ? 9.250   0.656   -7.447  1.00 14.00 ? 146 VAL A CG2 1 
ATOM   1152 N  N   . LEU A 1 146 ? 9.806   -0.410  -3.041  1.00 16.84 ? 147 LEU A N   1 
ATOM   1153 C  CA  . LEU A 1 146 ? 9.710   -0.260  -1.588  1.00 16.20 ? 147 LEU A CA  1 
ATOM   1154 C  C   . LEU A 1 146 ? 10.113  1.171   -1.260  1.00 17.14 ? 147 LEU A C   1 
ATOM   1155 O  O   . LEU A 1 146 ? 10.880  1.777   -2.009  1.00 15.58 ? 147 LEU A O   1 
ATOM   1156 C  CB  . LEU A 1 146 ? 10.660  -1.227  -0.890  1.00 16.65 ? 147 LEU A CB  1 
ATOM   1157 C  CG  . LEU A 1 146 ? 10.457  -2.715  -1.175  1.00 16.85 ? 147 LEU A CG  1 
ATOM   1158 C  CD1 . LEU A 1 146 ? 11.538  -3.512  -0.467  1.00 15.90 ? 147 LEU A CD1 1 
ATOM   1159 C  CD2 . LEU A 1 146 ? 9.071   -3.142  -0.716  1.00 17.81 ? 147 LEU A CD2 1 
ATOM   1160 N  N   . PHE A 1 147 ? 9.621   1.717   -0.149  1.00 17.75 ? 148 PHE A N   1 
ATOM   1161 C  CA  . PHE A 1 147 ? 9.955   3.096   0.175   1.00 17.50 ? 148 PHE A CA  1 
ATOM   1162 C  C   . PHE A 1 147 ? 11.445  3.310   0.453   1.00 19.71 ? 148 PHE A C   1 
ATOM   1163 O  O   . PHE A 1 147 ? 11.950  4.417   0.274   1.00 18.38 ? 148 PHE A O   1 
ATOM   1164 C  CB  . PHE A 1 147 ? 9.098   3.625   1.339   1.00 16.90 ? 148 PHE A CB  1 
ATOM   1165 C  CG  . PHE A 1 147 ? 9.550   3.175   2.709   1.00 16.98 ? 148 PHE A CG  1 
ATOM   1166 C  CD1 . PHE A 1 147 ? 9.243   1.909   3.180   1.00 15.69 ? 148 PHE A CD1 1 
ATOM   1167 C  CD2 . PHE A 1 147 ? 10.245  4.047   3.542   1.00 17.30 ? 148 PHE A CD2 1 
ATOM   1168 C  CE1 . PHE A 1 147 ? 9.616   1.515   4.467   1.00 19.28 ? 148 PHE A CE1 1 
ATOM   1169 C  CE2 . PHE A 1 147 ? 10.623  3.664   4.827   1.00 16.53 ? 148 PHE A CE2 1 
ATOM   1170 C  CZ  . PHE A 1 147 ? 10.303  2.393   5.292   1.00 15.51 ? 148 PHE A CZ  1 
ATOM   1171 N  N   . VAL A 1 148 ? 12.158  2.260   0.865   1.00 20.10 ? 149 VAL A N   1 
ATOM   1172 C  CA  . VAL A 1 148 ? 13.589  2.406   1.113   1.00 21.37 ? 149 VAL A CA  1 
ATOM   1173 C  C   . VAL A 1 148 ? 14.328  2.583   -0.217  1.00 25.20 ? 149 VAL A C   1 
ATOM   1174 O  O   . VAL A 1 148 ? 15.515  2.907   -0.237  1.00 26.97 ? 149 VAL A O   1 
ATOM   1175 C  CB  . VAL A 1 148 ? 14.198  1.189   1.863   1.00 20.11 ? 149 VAL A CB  1 
ATOM   1176 C  CG1 . VAL A 1 148 ? 13.606  1.085   3.262   1.00 18.59 ? 149 VAL A CG1 1 
ATOM   1177 C  CG2 . VAL A 1 148 ? 13.966  -0.085  1.078   1.00 18.82 ? 149 VAL A CG2 1 
ATOM   1178 N  N   . ASP A 1 149 ? 13.622  2.369   -1.326  1.00 25.21 ? 150 ASP A N   1 
ATOM   1179 C  CA  . ASP A 1 149 ? 14.214  2.529   -2.653  1.00 27.81 ? 150 ASP A CA  1 
ATOM   1180 C  C   . ASP A 1 149 ? 14.217  4.013   -2.997  1.00 30.58 ? 150 ASP A C   1 
ATOM   1181 O  O   . ASP A 1 149 ? 14.996  4.464   -3.833  1.00 31.16 ? 150 ASP A O   1 
ATOM   1182 C  CB  . ASP A 1 149 ? 13.388  1.806   -3.726  1.00 25.86 ? 150 ASP A CB  1 
ATOM   1183 C  CG  . ASP A 1 149 ? 13.346  0.306   -3.544  1.00 27.91 ? 150 ASP A CG  1 
ATOM   1184 O  OD1 . ASP A 1 149 ? 12.524  -0.335  -4.234  1.00 27.41 ? 150 ASP A OD1 1 
ATOM   1185 O  OD2 . ASP A 1 149 ? 14.124  -0.236  -2.732  1.00 29.24 ? 150 ASP A OD2 1 
ATOM   1186 N  N   . LYS A 1 150 ? 13.328  4.763   -2.355  1.00 33.15 ? 151 LYS A N   1 
ATOM   1187 C  CA  . LYS A 1 150 ? 13.193  6.192   -2.606  1.00 35.30 ? 151 LYS A CA  1 
ATOM   1188 C  C   . LYS A 1 150 ? 13.916  7.093   -1.608  1.00 37.10 ? 151 LYS A C   1 
ATOM   1189 O  O   . LYS A 1 150 ? 13.647  8.292   -1.542  1.00 36.99 ? 151 LYS A O   1 
ATOM   1190 C  CB  . LYS A 1 150 ? 11.707  6.556   -2.646  1.00 35.55 ? 151 LYS A CB  1 
ATOM   1191 C  CG  . LYS A 1 150 ? 10.972  6.022   -3.868  1.00 36.05 ? 151 LYS A CG  1 
ATOM   1192 C  CD  . LYS A 1 150 ? 9.479   6.265   -3.750  1.00 39.23 ? 151 LYS A CD  1 
ATOM   1193 C  CE  . LYS A 1 150 ? 8.846   6.563   -5.107  1.00 41.50 ? 151 LYS A CE  1 
ATOM   1194 N  NZ  . LYS A 1 150 ? 9.056   5.487   -6.120  1.00 42.89 ? 151 LYS A NZ  1 
ATOM   1195 N  N   . LEU A 1 151 ? 14.843  6.526   -0.845  1.00 40.27 ? 152 LEU A N   1 
ATOM   1196 C  CA  . LEU A 1 151 ? 15.584  7.301   0.146   1.00 43.66 ? 152 LEU A CA  1 
ATOM   1197 C  C   . LEU A 1 151 ? 16.783  8.036   -0.442  1.00 46.41 ? 152 LEU A C   1 
ATOM   1198 O  O   . LEU A 1 151 ? 17.426  7.555   -1.374  1.00 45.93 ? 152 LEU A O   1 
ATOM   1199 C  CB  . LEU A 1 151 ? 16.071  6.396   1.279   1.00 43.07 ? 152 LEU A CB  1 
ATOM   1200 C  CG  . LEU A 1 151 ? 15.014  5.654   2.093   1.00 43.86 ? 152 LEU A CG  1 
ATOM   1201 C  CD1 . LEU A 1 151 ? 15.705  4.843   3.177   1.00 44.25 ? 152 LEU A CD1 1 
ATOM   1202 C  CD2 . LEU A 1 151 ? 14.030  6.644   2.698   1.00 43.62 ? 152 LEU A CD2 1 
ATOM   1203 N  N   . SER A 1 152 ? 17.080  9.206   0.117   1.00 49.07 ? 153 SER A N   1 
ATOM   1204 C  CA  . SER A 1 152 ? 18.213  10.001  -0.333  1.00 51.74 ? 153 SER A CA  1 
ATOM   1205 C  C   . SER A 1 152 ? 19.490  9.250   0.033   1.00 53.73 ? 153 SER A C   1 
ATOM   1206 O  O   . SER A 1 152 ? 19.462  8.328   0.849   1.00 54.00 ? 153 SER A O   1 
ATOM   1207 C  CB  . SER A 1 152 ? 18.202  11.375  0.345   1.00 51.30 ? 153 SER A CB  1 
ATOM   1208 O  OG  . SER A 1 152 ? 18.376  11.260  1.747   1.00 50.52 ? 153 SER A OG  1 
ATOM   1209 N  N   . ILE A 1 153 ? 20.606  9.644   -0.573  1.00 55.97 ? 154 ILE A N   1 
ATOM   1210 C  CA  . ILE A 1 153 ? 21.889  8.999   -0.313  1.00 58.38 ? 154 ILE A CA  1 
ATOM   1211 C  C   . ILE A 1 153 ? 22.208  8.930   1.179   1.00 59.86 ? 154 ILE A C   1 
ATOM   1212 O  O   . ILE A 1 153 ? 22.704  7.914   1.671   1.00 59.88 ? 154 ILE A O   1 
ATOM   1213 C  CB  . ILE A 1 153 ? 23.040  9.744   -1.032  1.00 59.11 ? 154 ILE A CB  1 
ATOM   1214 C  CG1 . ILE A 1 153 ? 22.841  9.669   -2.549  1.00 59.11 ? 154 ILE A CG1 1 
ATOM   1215 C  CG2 . ILE A 1 153 ? 24.385  9.145   -0.628  1.00 59.46 ? 154 ILE A CG2 1 
ATOM   1216 C  CD1 . ILE A 1 153 ? 23.909  10.387  -3.353  1.00 58.61 ? 154 ILE A CD1 1 
ATOM   1217 N  N   . LEU A 1 154 ? 21.914  10.016  1.888   1.00 60.84 ? 155 LEU A N   1 
ATOM   1218 C  CA  . LEU A 1 154 ? 22.179  10.107  3.319   1.00 61.92 ? 155 LEU A CA  1 
ATOM   1219 C  C   . LEU A 1 154 ? 21.321  9.160   4.154   1.00 62.23 ? 155 LEU A C   1 
ATOM   1220 O  O   . LEU A 1 154 ? 21.834  8.435   5.008   1.00 61.53 ? 155 LEU A O   1 
ATOM   1221 C  CB  . LEU A 1 154 ? 21.958  11.545  3.799   1.00 62.18 ? 155 LEU A CB  1 
ATOM   1222 C  CG  . LEU A 1 154 ? 22.217  11.816  5.284   1.00 62.47 ? 155 LEU A CG  1 
ATOM   1223 C  CD1 . LEU A 1 154 ? 23.687  11.576  5.605   1.00 61.36 ? 155 LEU A CD1 1 
ATOM   1224 C  CD2 . LEU A 1 154 ? 21.821  13.245  5.613   1.00 62.55 ? 155 LEU A CD2 1 
ATOM   1225 N  N   . LYS A 1 155 ? 20.015  9.175   3.906   1.00 62.81 ? 156 LYS A N   1 
ATOM   1226 C  CA  . LYS A 1 155 ? 19.080  8.331   4.642   1.00 63.25 ? 156 LYS A CA  1 
ATOM   1227 C  C   . LYS A 1 155 ? 19.207  6.851   4.298   1.00 63.85 ? 156 LYS A C   1 
ATOM   1228 O  O   . LYS A 1 155 ? 18.885  5.985   5.114   1.00 63.44 ? 156 LYS A O   1 
ATOM   1229 C  CB  . LYS A 1 155 ? 17.647  8.805   4.389   1.00 62.87 ? 156 LYS A CB  1 
ATOM   1230 C  CG  . LYS A 1 155 ? 17.373  10.208  4.904   1.00 61.32 ? 156 LYS A CG  1 
ATOM   1231 C  CD  . LYS A 1 155 ? 17.684  10.310  6.389   1.00 60.24 ? 156 LYS A CD  1 
ATOM   1232 C  CE  . LYS A 1 155 ? 17.391  11.698  6.928   1.00 60.31 ? 156 LYS A CE  1 
ATOM   1233 N  NZ  . LYS A 1 155 ? 17.716  11.792  8.377   1.00 59.74 ? 156 LYS A NZ  1 
ATOM   1234 N  N   . ARG A 1 156 ? 19.674  6.567   3.087   1.00 64.73 ? 157 ARG A N   1 
ATOM   1235 C  CA  . ARG A 1 156 ? 19.853  5.193   2.637   1.00 66.30 ? 157 ARG A CA  1 
ATOM   1236 C  C   . ARG A 1 156 ? 20.956  4.528   3.458   1.00 65.52 ? 157 ARG A C   1 
ATOM   1237 O  O   . ARG A 1 156 ? 20.950  3.314   3.665   1.00 65.08 ? 157 ARG A O   1 
ATOM   1238 C  CB  . ARG A 1 156 ? 20.202  5.183   1.146   1.00 68.66 ? 157 ARG A CB  1 
ATOM   1239 C  CG  . ARG A 1 156 ? 20.505  3.816   0.555   1.00 72.36 ? 157 ARG A CG  1 
ATOM   1240 C  CD  . ARG A 1 156 ? 20.294  3.838   -0.956  1.00 76.17 ? 157 ARG A CD  1 
ATOM   1241 N  NE  . ARG A 1 156 ? 21.241  2.987   -1.672  1.00 78.64 ? 157 ARG A NE  1 
ATOM   1242 C  CZ  . ARG A 1 156 ? 22.535  3.259   -1.807  1.00 79.58 ? 157 ARG A CZ  1 
ATOM   1243 N  NH1 . ARG A 1 156 ? 23.040  4.363   -1.272  1.00 80.45 ? 157 ARG A NH1 1 
ATOM   1244 N  NH2 . ARG A 1 156 ? 23.324  2.432   -2.479  1.00 79.30 ? 157 ARG A NH2 1 
ATOM   1245 N  N   . LYS A 1 157 ? 21.894  5.341   3.931   1.00 64.85 ? 158 LYS A N   1 
ATOM   1246 C  CA  . LYS A 1 157 ? 22.997  4.844   4.741   1.00 63.29 ? 158 LYS A CA  1 
ATOM   1247 C  C   . LYS A 1 157 ? 22.494  4.562   6.151   1.00 61.04 ? 158 LYS A C   1 
ATOM   1248 O  O   . LYS A 1 157 ? 22.900  3.590   6.784   1.00 61.24 ? 158 LYS A O   1 
ATOM   1249 C  CB  . LYS A 1 157 ? 24.121  5.881   4.782   1.00 65.73 ? 158 LYS A CB  1 
ATOM   1250 C  CG  . LYS A 1 157 ? 24.532  6.393   3.410   1.00 68.08 ? 158 LYS A CG  1 
ATOM   1251 C  CD  . LYS A 1 157 ? 24.942  5.257   2.486   1.00 70.52 ? 158 LYS A CD  1 
ATOM   1252 C  CE  . LYS A 1 157 ? 25.286  5.767   1.096   1.00 71.66 ? 158 LYS A CE  1 
ATOM   1253 N  NZ  . LYS A 1 157 ? 25.725  4.664   0.195   1.00 70.91 ? 158 LYS A NZ  1 
ATOM   1254 N  N   . LYS A 1 158 ? 21.604  5.421   6.637   1.00 59.29 ? 159 LYS A N   1 
ATOM   1255 C  CA  . LYS A 1 158 ? 21.027  5.270   7.968   1.00 57.98 ? 159 LYS A CA  1 
ATOM   1256 C  C   . LYS A 1 158 ? 20.228  3.967   8.032   1.00 56.86 ? 159 LYS A C   1 
ATOM   1257 O  O   . LYS A 1 158 ? 20.108  3.351   9.092   1.00 56.13 ? 159 LYS A O   1 
ATOM   1258 C  CB  . LYS A 1 158 ? 20.121  6.468   8.282   1.00 57.78 ? 159 LYS A CB  1 
ATOM   1259 C  CG  . LYS A 1 158 ? 19.512  6.478   9.680   1.00 56.18 ? 159 LYS A CG  1 
ATOM   1260 C  CD  . LYS A 1 158 ? 18.754  7.780   9.933   1.00 54.44 ? 159 LYS A CD  1 
ATOM   1261 C  CE  . LYS A 1 158 ? 18.039  7.776   11.279  1.00 53.90 ? 159 LYS A CE  1 
ATOM   1262 N  NZ  . LYS A 1 158 ? 16.953  6.756   11.344  1.00 50.94 ? 159 LYS A NZ  1 
ATOM   1263 N  N   . PHE A 1 159 ? 19.691  3.554   6.886   1.00 56.49 ? 160 PHE A N   1 
ATOM   1264 C  CA  . PHE A 1 159 ? 18.913  2.320   6.789   1.00 55.62 ? 160 PHE A CA  1 
ATOM   1265 C  C   . PHE A 1 159 ? 19.832  1.108   6.845   1.00 56.51 ? 160 PHE A C   1 
ATOM   1266 O  O   . PHE A 1 159 ? 19.568  0.147   7.569   1.00 55.45 ? 160 PHE A O   1 
ATOM   1267 C  CB  . PHE A 1 159 ? 18.118  2.290   5.477   1.00 52.95 ? 160 PHE A CB  1 
ATOM   1268 C  CG  . PHE A 1 159 ? 17.535  0.940   5.147   1.00 49.66 ? 160 PHE A CG  1 
ATOM   1269 C  CD1 . PHE A 1 159 ? 18.027  0.201   4.077   1.00 48.75 ? 160 PHE A CD1 1 
ATOM   1270 C  CD2 . PHE A 1 159 ? 16.500  0.406   5.909   1.00 48.67 ? 160 PHE A CD2 1 
ATOM   1271 C  CE1 . PHE A 1 159 ? 17.495  -1.051  3.768   1.00 48.21 ? 160 PHE A CE1 1 
ATOM   1272 C  CE2 . PHE A 1 159 ? 15.963  -0.844  5.609   1.00 47.88 ? 160 PHE A CE2 1 
ATOM   1273 C  CZ  . PHE A 1 159 ? 16.462  -1.574  4.535   1.00 47.15 ? 160 PHE A CZ  1 
ATOM   1274 N  N   . GLU A 1 160 ? 20.908  1.164   6.070   1.00 58.10 ? 161 GLU A N   1 
ATOM   1275 C  CA  . GLU A 1 160 ? 21.876  0.080   6.022   1.00 60.77 ? 161 GLU A CA  1 
ATOM   1276 C  C   . GLU A 1 160 ? 22.575  -0.070  7.377   1.00 61.62 ? 161 GLU A C   1 
ATOM   1277 O  O   . GLU A 1 160 ? 23.099  -1.137  7.701   1.00 61.74 ? 161 GLU A O   1 
ATOM   1278 C  CB  . GLU A 1 160 ? 22.890  0.354   4.908   1.00 61.57 ? 161 GLU A CB  1 
ATOM   1279 C  CG  . GLU A 1 160 ? 22.221  0.601   3.559   1.00 64.00 ? 161 GLU A CG  1 
ATOM   1280 C  CD  . GLU A 1 160 ? 23.204  0.917   2.446   1.00 65.76 ? 161 GLU A CD  1 
ATOM   1281 O  OE1 . GLU A 1 160 ? 24.026  1.844   2.616   1.00 67.55 ? 161 GLU A OE1 1 
ATOM   1282 O  OE2 . GLU A 1 160 ? 23.148  0.242   1.393   1.00 65.53 ? 161 GLU A OE2 1 
ATOM   1283 N  N   . LYS A 1 161 ? 22.566  1.002   8.166   1.00 62.27 ? 162 LYS A N   1 
ATOM   1284 C  CA  . LYS A 1 161 ? 23.178  0.993   9.492   1.00 63.02 ? 162 LYS A CA  1 
ATOM   1285 C  C   . LYS A 1 161 ? 22.262  0.268   10.475  1.00 64.40 ? 162 LYS A C   1 
ATOM   1286 O  O   . LYS A 1 161 ? 22.685  -0.656  11.170  1.00 64.11 ? 162 LYS A O   1 
ATOM   1287 C  CB  . LYS A 1 161 ? 23.408  2.423   9.985   1.00 61.29 ? 162 LYS A CB  1 
ATOM   1288 C  CG  . LYS A 1 161 ? 24.056  2.501   11.362  1.00 59.37 ? 162 LYS A CG  1 
ATOM   1289 C  CD  . LYS A 1 161 ? 23.871  3.874   11.991  1.00 58.20 ? 162 LYS A CD  1 
ATOM   1290 C  CE  . LYS A 1 161 ? 22.406  4.134   12.328  1.00 58.08 ? 162 LYS A CE  1 
ATOM   1291 N  NZ  . LYS A 1 161 ? 22.184  5.491   12.901  1.00 56.86 ? 162 LYS A NZ  1 
ATOM   1292 N  N   . GLU A 1 162 ? 21.004  0.700   10.527  1.00 66.44 ? 163 GLU A N   1 
ATOM   1293 C  CA  . GLU A 1 162 ? 20.008  0.106   11.413  1.00 68.83 ? 163 GLU A CA  1 
ATOM   1294 C  C   . GLU A 1 162 ? 19.681  -1.323  10.988  1.00 70.60 ? 163 GLU A C   1 
ATOM   1295 O  O   . GLU A 1 162 ? 18.763  -1.945  11.525  1.00 71.24 ? 163 GLU A O   1 
ATOM   1296 C  CB  . GLU A 1 162 ? 18.726  0.944   11.402  1.00 68.68 ? 163 GLU A CB  1 
ATOM   1297 C  CG  . GLU A 1 162 ? 18.884  2.349   11.966  1.00 68.47 ? 163 GLU A CG  1 
ATOM   1298 C  CD  . GLU A 1 162 ? 17.630  3.190   11.798  1.00 68.35 ? 163 GLU A CD  1 
ATOM   1299 O  OE1 . GLU A 1 162 ? 16.541  2.730   12.202  1.00 68.38 ? 163 GLU A OE1 1 
ATOM   1300 O  OE2 . GLU A 1 162 ? 17.733  4.314   11.264  1.00 68.17 ? 163 GLU A OE2 1 
ATOM   1301 N  N   . LEU A 1 163 ? 20.440  -1.835  10.025  1.00 73.09 ? 164 LEU A N   1 
ATOM   1302 C  CA  . LEU A 1 163 ? 20.239  -3.186  9.510   1.00 74.67 ? 164 LEU A CA  1 
ATOM   1303 C  C   . LEU A 1 163 ? 21.153  -4.162  10.255  1.00 75.53 ? 164 LEU A C   1 
ATOM   1304 O  O   . LEU A 1 163 ? 22.097  -3.694  10.927  1.00 75.94 ? 164 LEU A O   1 
ATOM   1305 C  CB  . LEU A 1 163 ? 20.546  -3.204  8.005   1.00 76.21 ? 164 LEU A CB  1 
ATOM   1306 C  CG  . LEU A 1 163 ? 19.994  -4.296  7.077   1.00 76.88 ? 164 LEU A CG  1 
ATOM   1307 C  CD1 . LEU A 1 163 ? 20.605  -5.649  7.411   1.00 77.72 ? 164 LEU A CD1 1 
ATOM   1308 C  CD2 . LEU A 1 163 ? 18.480  -4.335  7.191   1.00 76.85 ? 164 LEU A CD2 1 
HETATM 1309 CO CO  . CO  B 2 .   ? 4.343   -1.010  2.315   1.00 17.67 ? 300 CO  A CO  1 
HETATM 1310 O  O   . HOH C 3 .   ? 0.523   -6.360  -5.336  1.00 8.06  ? 301 HOH A O   1 
HETATM 1311 O  O   . HOH C 3 .   ? -0.737  5.030   -13.042 1.00 21.55 ? 302 HOH A O   1 
HETATM 1312 O  O   . HOH C 3 .   ? -11.263 13.106  -14.405 1.00 41.32 ? 303 HOH A O   1 
HETATM 1313 O  O   . HOH C 3 .   ? -8.322  16.440  -6.270  1.00 22.00 ? 304 HOH A O   1 
HETATM 1314 O  O   . HOH C 3 .   ? 3.966   -6.496  -6.795  1.00 12.10 ? 305 HOH A O   1 
HETATM 1315 O  O   . HOH C 3 .   ? 6.481   -4.557  -3.281  1.00 16.13 ? 306 HOH A O   1 
HETATM 1316 O  O   . HOH C 3 .   ? -12.503 12.268  -4.373  1.00 12.91 ? 307 HOH A O   1 
HETATM 1317 O  O   . HOH C 3 .   ? 7.587   0.033   0.969   1.00 17.50 ? 308 HOH A O   1 
HETATM 1318 O  O   . HOH C 3 .   ? -5.412  12.045  4.210   1.00 24.81 ? 309 HOH A O   1 
HETATM 1319 O  O   . HOH C 3 .   ? -7.331  -9.012  -16.770 1.00 39.01 ? 310 HOH A O   1 
HETATM 1320 O  O   . HOH C 3 .   ? 8.357   0.197   9.001   1.00 16.53 ? 311 HOH A O   1 
HETATM 1321 O  O   . HOH C 3 .   ? 18.686  0.474   0.160   1.00 48.70 ? 312 HOH A O   1 
HETATM 1322 O  O   . HOH C 3 .   ? -16.584 0.969   -2.626  1.00 36.10 ? 313 HOH A O   1 
HETATM 1323 O  O   . HOH C 3 .   ? 6.174   0.750   -1.574  1.00 12.40 ? 314 HOH A O   1 
HETATM 1324 O  O   . HOH C 3 .   ? -7.098  15.611  -12.988 1.00 44.58 ? 315 HOH A O   1 
HETATM 1325 O  O   . HOH C 3 .   ? 4.081   -6.371  13.196  1.00 36.19 ? 316 HOH A O   1 
HETATM 1326 O  O   . HOH C 3 .   ? 5.489   2.849   -8.829  1.00 25.41 ? 317 HOH A O   1 
HETATM 1327 O  O   . HOH C 3 .   ? 3.496   -12.249 8.947   1.00 30.14 ? 318 HOH A O   1 
HETATM 1328 O  O   . HOH C 3 .   ? 5.376   8.514   -4.972  1.00 14.27 ? 319 HOH A O   1 
HETATM 1329 O  O   . HOH C 3 .   ? -10.712 -6.242  2.705   1.00 21.28 ? 320 HOH A O   1 
HETATM 1330 O  O   . HOH C 3 .   ? 9.785   -12.955 4.373   1.00 26.80 ? 321 HOH A O   1 
HETATM 1331 O  O   . HOH C 3 .   ? 7.297   -0.878  11.190  1.00 19.83 ? 322 HOH A O   1 
HETATM 1332 O  O   . HOH C 3 .   ? 6.648   6.322   -6.950  1.00 44.25 ? 323 HOH A O   1 
HETATM 1333 O  O   . HOH C 3 .   ? -7.852  -12.130 -11.987 1.00 19.85 ? 324 HOH A O   1 
HETATM 1334 O  O   . HOH C 3 .   ? 0.944   0.217   7.047   1.00 20.93 ? 325 HOH A O   1 
HETATM 1335 O  O   . HOH C 3 .   ? -3.160  -1.253  -12.036 1.00 18.31 ? 326 HOH A O   1 
HETATM 1336 O  O   . HOH C 3 .   ? -11.251 -3.334  12.182  1.00 33.92 ? 327 HOH A O   1 
HETATM 1337 O  O   . HOH C 3 .   ? 20.314  11.905  -2.660  1.00 36.20 ? 328 HOH A O   1 
HETATM 1338 O  O   . HOH C 3 .   ? -13.865 2.326   -3.096  1.00 24.20 ? 329 HOH A O   1 
HETATM 1339 O  O   . HOH C 3 .   ? 2.265   -2.055  5.228   1.00 15.70 ? 330 HOH A O   1 
HETATM 1340 O  O   . HOH C 3 .   ? 0.705   -17.296 4.192   1.00 28.78 ? 331 HOH A O   1 
HETATM 1341 O  O   . HOH C 3 .   ? -10.939 -17.799 7.152   1.00 39.60 ? 332 HOH A O   1 
HETATM 1342 O  O   . HOH C 3 .   ? -7.336  -9.277  12.503  1.00 18.78 ? 333 HOH A O   1 
HETATM 1343 O  O   . HOH C 3 .   ? 1.713   2.715   -11.517 1.00 19.46 ? 334 HOH A O   1 
HETATM 1344 O  O   . HOH C 3 .   ? 14.195  -13.620 -2.198  1.00 25.38 ? 335 HOH A O   1 
HETATM 1345 O  O   . HOH C 3 .   ? -14.309 -2.855  -2.666  1.00 16.07 ? 336 HOH A O   1 
HETATM 1346 O  O   . HOH C 3 .   ? -0.552  -12.598 -10.971 1.00 25.68 ? 337 HOH A O   1 
HETATM 1347 O  O   . HOH C 3 .   ? 0.931   22.884  -0.107  1.00 37.54 ? 338 HOH A O   1 
HETATM 1348 O  O   . HOH C 3 .   ? -7.779  -14.059 -7.578  1.00 26.76 ? 339 HOH A O   1 
HETATM 1349 O  O   . HOH C 3 .   ? -0.734  -10.153 10.625  1.00 24.15 ? 340 HOH A O   1 
HETATM 1350 O  O   . HOH C 3 .   ? 5.695   17.420  -8.588  1.00 35.19 ? 341 HOH A O   1 
HETATM 1351 O  O   . HOH C 3 .   ? -14.162 -2.385  12.444  1.00 31.63 ? 342 HOH A O   1 
HETATM 1352 O  O   . HOH C 3 .   ? -6.103  -5.171  -17.177 1.00 34.41 ? 343 HOH A O   1 
HETATM 1353 O  O   . HOH C 3 .   ? -1.093  -6.488  -15.731 1.00 27.62 ? 344 HOH A O   1 
HETATM 1354 O  O   . HOH C 3 .   ? 1.423   -15.141 2.611   1.00 22.37 ? 345 HOH A O   1 
HETATM 1355 O  O   . HOH C 3 .   ? -22.762 -0.706  -5.386  1.00 42.89 ? 346 HOH A O   1 
HETATM 1356 O  O   . HOH C 3 .   ? 1.693   22.369  -3.895  1.00 29.35 ? 347 HOH A O   1 
HETATM 1357 O  O   . HOH C 3 .   ? -4.231  -1.917  12.306  1.00 24.43 ? 348 HOH A O   1 
HETATM 1358 O  O   . HOH C 3 .   ? -16.382 -10.972 1.978   1.00 34.70 ? 349 HOH A O   1 
HETATM 1359 O  O   . HOH C 3 .   ? -12.413 18.564  -7.056  1.00 50.27 ? 350 HOH A O   1 
HETATM 1360 O  O   . HOH C 3 .   ? 12.966  -6.826  -0.911  1.00 21.22 ? 351 HOH A O   1 
HETATM 1361 O  O   . HOH C 3 .   ? -0.681  1.299   -11.980 1.00 37.97 ? 352 HOH A O   1 
HETATM 1362 O  O   . HOH C 3 .   ? 4.792   -10.219 10.366  1.00 46.14 ? 353 HOH A O   1 
HETATM 1363 O  O   . HOH C 3 .   ? -4.327  -16.325 -0.334  1.00 40.70 ? 354 HOH A O   1 
HETATM 1364 O  O   . HOH C 3 .   ? -10.786 -16.500 -10.707 1.00 43.03 ? 355 HOH A O   1 
HETATM 1365 O  O   . HOH C 3 .   ? 0.779   -4.474  -15.699 1.00 46.59 ? 356 HOH A O   1 
HETATM 1366 O  O   . HOH C 3 .   ? -7.235  -8.435  15.057  1.00 36.25 ? 357 HOH A O   1 
HETATM 1367 O  O   . HOH C 3 .   ? 2.547   -18.956 4.925   1.00 36.32 ? 358 HOH A O   1 
HETATM 1368 O  O   . HOH C 3 .   ? 11.976  -14.756 -0.068  1.00 45.16 ? 359 HOH A O   1 
HETATM 1369 O  O   . HOH C 3 .   ? 12.961  -0.286  -6.771  1.00 28.47 ? 360 HOH A O   1 
HETATM 1370 O  O   . HOH C 3 .   ? -9.499  5.013   4.674   1.00 28.80 ? 361 HOH A O   1 
HETATM 1371 O  O   . HOH C 3 .   ? -19.144 -8.258  -9.203  1.00 38.05 ? 362 HOH A O   1 
HETATM 1372 O  O   . HOH C 3 .   ? -0.944  16.808  0.934   1.00 20.16 ? 363 HOH A O   1 
HETATM 1373 O  O   . HOH C 3 .   ? -1.811  -14.613 -9.809  1.00 37.19 ? 364 HOH A O   1 
HETATM 1374 O  O   . HOH C 3 .   ? 3.473   4.920   -9.988  1.00 36.51 ? 365 HOH A O   1 
HETATM 1375 O  O   . HOH C 3 .   ? -0.249  11.472  -14.389 1.00 36.55 ? 366 HOH A O   1 
HETATM 1376 O  O   . HOH C 3 .   ? 7.385   3.199   -2.017  1.00 13.95 ? 367 HOH A O   1 
HETATM 1377 O  O   . HOH C 3 .   ? 2.275   -1.585  2.745   1.00 14.33 ? 368 HOH A O   1 
HETATM 1378 O  O   . HOH C 3 .   ? -10.368 -14.118 -8.657  1.00 24.58 ? 369 HOH A O   1 
HETATM 1379 O  O   . HOH C 3 .   ? -17.929 2.786   -3.261  1.00 31.17 ? 370 HOH A O   1 
HETATM 1380 O  O   . HOH C 3 .   ? -5.238  -8.039  -18.461 1.00 42.10 ? 371 HOH A O   1 
HETATM 1381 O  O   . HOH C 3 .   ? -18.821 3.205   -9.318  1.00 25.99 ? 372 HOH A O   1 
HETATM 1382 O  O   . HOH C 3 .   ? -8.143  11.550  4.381   1.00 35.83 ? 373 HOH A O   1 
HETATM 1383 O  O   . HOH C 3 .   ? -2.615  -13.102 -12.693 1.00 33.19 ? 374 HOH A O   1 
HETATM 1384 O  O   . HOH C 3 .   ? 19.020  5.446   13.983  1.00 35.40 ? 375 HOH A O   1 
HETATM 1385 O  O   . HOH C 3 .   ? -3.933  -18.996 5.688   1.00 41.17 ? 376 HOH A O   1 
HETATM 1386 O  O   . HOH C 3 .   ? 13.802  13.497  -1.796  1.00 36.94 ? 377 HOH A O   1 
HETATM 1387 O  O   . HOH C 3 .   ? -12.837 -18.177 -1.729  1.00 19.84 ? 378 HOH A O   1 
HETATM 1388 O  O   . HOH C 3 .   ? 7.349   -11.385 12.017  1.00 48.16 ? 379 HOH A O   1 
HETATM 1389 O  O   . HOH C 3 .   ? -9.683  -5.979  -15.553 1.00 26.04 ? 380 HOH A O   1 
HETATM 1390 O  O   . HOH C 3 .   ? -18.773 2.057   12.946  1.00 40.76 ? 381 HOH A O   1 
HETATM 1391 O  O   . HOH C 3 .   ? -6.794  -15.848 0.597   1.00 33.33 ? 382 HOH A O   1 
HETATM 1392 O  O   . HOH C 3 .   ? -10.793 -13.160 6.308   1.00 24.01 ? 383 HOH A O   1 
HETATM 1393 O  O   . HOH C 3 .   ? -8.085  13.126  1.521   1.00 18.37 ? 384 HOH A O   1 
HETATM 1394 O  O   . HOH C 3 .   ? -0.387  19.699  1.167   1.00 36.45 ? 385 HOH A O   1 
HETATM 1395 O  O   . HOH C 3 .   ? 13.991  7.782   11.584  1.00 33.78 ? 386 HOH A O   1 
HETATM 1396 O  O   . HOH C 3 .   ? -9.001  -11.821 -9.645  1.00 41.54 ? 387 HOH A O   1 
HETATM 1397 O  O   . HOH C 3 .   ? -14.802 21.062  -7.596  1.00 41.45 ? 388 HOH A O   1 
HETATM 1398 O  O   . HOH C 3 .   ? 5.417   -16.901 -1.240  1.00 50.14 ? 389 HOH A O   1 
HETATM 1399 O  O   . HOH C 3 .   ? -4.359  13.380  6.583   1.00 41.90 ? 390 HOH A O   1 
HETATM 1400 O  O   . HOH C 3 .   ? -18.091 0.690   -13.503 1.00 35.51 ? 391 HOH A O   1 
HETATM 1401 O  O   . HOH C 3 .   ? -15.781 -14.938 -0.478  1.00 20.48 ? 392 HOH A O   1 
HETATM 1402 O  O   . HOH C 3 .   ? 15.444  -6.555  -2.215  1.00 32.29 ? 393 HOH A O   1 
HETATM 1403 O  O   . HOH C 3 .   ? -0.473  0.443   -14.492 1.00 30.03 ? 394 HOH A O   1 
HETATM 1404 O  O   . HOH C 3 .   ? 12.737  10.888  -1.081  1.00 35.13 ? 395 HOH A O   1 
HETATM 1405 O  O   . HOH C 3 .   ? -4.080  11.695  -17.030 1.00 38.23 ? 396 HOH A O   1 
HETATM 1406 O  O   . HOH C 3 .   ? -12.634 -7.396  4.099   1.00 32.75 ? 397 HOH A O   1 
HETATM 1407 O  O   . HOH C 3 .   ? 5.873   -17.365 4.829   1.00 35.42 ? 398 HOH A O   1 
HETATM 1408 O  O   . HOH C 3 .   ? 13.167  -12.288 4.017   1.00 32.88 ? 399 HOH A O   1 
HETATM 1409 O  O   . HOH C 3 .   ? 5.598   -6.915  9.683   1.00 32.91 ? 400 HOH A O   1 
HETATM 1410 O  O   . HOH C 3 .   ? -11.742 -9.709  6.760   1.00 30.09 ? 401 HOH A O   1 
HETATM 1411 O  O   . HOH C 3 .   ? -9.557  -16.518 10.492  1.00 47.18 ? 402 HOH A O   1 
HETATM 1412 O  O   . HOH C 3 .   ? -10.083 -7.789  11.217  1.00 44.78 ? 403 HOH A O   1 
HETATM 1413 O  O   . HOH C 3 .   ? -13.199 -0.018  -2.368  1.00 29.10 ? 404 HOH A O   1 
HETATM 1414 O  O   . HOH C 3 .   ? -17.974 -9.360  -1.059  1.00 34.58 ? 405 HOH A O   1 
HETATM 1415 O  O   . HOH C 3 .   ? 7.658   3.011   -10.633 1.00 41.49 ? 406 HOH A O   1 
HETATM 1416 O  O   . HOH C 3 .   ? 5.902   12.884  8.219   1.00 37.10 ? 407 HOH A O   1 
HETATM 1417 O  O   . HOH C 3 .   ? -14.449 -16.179 -11.812 1.00 39.48 ? 408 HOH A O   1 
HETATM 1418 O  O   . HOH C 3 .   ? -4.065  -9.743  -16.159 1.00 32.51 ? 409 HOH A O   1 
HETATM 1419 O  O   . HOH C 3 .   ? 1.785   23.841  2.536   1.00 42.79 ? 410 HOH A O   1 
HETATM 1420 O  O   . HOH C 3 .   ? -9.262  -17.338 -1.852  1.00 40.56 ? 411 HOH A O   1 
HETATM 1421 O  O   . HOH C 3 .   ? -5.602  9.338   10.123  1.00 43.54 ? 412 HOH A O   1 
HETATM 1422 O  O   . HOH C 3 .   ? 19.394  7.898   14.440  1.00 39.79 ? 413 HOH A O   1 
HETATM 1423 O  O   . HOH C 3 .   ? -15.253 -10.986 -13.067 1.00 37.27 ? 414 HOH A O   1 
HETATM 1424 O  O   . HOH C 3 .   ? -4.673  -17.382 -2.812  1.00 31.83 ? 415 HOH A O   1 
HETATM 1425 O  O   . HOH C 3 .   ? -0.321  18.855  -11.680 1.00 40.79 ? 416 HOH A O   1 
HETATM 1426 O  O   . HOH C 3 .   ? -3.208  16.375  -8.105  1.00 50.90 ? 417 HOH A O   1 
HETATM 1427 O  O   . HOH C 3 .   ? 2.953   5.793   -6.719  1.00 37.13 ? 418 HOH A O   1 
HETATM 1428 O  O   . HOH C 3 .   ? 13.819  17.006  -3.340  1.00 50.63 ? 419 HOH A O   1 
HETATM 1429 O  O   . HOH C 3 .   ? -0.771  20.777  -5.150  1.00 49.61 ? 420 HOH A O   1 
HETATM 1430 O  O   . HOH C 3 .   ? -3.746  -18.440 1.094   1.00 48.17 ? 421 HOH A O   1 
HETATM 1431 O  O   . HOH C 3 .   ? -8.108  0.467   15.877  1.00 37.69 ? 422 HOH A O   1 
HETATM 1432 O  O   . HOH C 3 .   ? 15.710  9.543   10.105  1.00 53.56 ? 423 HOH A O   1 
HETATM 1433 O  O   . HOH C 3 .   ? 18.068  13.038  -2.958  1.00 39.99 ? 424 HOH A O   1 
HETATM 1434 O  O   . HOH C 3 .   ? -15.962 -4.142  11.838  1.00 38.53 ? 425 HOH A O   1 
HETATM 1435 O  O   . HOH C 3 .   ? 0.975   19.113  3.593   1.00 40.83 ? 426 HOH A O   1 
HETATM 1436 O  O   . HOH C 3 .   ? -16.932 -1.436  -14.653 1.00 41.32 ? 427 HOH A O   1 
HETATM 1437 O  O   . HOH C 3 .   ? -8.426  -18.126 3.202   1.00 38.30 ? 428 HOH A O   1 
HETATM 1438 O  O   . HOH C 3 .   ? -7.099  11.239  16.529  1.00 45.58 ? 429 HOH A O   1 
# 
loop_
_pdbx_poly_seq_scheme.asym_id 
_pdbx_poly_seq_scheme.entity_id 
_pdbx_poly_seq_scheme.seq_id 
_pdbx_poly_seq_scheme.mon_id 
_pdbx_poly_seq_scheme.ndb_seq_num 
_pdbx_poly_seq_scheme.pdb_seq_num 
_pdbx_poly_seq_scheme.auth_seq_num 
_pdbx_poly_seq_scheme.pdb_mon_id 
_pdbx_poly_seq_scheme.auth_mon_id 
_pdbx_poly_seq_scheme.pdb_strand_id 
_pdbx_poly_seq_scheme.pdb_ins_code 
_pdbx_poly_seq_scheme.hetero 
A 1 1   ALA 1   2   2   ALA ALA A . n 
A 1 2   LEU 2   3   3   LEU LEU A . n 
A 1 3   LEU 3   4   4   LEU LEU A . n 
A 1 4   GLU 4   5   5   GLU GLU A . n 
A 1 5   ILE 5   6   6   ILE ILE A . n 
A 1 6   ILE 6   7   7   ILE ILE A . n 
A 1 7   HIS 7   8   8   HIS HIS A . n 
A 1 8   TYR 8   9   9   TYR TYR A . n 
A 1 9   PRO 9   10  10  PRO PRO A . n 
A 1 10  SER 10  11  11  SER SER A . n 
A 1 11  LYS 11  12  12  LYS LYS A . n 
A 1 12  ILE 12  13  13  ILE ILE A . n 
A 1 13  LEU 13  14  14  LEU LEU A . n 
A 1 14  ARG 14  15  15  ARG ARG A . n 
A 1 15  THR 15  16  16  THR THR A . n 
A 1 16  ILE 16  17  17  ILE ILE A . n 
A 1 17  SER 17  18  18  SER SER A . n 
A 1 18  LYS 18  19  19  LYS LYS A . n 
A 1 19  GLU 19  20  20  GLU GLU A . n 
A 1 20  VAL 20  21  21  VAL VAL A . n 
A 1 21  VAL 21  22  22  VAL VAL A . n 
A 1 22  SER 22  23  23  SER SER A . n 
A 1 23  PHE 23  24  24  PHE PHE A . n 
A 1 24  ASP 24  25  25  ASP ASP A . n 
A 1 25  ALA 25  26  26  ALA ALA A . n 
A 1 26  LYS 26  27  27  LYS LYS A . n 
A 1 27  LEU 27  28  28  LEU LEU A . n 
A 1 28  HIS 28  29  29  HIS HIS A . n 
A 1 29  GLN 29  30  30  GLN GLN A . n 
A 1 30  GLN 30  31  31  GLN GLN A . n 
A 1 31  LEU 31  32  32  LEU LEU A . n 
A 1 32  ASP 32  33  33  ASP ASP A . n 
A 1 33  ASP 33  34  34  ASP ASP A . n 
A 1 34  MET 34  35  35  MET MET A . n 
A 1 35  TYR 35  36  36  TYR TYR A . n 
A 1 36  GLU 36  37  37  GLU GLU A . n 
A 1 37  THR 37  38  38  THR THR A . n 
A 1 38  MET 38  39  39  MET MET A . n 
A 1 39  ILE 39  40  40  ILE ILE A . n 
A 1 40  ALA 40  41  41  ALA ALA A . n 
A 1 41  SER 41  42  42  SER SER A . n 
A 1 42  GLU 42  43  43  GLU GLU A . n 
A 1 43  GLY 43  44  44  GLY GLY A . n 
A 1 44  ILE 44  45  45  ILE ILE A . n 
A 1 45  GLY 45  46  46  GLY GLY A . n 
A 1 46  LEU 46  47  47  LEU LEU A . n 
A 1 47  ALA 47  48  48  ALA ALA A . n 
A 1 48  ALA 48  49  49  ALA ALA A . n 
A 1 49  ILE 49  50  50  ILE ILE A . n 
A 1 50  GLN 50  51  51  GLN GLN A . n 
A 1 51  VAL 51  52  52  VAL VAL A . n 
A 1 52  GLY 52  53  53  GLY GLY A . n 
A 1 53  LEU 53  54  54  LEU LEU A . n 
A 1 54  PRO 54  55  55  PRO PRO A . n 
A 1 55  LEU 55  56  56  LEU LEU A . n 
A 1 56  ARG 56  57  57  ARG ARG A . n 
A 1 57  MET 57  58  58  MET MET A . n 
A 1 58  LEU 58  59  59  LEU LEU A . n 
A 1 59  ILE 59  60  60  ILE ILE A . n 
A 1 60  ILE 60  61  61  ILE ILE A . n 
A 1 61  ASN 61  62  62  ASN ASN A . n 
A 1 62  LEU 62  63  63  LEU LEU A . n 
A 1 63  PRO 63  64  64  PRO PRO A . n 
A 1 64  GLN 64  65  65  GLN GLN A . n 
A 1 65  GLU 65  66  66  GLU GLU A . n 
A 1 66  ASP 66  67  67  ASP ASP A . n 
A 1 67  GLY 67  68  68  GLY GLY A . n 
A 1 68  VAL 68  69  69  VAL VAL A . n 
A 1 69  GLN 69  70  70  GLN GLN A . n 
A 1 70  HIS 70  71  71  HIS HIS A . n 
A 1 71  LYS 71  72  72  LYS LYS A . n 
A 1 72  GLU 72  73  73  GLU GLU A . n 
A 1 73  ASP 73  74  74  ASP ASP A . n 
A 1 74  CYS 74  75  75  CYS CYS A . n 
A 1 75  LEU 75  76  76  LEU LEU A . n 
A 1 76  GLU 76  77  77  GLU GLU A . n 
A 1 77  ILE 77  78  78  ILE ILE A . n 
A 1 78  ILE 78  79  79  ILE ILE A . n 
A 1 79  ASN 79  80  80  ASN ASN A . n 
A 1 80  PRO 80  81  81  PRO PRO A . n 
A 1 81  LYS 81  82  82  LYS LYS A . n 
A 1 82  PHE 82  83  83  PHE PHE A . n 
A 1 83  ILE 83  84  84  ILE ILE A . n 
A 1 84  GLU 84  85  85  GLU GLU A . n 
A 1 85  THR 85  86  86  THR THR A . n 
A 1 86  GLY 86  87  87  GLY GLY A . n 
A 1 87  GLY 87  88  88  GLY GLY A . n 
A 1 88  SER 88  89  89  SER SER A . n 
A 1 89  MET 89  90  90  MET MET A . n 
A 1 90  MET 90  91  91  MET MET A . n 
A 1 91  TYR 91  92  92  TYR TYR A . n 
A 1 92  LYS 92  93  93  LYS LYS A . n 
A 1 93  GLU 93  94  94  GLU GLU A . n 
A 1 94  GLY 94  95  95  GLY GLY A . n 
A 1 95  CYS 95  96  96  CYS CYS A . n 
A 1 96  LEU 96  97  97  LEU LEU A . n 
A 1 97  SER 97  98  98  SER SER A . n 
A 1 98  VAL 98  99  99  VAL VAL A . n 
A 1 99  PRO 99  100 100 PRO PRO A . n 
A 1 100 GLY 100 101 101 GLY GLY A . n 
A 1 101 PHE 101 102 102 PHE PHE A . n 
A 1 102 TYR 102 103 103 TYR TYR A . n 
A 1 103 GLU 103 104 104 GLU GLU A . n 
A 1 104 GLU 104 105 105 GLU GLU A . n 
A 1 105 VAL 105 106 106 VAL VAL A . n 
A 1 106 GLU 106 107 107 GLU GLU A . n 
A 1 107 ARG 107 108 108 ARG ARG A . n 
A 1 108 PHE 108 109 109 PHE PHE A . n 
A 1 109 GLU 109 110 110 GLU GLU A . n 
A 1 110 LYS 110 111 111 LYS LYS A . n 
A 1 111 VAL 111 112 112 VAL VAL A . n 
A 1 112 LYS 112 113 113 LYS LYS A . n 
A 1 113 ILE 113 114 114 ILE ILE A . n 
A 1 114 GLU 114 115 115 GLU GLU A . n 
A 1 115 TYR 115 116 116 TYR TYR A . n 
A 1 116 GLN 116 117 117 GLN GLN A . n 
A 1 117 ASN 117 118 118 ASN ASN A . n 
A 1 118 ARG 118 119 119 ARG ARG A . n 
A 1 119 PHE 119 120 120 PHE PHE A . n 
A 1 120 ALA 120 121 121 ALA ALA A . n 
A 1 121 GLU 121 122 122 GLU GLU A . n 
A 1 122 VAL 122 123 123 VAL VAL A . n 
A 1 123 LYS 123 124 124 LYS LYS A . n 
A 1 124 VAL 124 125 125 VAL VAL A . n 
A 1 125 LEU 125 126 126 LEU LEU A . n 
A 1 126 GLU 126 127 127 GLU GLU A . n 
A 1 127 ALA 127 128 128 ALA ALA A . n 
A 1 128 SER 128 129 129 SER SER A . n 
A 1 129 GLU 129 130 130 GLU GLU A . n 
A 1 130 LEU 130 131 131 LEU LEU A . n 
A 1 131 LEU 131 132 132 LEU LEU A . n 
A 1 132 ALA 132 133 133 ALA ALA A . n 
A 1 133 VAL 133 134 134 VAL VAL A . n 
A 1 134 ALA 134 135 135 ALA ALA A . n 
A 1 135 ILE 135 136 136 ILE ILE A . n 
A 1 136 GLN 136 137 137 GLN GLN A . n 
A 1 137 HIS 137 138 138 HIS HIS A . n 
A 1 138 GLU 138 139 139 GLU GLU A . n 
A 1 139 ILE 139 140 140 ILE ILE A . n 
A 1 140 ASP 140 141 141 ASP ASP A . n 
A 1 141 HIS 141 142 142 HIS HIS A . n 
A 1 142 LEU 142 143 143 LEU LEU A . n 
A 1 143 ASN 143 144 144 ASN ASN A . n 
A 1 144 GLY 144 145 145 GLY GLY A . n 
A 1 145 VAL 145 146 146 VAL VAL A . n 
A 1 146 LEU 146 147 147 LEU LEU A . n 
A 1 147 PHE 147 148 148 PHE PHE A . n 
A 1 148 VAL 148 149 149 VAL VAL A . n 
A 1 149 ASP 149 150 150 ASP ASP A . n 
A 1 150 LYS 150 151 151 LYS LYS A . n 
A 1 151 LEU 151 152 152 LEU LEU A . n 
A 1 152 SER 152 153 153 SER SER A . n 
A 1 153 ILE 153 154 154 ILE ILE A . n 
A 1 154 LEU 154 155 155 LEU LEU A . n 
A 1 155 LYS 155 156 156 LYS LYS A . n 
A 1 156 ARG 156 157 157 ARG ARG A . n 
A 1 157 LYS 157 158 158 LYS LYS A . n 
A 1 158 LYS 158 159 159 LYS LYS A . n 
A 1 159 PHE 159 160 160 PHE PHE A . n 
A 1 160 GLU 160 161 161 GLU GLU A . n 
A 1 161 LYS 161 162 162 LYS LYS A . n 
A 1 162 GLU 162 163 163 GLU GLU A . n 
A 1 163 LEU 163 164 164 LEU LEU A . n 
A 1 164 LYS 164 165 ?   ?   ?   A . n 
A 1 165 GLU 165 166 ?   ?   ?   A . n 
A 1 166 LEU 166 167 ?   ?   ?   A . n 
A 1 167 GLN 167 168 ?   ?   ?   A . n 
A 1 168 LYS 168 169 ?   ?   ?   A . n 
A 1 169 LYS 169 170 ?   ?   ?   A . n 
A 1 170 GLN 170 171 ?   ?   ?   A . n 
A 1 171 LYS 171 172 ?   ?   ?   A . n 
A 1 172 HIS 172 173 ?   ?   ?   A . n 
A 1 173 LYS 173 174 ?   ?   ?   A . n 
A 1 174 LEU 174 175 ?   ?   ?   A . n 
A 1 175 GLU 175 176 ?   ?   ?   A . n 
A 1 176 HIS 176 177 ?   ?   ?   A . n 
A 1 177 HIS 177 178 ?   ?   ?   A . n 
A 1 178 HIS 178 179 ?   ?   ?   A . n 
A 1 179 HIS 179 180 ?   ?   ?   A . n 
A 1 180 HIS 180 181 ?   ?   ?   A . n 
A 1 181 HIS 181 182 ?   ?   ?   A . n 
# 
loop_
_pdbx_nonpoly_scheme.asym_id 
_pdbx_nonpoly_scheme.entity_id 
_pdbx_nonpoly_scheme.mon_id 
_pdbx_nonpoly_scheme.ndb_seq_num 
_pdbx_nonpoly_scheme.pdb_seq_num 
_pdbx_nonpoly_scheme.auth_seq_num 
_pdbx_nonpoly_scheme.pdb_mon_id 
_pdbx_nonpoly_scheme.auth_mon_id 
_pdbx_nonpoly_scheme.pdb_strand_id 
_pdbx_nonpoly_scheme.pdb_ins_code 
B 2 CO  1   300 300 CO  CO  A . 
C 3 HOH 1   301 1   HOH HOH A . 
C 3 HOH 2   302 2   HOH HOH A . 
C 3 HOH 3   303 3   HOH HOH A . 
C 3 HOH 4   304 4   HOH HOH A . 
C 3 HOH 5   305 5   HOH HOH A . 
C 3 HOH 6   306 6   HOH HOH A . 
C 3 HOH 7   307 7   HOH HOH A . 
C 3 HOH 8   308 8   HOH HOH A . 
C 3 HOH 9   309 9   HOH HOH A . 
C 3 HOH 10  310 10  HOH HOH A . 
C 3 HOH 11  311 11  HOH HOH A . 
C 3 HOH 12  312 12  HOH HOH A . 
C 3 HOH 13  313 13  HOH HOH A . 
C 3 HOH 14  314 14  HOH HOH A . 
C 3 HOH 15  315 15  HOH HOH A . 
C 3 HOH 16  316 16  HOH HOH A . 
C 3 HOH 17  317 17  HOH HOH A . 
C 3 HOH 18  318 18  HOH HOH A . 
C 3 HOH 19  319 19  HOH HOH A . 
C 3 HOH 20  320 20  HOH HOH A . 
C 3 HOH 21  321 21  HOH HOH A . 
C 3 HOH 22  322 22  HOH HOH A . 
C 3 HOH 23  323 23  HOH HOH A . 
C 3 HOH 24  324 24  HOH HOH A . 
C 3 HOH 25  325 25  HOH HOH A . 
C 3 HOH 26  326 26  HOH HOH A . 
C 3 HOH 27  327 27  HOH HOH A . 
C 3 HOH 28  328 28  HOH HOH A . 
C 3 HOH 29  329 29  HOH HOH A . 
C 3 HOH 30  330 30  HOH HOH A . 
C 3 HOH 31  331 31  HOH HOH A . 
C 3 HOH 32  332 32  HOH HOH A . 
C 3 HOH 33  333 33  HOH HOH A . 
C 3 HOH 34  334 34  HOH HOH A . 
C 3 HOH 35  335 35  HOH HOH A . 
C 3 HOH 36  336 36  HOH HOH A . 
C 3 HOH 37  337 37  HOH HOH A . 
C 3 HOH 38  338 38  HOH HOH A . 
C 3 HOH 39  339 39  HOH HOH A . 
C 3 HOH 40  340 40  HOH HOH A . 
C 3 HOH 41  341 41  HOH HOH A . 
C 3 HOH 42  342 42  HOH HOH A . 
C 3 HOH 43  343 43  HOH HOH A . 
C 3 HOH 44  344 44  HOH HOH A . 
C 3 HOH 45  345 45  HOH HOH A . 
C 3 HOH 46  346 46  HOH HOH A . 
C 3 HOH 47  347 47  HOH HOH A . 
C 3 HOH 48  348 48  HOH HOH A . 
C 3 HOH 49  349 49  HOH HOH A . 
C 3 HOH 50  350 50  HOH HOH A . 
C 3 HOH 51  351 51  HOH HOH A . 
C 3 HOH 52  352 52  HOH HOH A . 
C 3 HOH 53  353 53  HOH HOH A . 
C 3 HOH 54  354 54  HOH HOH A . 
C 3 HOH 55  355 55  HOH HOH A . 
C 3 HOH 56  356 56  HOH HOH A . 
C 3 HOH 57  357 57  HOH HOH A . 
C 3 HOH 58  358 58  HOH HOH A . 
C 3 HOH 59  359 59  HOH HOH A . 
C 3 HOH 60  360 60  HOH HOH A . 
C 3 HOH 61  361 61  HOH HOH A . 
C 3 HOH 62  362 62  HOH HOH A . 
C 3 HOH 63  363 63  HOH HOH A . 
C 3 HOH 64  364 64  HOH HOH A . 
C 3 HOH 65  365 65  HOH HOH A . 
C 3 HOH 66  366 66  HOH HOH A . 
C 3 HOH 67  367 67  HOH HOH A . 
C 3 HOH 68  368 68  HOH HOH A . 
C 3 HOH 69  369 69  HOH HOH A . 
C 3 HOH 70  370 70  HOH HOH A . 
C 3 HOH 71  371 71  HOH HOH A . 
C 3 HOH 72  372 72  HOH HOH A . 
C 3 HOH 73  373 73  HOH HOH A . 
C 3 HOH 74  374 74  HOH HOH A . 
C 3 HOH 75  375 75  HOH HOH A . 
C 3 HOH 76  376 76  HOH HOH A . 
C 3 HOH 77  377 77  HOH HOH A . 
C 3 HOH 78  378 78  HOH HOH A . 
C 3 HOH 79  379 79  HOH HOH A . 
C 3 HOH 80  380 80  HOH HOH A . 
C 3 HOH 81  381 81  HOH HOH A . 
C 3 HOH 82  382 82  HOH HOH A . 
C 3 HOH 83  383 83  HOH HOH A . 
C 3 HOH 84  384 84  HOH HOH A . 
C 3 HOH 85  385 85  HOH HOH A . 
C 3 HOH 86  386 86  HOH HOH A . 
C 3 HOH 87  387 87  HOH HOH A . 
C 3 HOH 88  388 88  HOH HOH A . 
C 3 HOH 89  389 89  HOH HOH A . 
C 3 HOH 90  390 90  HOH HOH A . 
C 3 HOH 91  391 91  HOH HOH A . 
C 3 HOH 92  392 92  HOH HOH A . 
C 3 HOH 93  393 93  HOH HOH A . 
C 3 HOH 94  394 94  HOH HOH A . 
C 3 HOH 95  395 95  HOH HOH A . 
C 3 HOH 96  396 96  HOH HOH A . 
C 3 HOH 97  397 97  HOH HOH A . 
C 3 HOH 98  398 98  HOH HOH A . 
C 3 HOH 99  399 99  HOH HOH A . 
C 3 HOH 100 400 100 HOH HOH A . 
C 3 HOH 101 401 101 HOH HOH A . 
C 3 HOH 102 402 102 HOH HOH A . 
C 3 HOH 103 403 103 HOH HOH A . 
C 3 HOH 104 404 104 HOH HOH A . 
C 3 HOH 105 405 105 HOH HOH A . 
C 3 HOH 106 406 106 HOH HOH A . 
C 3 HOH 107 407 107 HOH HOH A . 
C 3 HOH 108 408 108 HOH HOH A . 
C 3 HOH 109 409 109 HOH HOH A . 
C 3 HOH 110 410 110 HOH HOH A . 
C 3 HOH 111 411 111 HOH HOH A . 
C 3 HOH 112 412 112 HOH HOH A . 
C 3 HOH 113 413 113 HOH HOH A . 
C 3 HOH 114 414 114 HOH HOH A . 
C 3 HOH 115 415 115 HOH HOH A . 
C 3 HOH 116 416 116 HOH HOH A . 
C 3 HOH 117 417 117 HOH HOH A . 
C 3 HOH 118 418 118 HOH HOH A . 
C 3 HOH 119 419 119 HOH HOH A . 
C 3 HOH 120 420 120 HOH HOH A . 
C 3 HOH 121 421 121 HOH HOH A . 
C 3 HOH 122 422 122 HOH HOH A . 
C 3 HOH 123 423 123 HOH HOH A . 
C 3 HOH 124 424 124 HOH HOH A . 
C 3 HOH 125 425 125 HOH HOH A . 
C 3 HOH 126 426 126 HOH HOH A . 
C 3 HOH 127 427 127 HOH HOH A . 
C 3 HOH 128 428 128 HOH HOH A . 
C 3 HOH 129 429 129 HOH HOH A . 
# 
_pdbx_struct_assembly.id                   1 
_pdbx_struct_assembly.details              author_defined_assembly 
_pdbx_struct_assembly.method_details       ? 
_pdbx_struct_assembly.oligomeric_details   monomeric 
_pdbx_struct_assembly.oligomeric_count     1 
# 
_pdbx_struct_assembly_gen.assembly_id       1 
_pdbx_struct_assembly_gen.oper_expression   1 
_pdbx_struct_assembly_gen.asym_id_list      A,B,C 
# 
_pdbx_struct_oper_list.id                   1 
_pdbx_struct_oper_list.type                 'identity operation' 
_pdbx_struct_oper_list.name                 1_555 
_pdbx_struct_oper_list.symmetry_operation   x,y,z 
_pdbx_struct_oper_list.matrix[1][1]         1.0000000000 
_pdbx_struct_oper_list.matrix[1][2]         0.0000000000 
_pdbx_struct_oper_list.matrix[1][3]         0.0000000000 
_pdbx_struct_oper_list.vector[1]            0.0000000000 
_pdbx_struct_oper_list.matrix[2][1]         0.0000000000 
_pdbx_struct_oper_list.matrix[2][2]         1.0000000000 
_pdbx_struct_oper_list.matrix[2][3]         0.0000000000 
_pdbx_struct_oper_list.vector[2]            0.0000000000 
_pdbx_struct_oper_list.matrix[3][1]         0.0000000000 
_pdbx_struct_oper_list.matrix[3][2]         0.0000000000 
_pdbx_struct_oper_list.matrix[3][3]         1.0000000000 
_pdbx_struct_oper_list.vector[3]            0.0000000000 
# 
loop_
_pdbx_struct_conn_angle.id 
_pdbx_struct_conn_angle.ptnr1_label_atom_id 
_pdbx_struct_conn_angle.ptnr1_label_alt_id 
_pdbx_struct_conn_angle.ptnr1_label_asym_id 
_pdbx_struct_conn_angle.ptnr1_label_comp_id 
_pdbx_struct_conn_angle.ptnr1_label_seq_id 
_pdbx_struct_conn_angle.ptnr1_auth_atom_id 
_pdbx_struct_conn_angle.ptnr1_auth_asym_id 
_pdbx_struct_conn_angle.ptnr1_auth_comp_id 
_pdbx_struct_conn_angle.ptnr1_auth_seq_id 
_pdbx_struct_conn_angle.ptnr1_PDB_ins_code 
_pdbx_struct_conn_angle.ptnr1_symmetry 
_pdbx_struct_conn_angle.ptnr2_label_atom_id 
_pdbx_struct_conn_angle.ptnr2_label_alt_id 
_pdbx_struct_conn_angle.ptnr2_label_asym_id 
_pdbx_struct_conn_angle.ptnr2_label_comp_id 
_pdbx_struct_conn_angle.ptnr2_label_seq_id 
_pdbx_struct_conn_angle.ptnr2_auth_atom_id 
_pdbx_struct_conn_angle.ptnr2_auth_asym_id 
_pdbx_struct_conn_angle.ptnr2_auth_comp_id 
_pdbx_struct_conn_angle.ptnr2_auth_seq_id 
_pdbx_struct_conn_angle.ptnr2_PDB_ins_code 
_pdbx_struct_conn_angle.ptnr2_symmetry 
_pdbx_struct_conn_angle.ptnr3_label_atom_id 
_pdbx_struct_conn_angle.ptnr3_label_alt_id 
_pdbx_struct_conn_angle.ptnr3_label_asym_id 
_pdbx_struct_conn_angle.ptnr3_label_comp_id 
_pdbx_struct_conn_angle.ptnr3_label_seq_id 
_pdbx_struct_conn_angle.ptnr3_auth_atom_id 
_pdbx_struct_conn_angle.ptnr3_auth_asym_id 
_pdbx_struct_conn_angle.ptnr3_auth_comp_id 
_pdbx_struct_conn_angle.ptnr3_auth_seq_id 
_pdbx_struct_conn_angle.ptnr3_PDB_ins_code 
_pdbx_struct_conn_angle.ptnr3_symmetry 
_pdbx_struct_conn_angle.value 
_pdbx_struct_conn_angle.value_esd 
1 SG  ? A CYS 95  ? A CYS 96  ? 1_555 CO ? B CO . ? A CO 300 ? 1_555 NE2 ? A HIS 137 ? A HIS 138 ? 1_555 105.1 ? 
2 SG  ? A CYS 95  ? A CYS 96  ? 1_555 CO ? B CO . ? A CO 300 ? 1_555 NE2 ? A HIS 141 ? A HIS 142 ? 1_555 96.9  ? 
3 NE2 ? A HIS 137 ? A HIS 138 ? 1_555 CO ? B CO . ? A CO 300 ? 1_555 NE2 ? A HIS 141 ? A HIS 142 ? 1_555 110.0 ? 
4 SG  ? A CYS 95  ? A CYS 96  ? 1_555 CO ? B CO . ? A CO 300 ? 1_555 O   ? C HOH .   ? A HOH 368 ? 1_555 124.1 ? 
5 NE2 ? A HIS 137 ? A HIS 138 ? 1_555 CO ? B CO . ? A CO 300 ? 1_555 O   ? C HOH .   ? A HOH 368 ? 1_555 114.2 ? 
6 NE2 ? A HIS 141 ? A HIS 142 ? 1_555 CO ? B CO . ? A CO 300 ? 1_555 O   ? C HOH .   ? A HOH 368 ? 1_555 104.8 ? 
# 
loop_
_pdbx_audit_revision_history.ordinal 
_pdbx_audit_revision_history.data_content_type 
_pdbx_audit_revision_history.major_revision 
_pdbx_audit_revision_history.minor_revision 
_pdbx_audit_revision_history.revision_date 
1 'Structure model' 1 0 2006-10-24 
2 'Structure model' 1 1 2008-05-01 
3 'Structure model' 1 2 2011-07-13 
4 'Structure model' 1 3 2017-10-18 
5 'Structure model' 1 4 2023-10-25 
# 
_pdbx_audit_revision_details.ordinal             1 
_pdbx_audit_revision_details.revision_ordinal    1 
_pdbx_audit_revision_details.data_content_type   'Structure model' 
_pdbx_audit_revision_details.provider            repository 
_pdbx_audit_revision_details.type                'Initial release' 
_pdbx_audit_revision_details.description         ? 
_pdbx_audit_revision_details.details             ? 
# 
loop_
_pdbx_audit_revision_group.ordinal 
_pdbx_audit_revision_group.revision_ordinal 
_pdbx_audit_revision_group.data_content_type 
_pdbx_audit_revision_group.group 
1 2 'Structure model' 'Version format compliance' 
2 3 'Structure model' 'Version format compliance' 
3 4 'Structure model' 'Refinement description'    
4 5 'Structure model' 'Data collection'           
5 5 'Structure model' 'Database references'       
6 5 'Structure model' 'Derived calculations'      
7 5 'Structure model' 'Refinement description'    
# 
loop_
_pdbx_audit_revision_category.ordinal 
_pdbx_audit_revision_category.revision_ordinal 
_pdbx_audit_revision_category.data_content_type 
_pdbx_audit_revision_category.category 
1 4 'Structure model' software                      
2 5 'Structure model' chem_comp_atom                
3 5 'Structure model' chem_comp_bond                
4 5 'Structure model' database_2                    
5 5 'Structure model' pdbx_initial_refinement_model 
6 5 'Structure model' pdbx_struct_conn_angle        
7 5 'Structure model' struct_conn                   
8 5 'Structure model' struct_ref_seq_dif            
9 5 'Structure model' struct_site                   
# 
loop_
_pdbx_audit_revision_item.ordinal 
_pdbx_audit_revision_item.revision_ordinal 
_pdbx_audit_revision_item.data_content_type 
_pdbx_audit_revision_item.item 
1  5 'Structure model' '_database_2.pdbx_DOI'                       
2  5 'Structure model' '_database_2.pdbx_database_accession'        
3  5 'Structure model' '_pdbx_struct_conn_angle.ptnr1_auth_seq_id'  
4  5 'Structure model' '_pdbx_struct_conn_angle.ptnr1_label_seq_id' 
5  5 'Structure model' '_pdbx_struct_conn_angle.ptnr3_auth_seq_id'  
6  5 'Structure model' '_pdbx_struct_conn_angle.ptnr3_label_seq_id' 
7  5 'Structure model' '_pdbx_struct_conn_angle.value'              
8  5 'Structure model' '_struct_conn.pdbx_dist_value'               
9  5 'Structure model' '_struct_conn.ptnr1_auth_comp_id'            
10 5 'Structure model' '_struct_conn.ptnr1_auth_seq_id'             
11 5 'Structure model' '_struct_conn.ptnr1_label_asym_id'           
12 5 'Structure model' '_struct_conn.ptnr1_label_atom_id'           
13 5 'Structure model' '_struct_conn.ptnr1_label_comp_id'           
14 5 'Structure model' '_struct_conn.ptnr1_label_seq_id'            
15 5 'Structure model' '_struct_conn.ptnr2_auth_comp_id'            
16 5 'Structure model' '_struct_conn.ptnr2_auth_seq_id'             
17 5 'Structure model' '_struct_conn.ptnr2_label_asym_id'           
18 5 'Structure model' '_struct_conn.ptnr2_label_atom_id'           
19 5 'Structure model' '_struct_conn.ptnr2_label_comp_id'           
20 5 'Structure model' '_struct_conn.ptnr2_label_seq_id'            
21 5 'Structure model' '_struct_ref_seq_dif.details'                
22 5 'Structure model' '_struct_site.pdbx_auth_asym_id'             
23 5 'Structure model' '_struct_site.pdbx_auth_comp_id'             
24 5 'Structure model' '_struct_site.pdbx_auth_seq_id'              
# 
loop_
_software.name 
_software.classification 
_software.version 
_software.citation_id 
_software.pdbx_ordinal 
CNS  refinement     1.1          ? 1 
CCP4 'data scaling' '(TRUNCATE)' ? 2 
CNS  phasing        .            ? 3 
# 
loop_
_pdbx_validate_torsion.id 
_pdbx_validate_torsion.PDB_model_num 
_pdbx_validate_torsion.auth_comp_id 
_pdbx_validate_torsion.auth_asym_id 
_pdbx_validate_torsion.auth_seq_id 
_pdbx_validate_torsion.PDB_ins_code 
_pdbx_validate_torsion.label_alt_id 
_pdbx_validate_torsion.phi 
_pdbx_validate_torsion.psi 
1 1 PRO A 10  ? ? -96.98 39.44   
2 1 GLN A 65  ? ? -90.93 -152.99 
3 1 GLU A 130 ? ? 55.39  -140.48 
4 1 GLU A 163 ? ? -67.25 7.77    
# 
loop_
_pdbx_unobs_or_zero_occ_residues.id 
_pdbx_unobs_or_zero_occ_residues.PDB_model_num 
_pdbx_unobs_or_zero_occ_residues.polymer_flag 
_pdbx_unobs_or_zero_occ_residues.occupancy_flag 
_pdbx_unobs_or_zero_occ_residues.auth_asym_id 
_pdbx_unobs_or_zero_occ_residues.auth_comp_id 
_pdbx_unobs_or_zero_occ_residues.auth_seq_id 
_pdbx_unobs_or_zero_occ_residues.PDB_ins_code 
_pdbx_unobs_or_zero_occ_residues.label_asym_id 
_pdbx_unobs_or_zero_occ_residues.label_comp_id 
_pdbx_unobs_or_zero_occ_residues.label_seq_id 
1  1 Y 1 A LYS 165 ? A LYS 164 
2  1 Y 1 A GLU 166 ? A GLU 165 
3  1 Y 1 A LEU 167 ? A LEU 166 
4  1 Y 1 A GLN 168 ? A GLN 167 
5  1 Y 1 A LYS 169 ? A LYS 168 
6  1 Y 1 A LYS 170 ? A LYS 169 
7  1 Y 1 A GLN 171 ? A GLN 170 
8  1 Y 1 A LYS 172 ? A LYS 171 
9  1 Y 1 A HIS 173 ? A HIS 172 
10 1 Y 1 A LYS 174 ? A LYS 173 
11 1 Y 1 A LEU 175 ? A LEU 174 
12 1 Y 1 A GLU 176 ? A GLU 175 
13 1 Y 1 A HIS 177 ? A HIS 176 
14 1 Y 1 A HIS 178 ? A HIS 177 
15 1 Y 1 A HIS 179 ? A HIS 178 
16 1 Y 1 A HIS 180 ? A HIS 179 
17 1 Y 1 A HIS 181 ? A HIS 180 
18 1 Y 1 A HIS 182 ? A HIS 181 
# 
loop_
_chem_comp_atom.comp_id 
_chem_comp_atom.atom_id 
_chem_comp_atom.type_symbol 
_chem_comp_atom.pdbx_aromatic_flag 
_chem_comp_atom.pdbx_stereo_config 
_chem_comp_atom.pdbx_ordinal 
ALA N    N  N N 1   
ALA CA   C  N S 2   
ALA C    C  N N 3   
ALA O    O  N N 4   
ALA CB   C  N N 5   
ALA OXT  O  N N 6   
ALA H    H  N N 7   
ALA H2   H  N N 8   
ALA HA   H  N N 9   
ALA HB1  H  N N 10  
ALA HB2  H  N N 11  
ALA HB3  H  N N 12  
ALA HXT  H  N N 13  
ARG N    N  N N 14  
ARG CA   C  N S 15  
ARG C    C  N N 16  
ARG O    O  N N 17  
ARG CB   C  N N 18  
ARG CG   C  N N 19  
ARG CD   C  N N 20  
ARG NE   N  N N 21  
ARG CZ   C  N N 22  
ARG NH1  N  N N 23  
ARG NH2  N  N N 24  
ARG OXT  O  N N 25  
ARG H    H  N N 26  
ARG H2   H  N N 27  
ARG HA   H  N N 28  
ARG HB2  H  N N 29  
ARG HB3  H  N N 30  
ARG HG2  H  N N 31  
ARG HG3  H  N N 32  
ARG HD2  H  N N 33  
ARG HD3  H  N N 34  
ARG HE   H  N N 35  
ARG HH11 H  N N 36  
ARG HH12 H  N N 37  
ARG HH21 H  N N 38  
ARG HH22 H  N N 39  
ARG HXT  H  N N 40  
ASN N    N  N N 41  
ASN CA   C  N S 42  
ASN C    C  N N 43  
ASN O    O  N N 44  
ASN CB   C  N N 45  
ASN CG   C  N N 46  
ASN OD1  O  N N 47  
ASN ND2  N  N N 48  
ASN OXT  O  N N 49  
ASN H    H  N N 50  
ASN H2   H  N N 51  
ASN HA   H  N N 52  
ASN HB2  H  N N 53  
ASN HB3  H  N N 54  
ASN HD21 H  N N 55  
ASN HD22 H  N N 56  
ASN HXT  H  N N 57  
ASP N    N  N N 58  
ASP CA   C  N S 59  
ASP C    C  N N 60  
ASP O    O  N N 61  
ASP CB   C  N N 62  
ASP CG   C  N N 63  
ASP OD1  O  N N 64  
ASP OD2  O  N N 65  
ASP OXT  O  N N 66  
ASP H    H  N N 67  
ASP H2   H  N N 68  
ASP HA   H  N N 69  
ASP HB2  H  N N 70  
ASP HB3  H  N N 71  
ASP HD2  H  N N 72  
ASP HXT  H  N N 73  
CO  CO   CO N N 74  
CYS N    N  N N 75  
CYS CA   C  N R 76  
CYS C    C  N N 77  
CYS O    O  N N 78  
CYS CB   C  N N 79  
CYS SG   S  N N 80  
CYS OXT  O  N N 81  
CYS H    H  N N 82  
CYS H2   H  N N 83  
CYS HA   H  N N 84  
CYS HB2  H  N N 85  
CYS HB3  H  N N 86  
CYS HG   H  N N 87  
CYS HXT  H  N N 88  
GLN N    N  N N 89  
GLN CA   C  N S 90  
GLN C    C  N N 91  
GLN O    O  N N 92  
GLN CB   C  N N 93  
GLN CG   C  N N 94  
GLN CD   C  N N 95  
GLN OE1  O  N N 96  
GLN NE2  N  N N 97  
GLN OXT  O  N N 98  
GLN H    H  N N 99  
GLN H2   H  N N 100 
GLN HA   H  N N 101 
GLN HB2  H  N N 102 
GLN HB3  H  N N 103 
GLN HG2  H  N N 104 
GLN HG3  H  N N 105 
GLN HE21 H  N N 106 
GLN HE22 H  N N 107 
GLN HXT  H  N N 108 
GLU N    N  N N 109 
GLU CA   C  N S 110 
GLU C    C  N N 111 
GLU O    O  N N 112 
GLU CB   C  N N 113 
GLU CG   C  N N 114 
GLU CD   C  N N 115 
GLU OE1  O  N N 116 
GLU OE2  O  N N 117 
GLU OXT  O  N N 118 
GLU H    H  N N 119 
GLU H2   H  N N 120 
GLU HA   H  N N 121 
GLU HB2  H  N N 122 
GLU HB3  H  N N 123 
GLU HG2  H  N N 124 
GLU HG3  H  N N 125 
GLU HE2  H  N N 126 
GLU HXT  H  N N 127 
GLY N    N  N N 128 
GLY CA   C  N N 129 
GLY C    C  N N 130 
GLY O    O  N N 131 
GLY OXT  O  N N 132 
GLY H    H  N N 133 
GLY H2   H  N N 134 
GLY HA2  H  N N 135 
GLY HA3  H  N N 136 
GLY HXT  H  N N 137 
HIS N    N  N N 138 
HIS CA   C  N S 139 
HIS C    C  N N 140 
HIS O    O  N N 141 
HIS CB   C  N N 142 
HIS CG   C  Y N 143 
HIS ND1  N  Y N 144 
HIS CD2  C  Y N 145 
HIS CE1  C  Y N 146 
HIS NE2  N  Y N 147 
HIS OXT  O  N N 148 
HIS H    H  N N 149 
HIS H2   H  N N 150 
HIS HA   H  N N 151 
HIS HB2  H  N N 152 
HIS HB3  H  N N 153 
HIS HD1  H  N N 154 
HIS HD2  H  N N 155 
HIS HE1  H  N N 156 
HIS HE2  H  N N 157 
HIS HXT  H  N N 158 
HOH O    O  N N 159 
HOH H1   H  N N 160 
HOH H2   H  N N 161 
ILE N    N  N N 162 
ILE CA   C  N S 163 
ILE C    C  N N 164 
ILE O    O  N N 165 
ILE CB   C  N S 166 
ILE CG1  C  N N 167 
ILE CG2  C  N N 168 
ILE CD1  C  N N 169 
ILE OXT  O  N N 170 
ILE H    H  N N 171 
ILE H2   H  N N 172 
ILE HA   H  N N 173 
ILE HB   H  N N 174 
ILE HG12 H  N N 175 
ILE HG13 H  N N 176 
ILE HG21 H  N N 177 
ILE HG22 H  N N 178 
ILE HG23 H  N N 179 
ILE HD11 H  N N 180 
ILE HD12 H  N N 181 
ILE HD13 H  N N 182 
ILE HXT  H  N N 183 
LEU N    N  N N 184 
LEU CA   C  N S 185 
LEU C    C  N N 186 
LEU O    O  N N 187 
LEU CB   C  N N 188 
LEU CG   C  N N 189 
LEU CD1  C  N N 190 
LEU CD2  C  N N 191 
LEU OXT  O  N N 192 
LEU H    H  N N 193 
LEU H2   H  N N 194 
LEU HA   H  N N 195 
LEU HB2  H  N N 196 
LEU HB3  H  N N 197 
LEU HG   H  N N 198 
LEU HD11 H  N N 199 
LEU HD12 H  N N 200 
LEU HD13 H  N N 201 
LEU HD21 H  N N 202 
LEU HD22 H  N N 203 
LEU HD23 H  N N 204 
LEU HXT  H  N N 205 
LYS N    N  N N 206 
LYS CA   C  N S 207 
LYS C    C  N N 208 
LYS O    O  N N 209 
LYS CB   C  N N 210 
LYS CG   C  N N 211 
LYS CD   C  N N 212 
LYS CE   C  N N 213 
LYS NZ   N  N N 214 
LYS OXT  O  N N 215 
LYS H    H  N N 216 
LYS H2   H  N N 217 
LYS HA   H  N N 218 
LYS HB2  H  N N 219 
LYS HB3  H  N N 220 
LYS HG2  H  N N 221 
LYS HG3  H  N N 222 
LYS HD2  H  N N 223 
LYS HD3  H  N N 224 
LYS HE2  H  N N 225 
LYS HE3  H  N N 226 
LYS HZ1  H  N N 227 
LYS HZ2  H  N N 228 
LYS HZ3  H  N N 229 
LYS HXT  H  N N 230 
MET N    N  N N 231 
MET CA   C  N S 232 
MET C    C  N N 233 
MET O    O  N N 234 
MET CB   C  N N 235 
MET CG   C  N N 236 
MET SD   S  N N 237 
MET CE   C  N N 238 
MET OXT  O  N N 239 
MET H    H  N N 240 
MET H2   H  N N 241 
MET HA   H  N N 242 
MET HB2  H  N N 243 
MET HB3  H  N N 244 
MET HG2  H  N N 245 
MET HG3  H  N N 246 
MET HE1  H  N N 247 
MET HE2  H  N N 248 
MET HE3  H  N N 249 
MET HXT  H  N N 250 
PHE N    N  N N 251 
PHE CA   C  N S 252 
PHE C    C  N N 253 
PHE O    O  N N 254 
PHE CB   C  N N 255 
PHE CG   C  Y N 256 
PHE CD1  C  Y N 257 
PHE CD2  C  Y N 258 
PHE CE1  C  Y N 259 
PHE CE2  C  Y N 260 
PHE CZ   C  Y N 261 
PHE OXT  O  N N 262 
PHE H    H  N N 263 
PHE H2   H  N N 264 
PHE HA   H  N N 265 
PHE HB2  H  N N 266 
PHE HB3  H  N N 267 
PHE HD1  H  N N 268 
PHE HD2  H  N N 269 
PHE HE1  H  N N 270 
PHE HE2  H  N N 271 
PHE HZ   H  N N 272 
PHE HXT  H  N N 273 
PRO N    N  N N 274 
PRO CA   C  N S 275 
PRO C    C  N N 276 
PRO O    O  N N 277 
PRO CB   C  N N 278 
PRO CG   C  N N 279 
PRO CD   C  N N 280 
PRO OXT  O  N N 281 
PRO H    H  N N 282 
PRO HA   H  N N 283 
PRO HB2  H  N N 284 
PRO HB3  H  N N 285 
PRO HG2  H  N N 286 
PRO HG3  H  N N 287 
PRO HD2  H  N N 288 
PRO HD3  H  N N 289 
PRO HXT  H  N N 290 
SER N    N  N N 291 
SER CA   C  N S 292 
SER C    C  N N 293 
SER O    O  N N 294 
SER CB   C  N N 295 
SER OG   O  N N 296 
SER OXT  O  N N 297 
SER H    H  N N 298 
SER H2   H  N N 299 
SER HA   H  N N 300 
SER HB2  H  N N 301 
SER HB3  H  N N 302 
SER HG   H  N N 303 
SER HXT  H  N N 304 
THR N    N  N N 305 
THR CA   C  N S 306 
THR C    C  N N 307 
THR O    O  N N 308 
THR CB   C  N R 309 
THR OG1  O  N N 310 
THR CG2  C  N N 311 
THR OXT  O  N N 312 
THR H    H  N N 313 
THR H2   H  N N 314 
THR HA   H  N N 315 
THR HB   H  N N 316 
THR HG1  H  N N 317 
THR HG21 H  N N 318 
THR HG22 H  N N 319 
THR HG23 H  N N 320 
THR HXT  H  N N 321 
TYR N    N  N N 322 
TYR CA   C  N S 323 
TYR C    C  N N 324 
TYR O    O  N N 325 
TYR CB   C  N N 326 
TYR CG   C  Y N 327 
TYR CD1  C  Y N 328 
TYR CD2  C  Y N 329 
TYR CE1  C  Y N 330 
TYR CE2  C  Y N 331 
TYR CZ   C  Y N 332 
TYR OH   O  N N 333 
TYR OXT  O  N N 334 
TYR H    H  N N 335 
TYR H2   H  N N 336 
TYR HA   H  N N 337 
TYR HB2  H  N N 338 
TYR HB3  H  N N 339 
TYR HD1  H  N N 340 
TYR HD2  H  N N 341 
TYR HE1  H  N N 342 
TYR HE2  H  N N 343 
TYR HH   H  N N 344 
TYR HXT  H  N N 345 
VAL N    N  N N 346 
VAL CA   C  N S 347 
VAL C    C  N N 348 
VAL O    O  N N 349 
VAL CB   C  N N 350 
VAL CG1  C  N N 351 
VAL CG2  C  N N 352 
VAL OXT  O  N N 353 
VAL H    H  N N 354 
VAL H2   H  N N 355 
VAL HA   H  N N 356 
VAL HB   H  N N 357 
VAL HG11 H  N N 358 
VAL HG12 H  N N 359 
VAL HG13 H  N N 360 
VAL HG21 H  N N 361 
VAL HG22 H  N N 362 
VAL HG23 H  N N 363 
VAL HXT  H  N N 364 
# 
loop_
_chem_comp_bond.comp_id 
_chem_comp_bond.atom_id_1 
_chem_comp_bond.atom_id_2 
_chem_comp_bond.value_order 
_chem_comp_bond.pdbx_aromatic_flag 
_chem_comp_bond.pdbx_stereo_config 
_chem_comp_bond.pdbx_ordinal 
ALA N   CA   sing N N 1   
ALA N   H    sing N N 2   
ALA N   H2   sing N N 3   
ALA CA  C    sing N N 4   
ALA CA  CB   sing N N 5   
ALA CA  HA   sing N N 6   
ALA C   O    doub N N 7   
ALA C   OXT  sing N N 8   
ALA CB  HB1  sing N N 9   
ALA CB  HB2  sing N N 10  
ALA CB  HB3  sing N N 11  
ALA OXT HXT  sing N N 12  
ARG N   CA   sing N N 13  
ARG N   H    sing N N 14  
ARG N   H2   sing N N 15  
ARG CA  C    sing N N 16  
ARG CA  CB   sing N N 17  
ARG CA  HA   sing N N 18  
ARG C   O    doub N N 19  
ARG C   OXT  sing N N 20  
ARG CB  CG   sing N N 21  
ARG CB  HB2  sing N N 22  
ARG CB  HB3  sing N N 23  
ARG CG  CD   sing N N 24  
ARG CG  HG2  sing N N 25  
ARG CG  HG3  sing N N 26  
ARG CD  NE   sing N N 27  
ARG CD  HD2  sing N N 28  
ARG CD  HD3  sing N N 29  
ARG NE  CZ   sing N N 30  
ARG NE  HE   sing N N 31  
ARG CZ  NH1  sing N N 32  
ARG CZ  NH2  doub N N 33  
ARG NH1 HH11 sing N N 34  
ARG NH1 HH12 sing N N 35  
ARG NH2 HH21 sing N N 36  
ARG NH2 HH22 sing N N 37  
ARG OXT HXT  sing N N 38  
ASN N   CA   sing N N 39  
ASN N   H    sing N N 40  
ASN N   H2   sing N N 41  
ASN CA  C    sing N N 42  
ASN CA  CB   sing N N 43  
ASN CA  HA   sing N N 44  
ASN C   O    doub N N 45  
ASN C   OXT  sing N N 46  
ASN CB  CG   sing N N 47  
ASN CB  HB2  sing N N 48  
ASN CB  HB3  sing N N 49  
ASN CG  OD1  doub N N 50  
ASN CG  ND2  sing N N 51  
ASN ND2 HD21 sing N N 52  
ASN ND2 HD22 sing N N 53  
ASN OXT HXT  sing N N 54  
ASP N   CA   sing N N 55  
ASP N   H    sing N N 56  
ASP N   H2   sing N N 57  
ASP CA  C    sing N N 58  
ASP CA  CB   sing N N 59  
ASP CA  HA   sing N N 60  
ASP C   O    doub N N 61  
ASP C   OXT  sing N N 62  
ASP CB  CG   sing N N 63  
ASP CB  HB2  sing N N 64  
ASP CB  HB3  sing N N 65  
ASP CG  OD1  doub N N 66  
ASP CG  OD2  sing N N 67  
ASP OD2 HD2  sing N N 68  
ASP OXT HXT  sing N N 69  
CYS N   CA   sing N N 70  
CYS N   H    sing N N 71  
CYS N   H2   sing N N 72  
CYS CA  C    sing N N 73  
CYS CA  CB   sing N N 74  
CYS CA  HA   sing N N 75  
CYS C   O    doub N N 76  
CYS C   OXT  sing N N 77  
CYS CB  SG   sing N N 78  
CYS CB  HB2  sing N N 79  
CYS CB  HB3  sing N N 80  
CYS SG  HG   sing N N 81  
CYS OXT HXT  sing N N 82  
GLN N   CA   sing N N 83  
GLN N   H    sing N N 84  
GLN N   H2   sing N N 85  
GLN CA  C    sing N N 86  
GLN CA  CB   sing N N 87  
GLN CA  HA   sing N N 88  
GLN C   O    doub N N 89  
GLN C   OXT  sing N N 90  
GLN CB  CG   sing N N 91  
GLN CB  HB2  sing N N 92  
GLN CB  HB3  sing N N 93  
GLN CG  CD   sing N N 94  
GLN CG  HG2  sing N N 95  
GLN CG  HG3  sing N N 96  
GLN CD  OE1  doub N N 97  
GLN CD  NE2  sing N N 98  
GLN NE2 HE21 sing N N 99  
GLN NE2 HE22 sing N N 100 
GLN OXT HXT  sing N N 101 
GLU N   CA   sing N N 102 
GLU N   H    sing N N 103 
GLU N   H2   sing N N 104 
GLU CA  C    sing N N 105 
GLU CA  CB   sing N N 106 
GLU CA  HA   sing N N 107 
GLU C   O    doub N N 108 
GLU C   OXT  sing N N 109 
GLU CB  CG   sing N N 110 
GLU CB  HB2  sing N N 111 
GLU CB  HB3  sing N N 112 
GLU CG  CD   sing N N 113 
GLU CG  HG2  sing N N 114 
GLU CG  HG3  sing N N 115 
GLU CD  OE1  doub N N 116 
GLU CD  OE2  sing N N 117 
GLU OE2 HE2  sing N N 118 
GLU OXT HXT  sing N N 119 
GLY N   CA   sing N N 120 
GLY N   H    sing N N 121 
GLY N   H2   sing N N 122 
GLY CA  C    sing N N 123 
GLY CA  HA2  sing N N 124 
GLY CA  HA3  sing N N 125 
GLY C   O    doub N N 126 
GLY C   OXT  sing N N 127 
GLY OXT HXT  sing N N 128 
HIS N   CA   sing N N 129 
HIS N   H    sing N N 130 
HIS N   H2   sing N N 131 
HIS CA  C    sing N N 132 
HIS CA  CB   sing N N 133 
HIS CA  HA   sing N N 134 
HIS C   O    doub N N 135 
HIS C   OXT  sing N N 136 
HIS CB  CG   sing N N 137 
HIS CB  HB2  sing N N 138 
HIS CB  HB3  sing N N 139 
HIS CG  ND1  sing Y N 140 
HIS CG  CD2  doub Y N 141 
HIS ND1 CE1  doub Y N 142 
HIS ND1 HD1  sing N N 143 
HIS CD2 NE2  sing Y N 144 
HIS CD2 HD2  sing N N 145 
HIS CE1 NE2  sing Y N 146 
HIS CE1 HE1  sing N N 147 
HIS NE2 HE2  sing N N 148 
HIS OXT HXT  sing N N 149 
HOH O   H1   sing N N 150 
HOH O   H2   sing N N 151 
ILE N   CA   sing N N 152 
ILE N   H    sing N N 153 
ILE N   H2   sing N N 154 
ILE CA  C    sing N N 155 
ILE CA  CB   sing N N 156 
ILE CA  HA   sing N N 157 
ILE C   O    doub N N 158 
ILE C   OXT  sing N N 159 
ILE CB  CG1  sing N N 160 
ILE CB  CG2  sing N N 161 
ILE CB  HB   sing N N 162 
ILE CG1 CD1  sing N N 163 
ILE CG1 HG12 sing N N 164 
ILE CG1 HG13 sing N N 165 
ILE CG2 HG21 sing N N 166 
ILE CG2 HG22 sing N N 167 
ILE CG2 HG23 sing N N 168 
ILE CD1 HD11 sing N N 169 
ILE CD1 HD12 sing N N 170 
ILE CD1 HD13 sing N N 171 
ILE OXT HXT  sing N N 172 
LEU N   CA   sing N N 173 
LEU N   H    sing N N 174 
LEU N   H2   sing N N 175 
LEU CA  C    sing N N 176 
LEU CA  CB   sing N N 177 
LEU CA  HA   sing N N 178 
LEU C   O    doub N N 179 
LEU C   OXT  sing N N 180 
LEU CB  CG   sing N N 181 
LEU CB  HB2  sing N N 182 
LEU CB  HB3  sing N N 183 
LEU CG  CD1  sing N N 184 
LEU CG  CD2  sing N N 185 
LEU CG  HG   sing N N 186 
LEU CD1 HD11 sing N N 187 
LEU CD1 HD12 sing N N 188 
LEU CD1 HD13 sing N N 189 
LEU CD2 HD21 sing N N 190 
LEU CD2 HD22 sing N N 191 
LEU CD2 HD23 sing N N 192 
LEU OXT HXT  sing N N 193 
LYS N   CA   sing N N 194 
LYS N   H    sing N N 195 
LYS N   H2   sing N N 196 
LYS CA  C    sing N N 197 
LYS CA  CB   sing N N 198 
LYS CA  HA   sing N N 199 
LYS C   O    doub N N 200 
LYS C   OXT  sing N N 201 
LYS CB  CG   sing N N 202 
LYS CB  HB2  sing N N 203 
LYS CB  HB3  sing N N 204 
LYS CG  CD   sing N N 205 
LYS CG  HG2  sing N N 206 
LYS CG  HG3  sing N N 207 
LYS CD  CE   sing N N 208 
LYS CD  HD2  sing N N 209 
LYS CD  HD3  sing N N 210 
LYS CE  NZ   sing N N 211 
LYS CE  HE2  sing N N 212 
LYS CE  HE3  sing N N 213 
LYS NZ  HZ1  sing N N 214 
LYS NZ  HZ2  sing N N 215 
LYS NZ  HZ3  sing N N 216 
LYS OXT HXT  sing N N 217 
MET N   CA   sing N N 218 
MET N   H    sing N N 219 
MET N   H2   sing N N 220 
MET CA  C    sing N N 221 
MET CA  CB   sing N N 222 
MET CA  HA   sing N N 223 
MET C   O    doub N N 224 
MET C   OXT  sing N N 225 
MET CB  CG   sing N N 226 
MET CB  HB2  sing N N 227 
MET CB  HB3  sing N N 228 
MET CG  SD   sing N N 229 
MET CG  HG2  sing N N 230 
MET CG  HG3  sing N N 231 
MET SD  CE   sing N N 232 
MET CE  HE1  sing N N 233 
MET CE  HE2  sing N N 234 
MET CE  HE3  sing N N 235 
MET OXT HXT  sing N N 236 
PHE N   CA   sing N N 237 
PHE N   H    sing N N 238 
PHE N   H2   sing N N 239 
PHE CA  C    sing N N 240 
PHE CA  CB   sing N N 241 
PHE CA  HA   sing N N 242 
PHE C   O    doub N N 243 
PHE C   OXT  sing N N 244 
PHE CB  CG   sing N N 245 
PHE CB  HB2  sing N N 246 
PHE CB  HB3  sing N N 247 
PHE CG  CD1  doub Y N 248 
PHE CG  CD2  sing Y N 249 
PHE CD1 CE1  sing Y N 250 
PHE CD1 HD1  sing N N 251 
PHE CD2 CE2  doub Y N 252 
PHE CD2 HD2  sing N N 253 
PHE CE1 CZ   doub Y N 254 
PHE CE1 HE1  sing N N 255 
PHE CE2 CZ   sing Y N 256 
PHE CE2 HE2  sing N N 257 
PHE CZ  HZ   sing N N 258 
PHE OXT HXT  sing N N 259 
PRO N   CA   sing N N 260 
PRO N   CD   sing N N 261 
PRO N   H    sing N N 262 
PRO CA  C    sing N N 263 
PRO CA  CB   sing N N 264 
PRO CA  HA   sing N N 265 
PRO C   O    doub N N 266 
PRO C   OXT  sing N N 267 
PRO CB  CG   sing N N 268 
PRO CB  HB2  sing N N 269 
PRO CB  HB3  sing N N 270 
PRO CG  CD   sing N N 271 
PRO CG  HG2  sing N N 272 
PRO CG  HG3  sing N N 273 
PRO CD  HD2  sing N N 274 
PRO CD  HD3  sing N N 275 
PRO OXT HXT  sing N N 276 
SER N   CA   sing N N 277 
SER N   H    sing N N 278 
SER N   H2   sing N N 279 
SER CA  C    sing N N 280 
SER CA  CB   sing N N 281 
SER CA  HA   sing N N 282 
SER C   O    doub N N 283 
SER C   OXT  sing N N 284 
SER CB  OG   sing N N 285 
SER CB  HB2  sing N N 286 
SER CB  HB3  sing N N 287 
SER OG  HG   sing N N 288 
SER OXT HXT  sing N N 289 
THR N   CA   sing N N 290 
THR N   H    sing N N 291 
THR N   H2   sing N N 292 
THR CA  C    sing N N 293 
THR CA  CB   sing N N 294 
THR CA  HA   sing N N 295 
THR C   O    doub N N 296 
THR C   OXT  sing N N 297 
THR CB  OG1  sing N N 298 
THR CB  CG2  sing N N 299 
THR CB  HB   sing N N 300 
THR OG1 HG1  sing N N 301 
THR CG2 HG21 sing N N 302 
THR CG2 HG22 sing N N 303 
THR CG2 HG23 sing N N 304 
THR OXT HXT  sing N N 305 
TYR N   CA   sing N N 306 
TYR N   H    sing N N 307 
TYR N   H2   sing N N 308 
TYR CA  C    sing N N 309 
TYR CA  CB   sing N N 310 
TYR CA  HA   sing N N 311 
TYR C   O    doub N N 312 
TYR C   OXT  sing N N 313 
TYR CB  CG   sing N N 314 
TYR CB  HB2  sing N N 315 
TYR CB  HB3  sing N N 316 
TYR CG  CD1  doub Y N 317 
TYR CG  CD2  sing Y N 318 
TYR CD1 CE1  sing Y N 319 
TYR CD1 HD1  sing N N 320 
TYR CD2 CE2  doub Y N 321 
TYR CD2 HD2  sing N N 322 
TYR CE1 CZ   doub Y N 323 
TYR CE1 HE1  sing N N 324 
TYR CE2 CZ   sing Y N 325 
TYR CE2 HE2  sing N N 326 
TYR CZ  OH   sing N N 327 
TYR OH  HH   sing N N 328 
TYR OXT HXT  sing N N 329 
VAL N   CA   sing N N 330 
VAL N   H    sing N N 331 
VAL N   H2   sing N N 332 
VAL CA  C    sing N N 333 
VAL CA  CB   sing N N 334 
VAL CA  HA   sing N N 335 
VAL C   O    doub N N 336 
VAL C   OXT  sing N N 337 
VAL CB  CG1  sing N N 338 
VAL CB  CG2  sing N N 339 
VAL CB  HB   sing N N 340 
VAL CG1 HG11 sing N N 341 
VAL CG1 HG12 sing N N 342 
VAL CG1 HG13 sing N N 343 
VAL CG2 HG21 sing N N 344 
VAL CG2 HG22 sing N N 345 
VAL CG2 HG23 sing N N 346 
VAL OXT HXT  sing N N 347 
# 
loop_
_pdbx_entity_nonpoly.entity_id 
_pdbx_entity_nonpoly.name 
_pdbx_entity_nonpoly.comp_id 
2 'COBALT (II) ION' CO  
3 water             HOH 
# 
_pdbx_initial_refinement_model.id               1 
_pdbx_initial_refinement_model.entity_id_list   ? 
_pdbx_initial_refinement_model.type             'experimental model' 
_pdbx_initial_refinement_model.source_name      PDB 
_pdbx_initial_refinement_model.accession_code   1IX1 
_pdbx_initial_refinement_model.details          ? 
# 
